data_7ZB3
#
_entry.id   7ZB3
#
_cell.length_a   178.530
_cell.length_b   98.720
_cell.length_c   100.700
_cell.angle_alpha   90.000
_cell.angle_beta   90.000
_cell.angle_gamma   90.000
#
_symmetry.space_group_name_H-M   'P 21 21 2'
#
loop_
_entity.id
_entity.type
_entity.pdbx_description
1 polymer Beta-xylosidase
2 non-polymer (4S)-2-METHYL-2,4-PENTANEDIOL
3 non-polymer 'D-Xylose, 4-O-beta-D-xylopyranosyl-'
4 water water
#
_entity_poly.entity_id   1
_entity_poly.type   'polypeptide(L)'
_entity_poly.pdbx_seq_one_letter_code
;MELYRDPSQPIEVRVRDLLSRMTLEEKVAQLGSVWGYELIDERGKFSREKAKELLKNGIGQITRPGGSTNLEPQEAAELV
NEIQRFLVEETRLGIPAMIHEECLTGYMGLGGTNFPQAIAMASTWDPDLIEKMTTAVREDMRKIGAHQGLAPVLDVARDP
RWGRTEETFGESPYLVARMGVSYVKGLQGEDIKKGVVATVKHFAGYSASEGGKNWAPTNIPEREFKEVFLFPFEAAVKEA
NVLSVMNSYSEIDGVPCAANRKLLTDILRKDWGFEGIVVSDYFAVKVLEDYHRIARDKSEAARLALEAGIDVELPKTECY
QYLKDLVEKGIISEALIDEAVTRVLRLKFMLGLFENPYVEVEKAKIESHRDIALEIARKSIILLKNDGILPLQKNKKVAL
IGPNAGEVRNLLGDYMYLAHIRALLDNIDDVFGNPQIPRENYERLKKSIEEHMKSIPSVLDAFKEEGIEFEYAKGCEVTG
EDRSGFEEAIEIAKKSDVAIVVVGDKSGLTLDCTTGESRDMANLKLPGVQEELVLEVAKTGKPVVLVLITGRPYSLKNVV
DKVNAILQVWLPGEAGGRAIVDIIYGKVNPSGKLPISFPRSAGQIPVFHYVKPSGGRSHWHGDYVDESTKPLFPFGHGLS
YTKFEYSNLRIEPKEVPPAGEVVIKVDVENIGDRDGDEVVQLYIGREFASVTRPVKELKGFKRVSLKAKEKKTVVFRLHM
DVLAYYNRDMKLVVEPGEFKVMVGSSSEDIRLTGSFSVVGEKREVVGMRKFFTEACEEAAALEENLYFQGAHHHHHHHHH
H
;
_entity_poly.pdbx_strand_id   A,B
#
loop_
_chem_comp.id
_chem_comp.type
_chem_comp.name
_chem_comp.formula
IVG saccharide 'D-Xylose, 4-O-beta-D-xylopyranosyl-' 'C10 H18 O9'
MPD non-polymer (4S)-2-METHYL-2,4-PENTANEDIOL 'C6 H14 O2'
#
# COMPACT_ATOMS: atom_id res chain seq x y z
N MET A 1 -22.04 54.81 13.41
CA MET A 1 -21.94 53.42 13.00
C MET A 1 -20.55 53.16 12.43
N GLU A 2 -19.81 52.25 13.07
CA GLU A 2 -18.48 51.80 12.60
C GLU A 2 -18.65 51.22 11.19
N LEU A 3 -17.63 51.32 10.34
CA LEU A 3 -17.72 50.77 8.96
C LEU A 3 -18.07 49.28 9.02
N TYR A 4 -17.54 48.50 9.96
CA TYR A 4 -17.79 47.04 9.94
C TYR A 4 -19.27 46.75 10.15
N ARG A 5 -20.01 47.64 10.77
CA ARG A 5 -21.44 47.40 11.08
C ARG A 5 -22.31 47.78 9.89
N ASP A 6 -21.72 48.42 8.88
CA ASP A 6 -22.49 49.10 7.82
C ASP A 6 -22.60 48.20 6.62
N PRO A 7 -23.81 47.62 6.36
CA PRO A 7 -23.98 46.72 5.22
C PRO A 7 -23.90 47.41 3.85
N SER A 8 -23.80 48.73 3.80
CA SER A 8 -23.57 49.43 2.52
C SER A 8 -22.08 49.37 2.16
N GLN A 9 -21.20 48.95 3.09
CA GLN A 9 -19.75 48.92 2.78
C GLN A 9 -19.42 47.58 2.16
N PRO A 10 -18.44 47.51 1.24
CA PRO A 10 -18.04 46.24 0.66
C PRO A 10 -17.47 45.35 1.76
N ILE A 11 -17.54 44.05 1.53
CA ILE A 11 -17.09 43.06 2.55
C ILE A 11 -15.64 43.38 2.94
N GLU A 12 -14.75 43.64 1.99
CA GLU A 12 -13.31 43.77 2.35
C GLU A 12 -13.15 44.99 3.25
N VAL A 13 -13.92 46.04 3.04
CA VAL A 13 -13.86 47.28 3.88
C VAL A 13 -14.31 46.94 5.29
N ARG A 14 -15.39 46.16 5.44
CA ARG A 14 -15.90 45.79 6.78
C ARG A 14 -14.89 44.90 7.52
N VAL A 15 -14.28 43.95 6.81
CA VAL A 15 -13.26 43.03 7.39
C VAL A 15 -12.08 43.86 7.90
N ARG A 16 -11.55 44.76 7.06
CA ARG A 16 -10.35 45.54 7.43
C ARG A 16 -10.68 46.43 8.62
N ASP A 17 -11.87 47.04 8.61
CA ASP A 17 -12.27 47.95 9.71
C ASP A 17 -12.37 47.13 11.00
N LEU A 18 -13.06 45.98 10.96
CA LEU A 18 -13.22 45.15 12.18
C LEU A 18 -11.85 44.69 12.68
N LEU A 19 -11.01 44.17 11.79
CA LEU A 19 -9.69 43.64 12.22
C LEU A 19 -8.90 44.76 12.90
N SER A 20 -8.96 45.98 12.37
CA SER A 20 -8.24 47.15 12.95
C SER A 20 -8.72 47.46 14.36
N ARG A 21 -9.92 47.06 14.77
CA ARG A 21 -10.51 47.40 16.08
C ARG A 21 -10.22 46.32 17.11
N MET A 22 -9.70 45.16 16.68
CA MET A 22 -9.67 43.97 17.56
C MET A 22 -8.38 43.94 18.37
N THR A 23 -8.49 43.55 19.62
CA THR A 23 -7.34 43.18 20.46
C THR A 23 -6.80 41.82 20.01
N LEU A 24 -5.55 41.53 20.36
CA LEU A 24 -4.94 40.21 20.09
C LEU A 24 -5.82 39.10 20.68
N GLU A 25 -6.33 39.29 21.89
CA GLU A 25 -7.19 38.29 22.56
C GLU A 25 -8.45 38.06 21.71
N GLU A 26 -9.08 39.11 21.23
CA GLU A 26 -10.30 39.03 20.40
C GLU A 26 -9.99 38.32 19.06
N LYS A 27 -8.82 38.59 18.49
CA LYS A 27 -8.39 37.94 17.22
C LYS A 27 -8.28 36.44 17.46
N VAL A 28 -7.54 36.04 18.48
CA VAL A 28 -7.27 34.61 18.74
C VAL A 28 -8.60 33.91 19.05
N ALA A 29 -9.53 34.58 19.73
CA ALA A 29 -10.84 33.96 20.02
C ALA A 29 -11.60 33.60 18.74
N GLN A 30 -11.43 34.36 17.66
CA GLN A 30 -12.12 34.09 16.37
C GLN A 30 -11.56 32.81 15.76
N LEU A 31 -10.43 32.31 16.24
CA LEU A 31 -9.81 31.10 15.62
C LEU A 31 -10.13 29.87 16.43
N GLY A 32 -11.04 29.97 17.41
CA GLY A 32 -11.38 28.83 18.27
C GLY A 32 -12.87 28.52 18.28
N SER A 33 -13.24 27.68 19.21
CA SER A 33 -14.58 27.06 19.21
C SER A 33 -14.95 26.63 20.63
N VAL A 34 -16.23 26.35 20.80
CA VAL A 34 -16.80 25.82 22.05
C VAL A 34 -17.86 24.78 21.68
N TRP A 35 -17.99 23.71 22.45
CA TRP A 35 -19.06 22.72 22.21
C TRP A 35 -20.43 23.32 22.57
N GLY A 36 -21.46 23.04 21.78
CA GLY A 36 -22.83 23.43 22.15
C GLY A 36 -23.15 22.96 23.57
N TYR A 37 -22.77 21.75 23.96
CA TYR A 37 -23.17 21.21 25.30
C TYR A 37 -22.50 21.98 26.45
N GLU A 38 -21.44 22.76 26.20
CA GLU A 38 -20.76 23.54 27.24
C GLU A 38 -21.55 24.81 27.60
N LEU A 39 -22.59 25.16 26.83
CA LEU A 39 -23.32 26.43 26.93
C LEU A 39 -24.75 26.19 27.42
N ILE A 40 -25.06 24.98 27.87
CA ILE A 40 -26.46 24.65 28.31
C ILE A 40 -26.45 24.23 29.79
N ASP A 41 -27.58 24.48 30.45
CA ASP A 41 -27.84 23.98 31.83
C ASP A 41 -28.36 22.54 31.73
N GLU A 42 -28.73 21.95 32.88
CA GLU A 42 -29.28 20.58 33.05
C GLU A 42 -30.58 20.41 32.25
N ARG A 43 -31.29 21.49 31.90
CA ARG A 43 -32.58 21.39 31.18
C ARG A 43 -32.43 21.71 29.69
N GLY A 44 -31.20 21.79 29.18
CA GLY A 44 -30.93 22.07 27.75
C GLY A 44 -31.17 23.51 27.37
N LYS A 45 -31.16 24.44 28.33
CA LYS A 45 -31.34 25.89 28.05
C LYS A 45 -29.99 26.59 28.05
N PHE A 46 -29.85 27.61 27.23
CA PHE A 46 -28.65 28.48 27.23
C PHE A 46 -28.34 28.91 28.66
N SER A 47 -27.09 28.77 29.09
CA SER A 47 -26.60 29.18 30.42
C SER A 47 -25.74 30.43 30.27
N ARG A 48 -26.27 31.59 30.67
CA ARG A 48 -25.48 32.85 30.70
C ARG A 48 -24.23 32.68 31.56
N GLU A 49 -24.31 31.95 32.69
CA GLU A 49 -23.15 31.73 33.59
C GLU A 49 -22.01 31.07 32.80
N LYS A 50 -22.31 30.06 31.99
CA LYS A 50 -21.26 29.34 31.21
C LYS A 50 -20.76 30.21 30.06
N ALA A 51 -21.65 30.96 29.41
CA ALA A 51 -21.29 31.88 28.32
C ALA A 51 -20.34 32.98 28.82
N LYS A 52 -20.53 33.47 30.05
CA LYS A 52 -19.71 34.60 30.55
C LYS A 52 -18.23 34.16 30.54
N GLU A 53 -17.92 32.91 30.84
CA GLU A 53 -16.53 32.41 30.90
C GLU A 53 -16.07 32.12 29.46
N LEU A 54 -16.87 31.41 28.68
CA LEU A 54 -16.42 30.83 27.37
C LEU A 54 -16.52 31.83 26.22
N LEU A 55 -17.49 32.73 26.24
CA LEU A 55 -17.80 33.61 25.08
C LEU A 55 -17.40 35.06 25.34
N LYS A 56 -16.78 35.39 26.47
CA LYS A 56 -16.63 36.81 26.88
C LYS A 56 -15.85 37.61 25.83
N ASN A 57 -14.90 36.98 25.12
CA ASN A 57 -14.06 37.68 24.11
C ASN A 57 -14.51 37.30 22.68
N GLY A 58 -15.69 36.74 22.54
CA GLY A 58 -16.17 36.29 21.23
C GLY A 58 -15.70 34.88 20.95
N ILE A 59 -16.09 34.35 19.82
CA ILE A 59 -15.74 32.94 19.48
C ILE A 59 -15.79 32.80 17.97
N GLY A 60 -14.95 31.92 17.45
CA GLY A 60 -15.02 31.53 16.03
C GLY A 60 -16.30 30.74 15.79
N GLN A 61 -16.36 29.53 16.34
CA GLN A 61 -17.50 28.63 16.05
C GLN A 61 -18.10 28.03 17.31
N ILE A 62 -19.37 27.67 17.21
CA ILE A 62 -20.04 26.72 18.10
C ILE A 62 -20.07 25.36 17.42
N THR A 63 -19.55 24.35 18.08
CA THR A 63 -19.50 22.96 17.60
C THR A 63 -20.81 22.28 17.99
N ARG A 64 -21.62 21.95 16.99
CA ARG A 64 -22.75 21.00 17.10
C ARG A 64 -23.68 21.43 18.24
N PRO A 65 -24.24 22.65 18.19
CA PRO A 65 -25.26 23.00 19.18
C PRO A 65 -26.50 22.08 19.14
N GLY A 66 -26.84 21.52 17.98
CA GLY A 66 -27.85 20.45 17.84
C GLY A 66 -27.25 19.07 18.09
N GLY A 67 -26.18 18.72 17.38
CA GLY A 67 -25.62 17.36 17.43
C GLY A 67 -25.02 16.95 18.78
N SER A 68 -24.65 17.88 19.65
CA SER A 68 -23.93 17.54 20.89
C SER A 68 -24.82 17.75 22.12
N THR A 69 -26.09 18.13 21.93
CA THR A 69 -26.98 18.56 23.04
C THR A 69 -28.21 17.66 23.14
N ASN A 70 -28.45 16.79 22.18
CA ASN A 70 -29.68 15.98 22.06
C ASN A 70 -30.92 16.88 22.17
N LEU A 71 -30.85 18.10 21.62
CA LEU A 71 -32.02 19.01 21.56
C LEU A 71 -32.80 18.75 20.28
N GLU A 72 -34.12 18.88 20.35
CA GLU A 72 -35.02 18.89 19.18
C GLU A 72 -34.78 20.18 18.43
N PRO A 73 -35.15 20.25 17.13
CA PRO A 73 -34.79 21.42 16.34
C PRO A 73 -35.21 22.79 16.90
N GLN A 74 -36.43 22.91 17.44
CA GLN A 74 -36.84 24.25 17.96
C GLN A 74 -36.00 24.61 19.19
N GLU A 75 -35.67 23.63 20.04
N GLU A 75 -35.65 23.64 20.04
CA GLU A 75 -34.83 23.79 21.26
CA GLU A 75 -34.83 23.91 21.25
C GLU A 75 -33.41 24.20 20.82
C GLU A 75 -33.39 24.22 20.83
N ALA A 76 -32.89 23.56 19.78
CA ALA A 76 -31.54 23.88 19.24
C ALA A 76 -31.53 25.30 18.68
N ALA A 77 -32.56 25.69 17.91
CA ALA A 77 -32.68 27.03 17.34
C ALA A 77 -32.70 28.08 18.46
N GLU A 78 -33.43 27.79 19.55
CA GLU A 78 -33.52 28.73 20.68
C GLU A 78 -32.15 28.86 21.32
N LEU A 79 -31.45 27.74 21.56
CA LEU A 79 -30.07 27.77 22.08
C LEU A 79 -29.22 28.65 21.17
N VAL A 80 -29.25 28.39 19.86
CA VAL A 80 -28.36 29.13 18.93
C VAL A 80 -28.70 30.62 18.96
N ASN A 81 -29.97 30.98 18.94
CA ASN A 81 -30.36 32.40 19.05
C ASN A 81 -29.82 33.01 20.35
N GLU A 82 -29.88 32.32 21.50
CA GLU A 82 -29.42 32.91 22.79
CA GLU A 82 -29.42 32.89 22.80
C GLU A 82 -27.88 33.05 22.78
N ILE A 83 -27.18 32.10 22.16
CA ILE A 83 -25.71 32.25 22.01
C ILE A 83 -25.42 33.48 21.17
N GLN A 84 -26.08 33.60 20.02
CA GLN A 84 -25.84 34.74 19.10
C GLN A 84 -26.21 36.06 19.81
N ARG A 85 -27.29 36.09 20.57
N ARG A 85 -27.30 36.09 20.58
CA ARG A 85 -27.67 37.34 21.28
CA ARG A 85 -27.68 37.34 21.28
C ARG A 85 -26.58 37.71 22.30
C ARG A 85 -26.58 37.70 22.30
N PHE A 86 -26.05 36.72 23.03
CA PHE A 86 -24.97 36.98 24.01
C PHE A 86 -23.76 37.59 23.29
N LEU A 87 -23.36 36.97 22.17
CA LEU A 87 -22.20 37.50 21.39
C LEU A 87 -22.49 38.89 20.81
N VAL A 88 -23.68 39.08 20.22
CA VAL A 88 -24.04 40.36 19.57
C VAL A 88 -24.20 41.45 20.63
N GLU A 89 -24.74 41.15 21.80
CA GLU A 89 -25.15 42.21 22.77
C GLU A 89 -24.21 42.30 23.97
N GLU A 90 -23.48 41.25 24.33
CA GLU A 90 -22.69 41.25 25.58
C GLU A 90 -21.18 41.03 25.34
N THR A 91 -20.73 41.15 24.09
CA THR A 91 -19.28 41.25 23.83
C THR A 91 -18.99 42.65 23.28
N ARG A 92 -17.75 43.10 23.43
CA ARG A 92 -17.33 44.45 23.03
C ARG A 92 -17.65 44.69 21.55
N LEU A 93 -17.26 43.78 20.63
CA LEU A 93 -17.39 44.05 19.19
C LEU A 93 -18.64 43.43 18.57
N GLY A 94 -19.29 42.49 19.25
CA GLY A 94 -20.57 41.96 18.78
C GLY A 94 -20.43 41.05 17.58
N ILE A 95 -19.32 40.33 17.46
CA ILE A 95 -19.12 39.39 16.32
C ILE A 95 -19.93 38.13 16.59
N PRO A 96 -20.88 37.74 15.71
CA PRO A 96 -21.60 36.49 15.87
C PRO A 96 -20.72 35.26 15.64
N ALA A 97 -21.19 34.12 16.14
CA ALA A 97 -20.54 32.81 15.90
C ALA A 97 -20.97 32.27 14.53
N MET A 98 -20.10 31.48 13.90
CA MET A 98 -20.54 30.46 12.93
C MET A 98 -20.86 29.19 13.70
N ILE A 99 -21.95 28.54 13.35
CA ILE A 99 -22.36 27.25 13.91
C ILE A 99 -22.05 26.18 12.88
N HIS A 100 -21.41 25.11 13.29
CA HIS A 100 -21.31 23.94 12.39
C HIS A 100 -22.06 22.74 12.99
N GLU A 101 -22.45 21.83 12.12
CA GLU A 101 -23.01 20.51 12.48
C GLU A 101 -22.40 19.46 11.54
N GLU A 102 -22.47 18.19 11.91
CA GLU A 102 -22.27 17.11 10.91
C GLU A 102 -23.52 17.07 10.04
N CYS A 103 -23.37 16.78 8.74
CA CYS A 103 -24.55 16.66 7.87
C CYS A 103 -24.36 15.69 6.72
N LEU A 104 -23.33 14.84 6.76
CA LEU A 104 -23.01 13.97 5.62
C LEU A 104 -24.29 13.30 5.07
N THR A 105 -25.03 12.63 5.96
CA THR A 105 -26.24 11.86 5.58
C THR A 105 -27.48 12.65 6.04
N GLY A 106 -27.42 13.98 5.98
CA GLY A 106 -28.42 14.88 6.60
C GLY A 106 -27.94 15.42 7.92
N TYR A 107 -28.48 16.56 8.32
CA TYR A 107 -28.17 17.15 9.63
C TYR A 107 -28.17 16.06 10.70
N MET A 108 -27.06 15.95 11.44
CA MET A 108 -26.84 14.91 12.45
C MET A 108 -27.32 15.46 13.79
N GLY A 109 -28.64 15.37 13.98
CA GLY A 109 -29.30 15.82 15.20
C GLY A 109 -30.70 15.27 15.22
N LEU A 110 -31.36 15.35 16.36
CA LEU A 110 -32.79 14.92 16.45
C LEU A 110 -33.62 15.68 15.42
N GLY A 111 -34.55 14.97 14.79
CA GLY A 111 -35.52 15.59 13.86
C GLY A 111 -35.07 15.55 12.40
N GLY A 112 -33.80 15.31 12.12
CA GLY A 112 -33.27 15.31 10.74
C GLY A 112 -33.47 13.95 10.08
N THR A 113 -33.88 13.93 8.83
CA THR A 113 -33.95 12.71 7.98
C THR A 113 -32.58 12.01 7.91
N ASN A 114 -32.58 10.70 8.06
CA ASN A 114 -31.41 9.82 7.86
C ASN A 114 -31.40 9.42 6.38
N PHE A 115 -30.63 10.11 5.56
CA PHE A 115 -30.44 9.72 4.16
C PHE A 115 -29.49 8.53 4.07
N PRO A 116 -29.50 7.76 2.96
CA PRO A 116 -28.50 6.71 2.76
C PRO A 116 -27.07 7.24 2.83
N GLN A 117 -26.15 6.34 3.17
CA GLN A 117 -24.73 6.72 3.33
C GLN A 117 -24.15 7.22 2.00
N ALA A 118 -23.03 7.92 2.11
CA ALA A 118 -22.33 8.49 0.93
C ALA A 118 -22.02 7.42 -0.09
N ILE A 119 -21.61 6.21 0.31
CA ILE A 119 -21.24 5.18 -0.71
C ILE A 119 -22.53 4.78 -1.46
N ALA A 120 -23.69 4.84 -0.80
CA ALA A 120 -25.00 4.63 -1.48
C ALA A 120 -25.31 5.80 -2.43
N MET A 121 -25.08 7.02 -1.99
CA MET A 121 -25.24 8.20 -2.89
C MET A 121 -24.42 7.98 -4.17
N ALA A 122 -23.17 7.56 -4.03
CA ALA A 122 -22.29 7.36 -5.21
C ALA A 122 -22.85 6.26 -6.09
N SER A 123 -23.41 5.20 -5.48
CA SER A 123 -23.99 4.05 -6.22
C SER A 123 -25.22 4.46 -7.05
N THR A 124 -25.81 5.63 -6.83
CA THR A 124 -26.89 6.15 -7.72
C THR A 124 -26.31 6.64 -9.03
N TRP A 125 -25.03 7.05 -9.05
CA TRP A 125 -24.50 7.71 -10.26
C TRP A 125 -25.43 8.83 -10.70
N ASP A 126 -26.03 9.53 -9.76
CA ASP A 126 -27.03 10.59 -10.06
C ASP A 126 -26.68 11.84 -9.28
N PRO A 127 -25.67 12.59 -9.77
CA PRO A 127 -25.22 13.78 -9.08
C PRO A 127 -26.33 14.81 -8.83
N ASP A 128 -27.23 14.97 -9.80
CA ASP A 128 -28.36 15.93 -9.63
C ASP A 128 -29.23 15.54 -8.43
N LEU A 129 -29.48 14.24 -8.22
CA LEU A 129 -30.27 13.77 -7.06
C LEU A 129 -29.53 14.09 -5.77
N ILE A 130 -28.20 13.95 -5.76
CA ILE A 130 -27.42 14.33 -4.53
C ILE A 130 -27.48 15.84 -4.33
N GLU A 131 -27.43 16.64 -5.40
CA GLU A 131 -27.58 18.11 -5.24
C GLU A 131 -28.97 18.41 -4.64
N LYS A 132 -29.99 17.65 -5.06
CA LYS A 132 -31.37 17.88 -4.54
C LYS A 132 -31.39 17.54 -3.06
N MET A 133 -30.74 16.42 -2.70
CA MET A 133 -30.61 16.08 -1.27
C MET A 133 -29.96 17.22 -0.47
N THR A 134 -28.80 17.74 -0.87
CA THR A 134 -28.08 18.72 -0.03
C THR A 134 -28.77 20.09 -0.08
N THR A 135 -29.59 20.35 -1.09
CA THR A 135 -30.42 21.58 -1.12
C THR A 135 -31.45 21.47 0.03
N ALA A 136 -32.01 20.29 0.24
CA ALA A 136 -32.95 20.04 1.37
C ALA A 136 -32.20 20.12 2.67
N VAL A 137 -31.00 19.52 2.76
CA VAL A 137 -30.20 19.59 4.00
C VAL A 137 -29.88 21.06 4.34
N ARG A 138 -29.60 21.85 3.34
CA ARG A 138 -29.30 23.29 3.50
C ARG A 138 -30.43 23.97 4.28
N GLU A 139 -31.66 23.71 3.89
CA GLU A 139 -32.82 24.37 4.54
CA GLU A 139 -32.83 24.35 4.53
C GLU A 139 -32.96 23.84 5.97
N ASP A 140 -32.77 22.53 6.20
CA ASP A 140 -32.85 21.94 7.57
C ASP A 140 -31.86 22.67 8.47
N MET A 141 -30.63 22.84 7.96
CA MET A 141 -29.53 23.42 8.75
C MET A 141 -29.83 24.90 9.06
N ARG A 142 -30.19 25.69 8.05
CA ARG A 142 -30.43 27.13 8.24
C ARG A 142 -31.61 27.29 9.22
N LYS A 143 -32.53 26.34 9.29
CA LYS A 143 -33.69 26.48 10.22
C LYS A 143 -33.23 26.53 11.67
N ILE A 144 -32.15 25.81 12.02
CA ILE A 144 -31.68 25.74 13.42
C ILE A 144 -30.53 26.72 13.65
N GLY A 145 -30.18 27.56 12.65
CA GLY A 145 -29.10 28.56 12.77
C GLY A 145 -27.72 27.95 12.54
N ALA A 146 -27.64 26.84 11.82
CA ALA A 146 -26.33 26.23 11.44
C ALA A 146 -25.86 26.80 10.12
N HIS A 147 -24.56 27.11 10.03
CA HIS A 147 -23.97 27.77 8.85
C HIS A 147 -23.04 26.87 8.03
N GLN A 148 -22.61 25.78 8.62
CA GLN A 148 -21.52 25.01 8.03
C GLN A 148 -21.78 23.53 8.33
N GLY A 149 -21.72 22.70 7.29
CA GLY A 149 -21.87 21.25 7.46
C GLY A 149 -20.52 20.58 7.19
N LEU A 150 -20.11 19.66 8.03
CA LEU A 150 -18.78 19.00 7.85
C LEU A 150 -18.90 17.85 6.84
N ALA A 151 -19.19 18.20 5.61
CA ALA A 151 -19.41 17.26 4.50
C ALA A 151 -19.22 18.01 3.20
N PRO A 152 -18.90 17.35 2.07
CA PRO A 152 -18.76 15.89 1.97
C PRO A 152 -17.36 15.33 2.17
N VAL A 153 -17.27 14.02 2.31
CA VAL A 153 -16.00 13.29 2.30
C VAL A 153 -15.60 13.10 0.85
N LEU A 154 -14.39 13.59 0.49
CA LEU A 154 -13.85 13.42 -0.87
C LEU A 154 -12.64 12.48 -0.88
N ASP A 155 -12.46 11.75 0.21
CA ASP A 155 -11.41 10.71 0.30
C ASP A 155 -11.75 9.60 -0.71
N VAL A 156 -10.81 9.28 -1.58
CA VAL A 156 -10.96 8.21 -2.60
C VAL A 156 -10.55 6.90 -1.99
N ALA A 157 -11.48 5.93 -1.96
CA ALA A 157 -11.30 4.67 -1.20
C ALA A 157 -11.00 3.52 -2.16
N ARG A 158 -9.82 2.91 -2.00
CA ARG A 158 -9.46 1.64 -2.68
C ARG A 158 -9.06 0.59 -1.66
N ASP A 159 -9.37 0.81 -0.38
CA ASP A 159 -8.99 -0.13 0.69
C ASP A 159 -10.20 -0.37 1.56
N PRO A 160 -11.01 -1.39 1.22
CA PRO A 160 -12.25 -1.64 1.96
C PRO A 160 -12.05 -2.17 3.39
N ARG A 161 -10.82 -2.42 3.82
CA ARG A 161 -10.56 -2.69 5.26
C ARG A 161 -10.95 -1.46 6.06
N TRP A 162 -10.79 -0.28 5.50
CA TRP A 162 -10.96 0.98 6.24
C TRP A 162 -12.43 1.17 6.63
N GLY A 163 -12.65 1.43 7.90
CA GLY A 163 -13.99 1.56 8.46
C GLY A 163 -14.75 2.77 7.94
N ARG A 164 -14.09 3.74 7.30
CA ARG A 164 -14.80 4.95 6.80
C ARG A 164 -15.11 4.83 5.29
N THR A 165 -14.94 3.64 4.70
CA THR A 165 -15.32 3.42 3.29
C THR A 165 -16.75 3.90 3.04
N GLU A 166 -17.67 3.63 3.99
CA GLU A 166 -19.10 3.96 3.78
C GLU A 166 -19.33 5.46 3.62
N GLU A 167 -18.42 6.29 4.13
CA GLU A 167 -18.56 7.76 4.09
C GLU A 167 -18.00 8.34 2.78
N THR A 168 -17.37 7.51 1.94
CA THR A 168 -16.76 7.94 0.67
C THR A 168 -17.72 7.75 -0.48
N PHE A 169 -17.35 8.31 -1.61
CA PHE A 169 -18.01 8.09 -2.92
C PHE A 169 -17.28 7.01 -3.71
N GLY A 170 -16.41 6.25 -3.07
CA GLY A 170 -15.78 5.07 -3.66
C GLY A 170 -14.38 5.31 -4.23
N GLU A 171 -14.01 4.52 -5.22
CA GLU A 171 -12.62 4.38 -5.73
C GLU A 171 -12.25 5.34 -6.84
N SER A 172 -13.21 5.94 -7.54
CA SER A 172 -12.96 6.65 -8.83
C SER A 172 -12.77 8.13 -8.54
N PRO A 173 -11.60 8.72 -8.82
CA PRO A 173 -11.44 10.18 -8.65
C PRO A 173 -12.50 10.96 -9.44
N TYR A 174 -12.86 10.47 -10.61
CA TYR A 174 -13.87 11.09 -11.49
C TYR A 174 -15.24 11.05 -10.80
N LEU A 175 -15.71 9.87 -10.39
CA LEU A 175 -17.06 9.80 -9.75
C LEU A 175 -17.08 10.56 -8.43
N VAL A 176 -16.04 10.44 -7.62
CA VAL A 176 -15.94 11.14 -6.32
C VAL A 176 -16.02 12.65 -6.60
N ALA A 177 -15.23 13.14 -7.53
CA ALA A 177 -15.22 14.58 -7.84
C ALA A 177 -16.60 15.04 -8.32
N ARG A 178 -17.25 14.25 -9.15
CA ARG A 178 -18.55 14.68 -9.76
C ARG A 178 -19.62 14.67 -8.66
N MET A 179 -19.67 13.64 -7.84
CA MET A 179 -20.63 13.57 -6.71
C MET A 179 -20.30 14.72 -5.75
N GLY A 180 -19.03 14.93 -5.43
CA GLY A 180 -18.62 16.01 -4.51
C GLY A 180 -19.08 17.40 -4.95
N VAL A 181 -18.90 17.75 -6.21
CA VAL A 181 -19.25 19.09 -6.73
C VAL A 181 -20.77 19.30 -6.58
N SER A 182 -21.57 18.30 -6.91
CA SER A 182 -23.05 18.36 -6.79
C SER A 182 -23.43 18.49 -5.32
N TYR A 183 -22.77 17.72 -4.46
CA TYR A 183 -23.04 17.75 -3.00
C TYR A 183 -22.81 19.17 -2.48
N VAL A 184 -21.65 19.73 -2.81
CA VAL A 184 -21.28 21.10 -2.37
C VAL A 184 -22.29 22.12 -2.92
N LYS A 185 -22.60 22.04 -4.20
CA LYS A 185 -23.47 23.05 -4.86
C LYS A 185 -24.85 23.05 -4.18
N GLY A 186 -25.35 21.89 -3.77
CA GLY A 186 -26.64 21.83 -3.07
C GLY A 186 -26.57 22.48 -1.72
N LEU A 187 -25.53 22.19 -0.94
CA LEU A 187 -25.42 22.75 0.41
C LEU A 187 -25.28 24.26 0.31
N GLN A 188 -24.39 24.76 -0.55
CA GLN A 188 -24.00 26.20 -0.51
C GLN A 188 -25.01 27.05 -1.26
N GLY A 189 -25.47 26.60 -2.41
CA GLY A 189 -26.22 27.43 -3.38
C GLY A 189 -25.34 28.55 -3.89
N GLU A 190 -25.90 29.55 -4.54
CA GLU A 190 -25.09 30.57 -5.22
C GLU A 190 -24.64 31.64 -4.22
N ASP A 191 -25.56 32.18 -3.43
CA ASP A 191 -25.31 33.20 -2.41
C ASP A 191 -25.26 32.55 -1.05
N ILE A 192 -24.08 32.41 -0.46
CA ILE A 192 -23.89 31.66 0.79
C ILE A 192 -24.67 32.29 1.96
N LYS A 193 -25.03 33.58 1.87
CA LYS A 193 -25.92 34.19 2.88
C LYS A 193 -27.20 33.37 3.02
N LYS A 194 -27.60 32.65 1.97
CA LYS A 194 -28.86 31.85 1.98
C LYS A 194 -28.55 30.36 2.09
N GLY A 195 -27.28 29.99 2.27
CA GLY A 195 -26.90 28.58 2.22
C GLY A 195 -26.03 28.15 3.36
N VAL A 196 -25.38 27.03 3.16
CA VAL A 196 -24.58 26.38 4.21
C VAL A 196 -23.22 26.11 3.59
N VAL A 197 -22.21 26.51 4.32
CA VAL A 197 -20.80 26.25 3.92
C VAL A 197 -20.61 24.75 3.92
N ALA A 198 -20.10 24.20 2.81
CA ALA A 198 -19.69 22.80 2.72
C ALA A 198 -18.23 22.71 3.17
N THR A 199 -17.86 21.56 3.70
CA THR A 199 -16.52 21.32 4.28
C THR A 199 -16.00 20.04 3.63
N VAL A 200 -15.18 20.17 2.60
CA VAL A 200 -14.64 18.95 1.95
C VAL A 200 -13.57 18.39 2.90
N LYS A 201 -13.57 17.08 3.11
CA LYS A 201 -12.67 16.42 4.08
C LYS A 201 -12.29 15.07 3.53
N HIS A 202 -11.15 14.49 3.94
CA HIS A 202 -10.21 14.96 4.95
C HIS A 202 -8.88 15.21 4.20
N PHE A 203 -8.53 16.47 3.99
CA PHE A 203 -7.50 16.88 3.01
C PHE A 203 -6.11 16.53 3.52
N ALA A 204 -5.39 15.60 2.84
CA ALA A 204 -5.86 14.72 1.78
C ALA A 204 -5.09 13.40 1.94
N GLY A 205 -5.68 12.30 1.46
CA GLY A 205 -4.99 10.99 1.49
C GLY A 205 -5.50 10.03 2.56
N TYR A 206 -6.49 10.45 3.37
CA TYR A 206 -6.87 9.81 4.67
C TYR A 206 -7.43 8.41 4.48
N SER A 207 -7.90 8.09 3.27
CA SER A 207 -8.51 6.79 2.86
C SER A 207 -7.46 5.78 2.42
N ALA A 208 -6.18 6.14 2.44
CA ALA A 208 -5.08 5.26 1.96
C ALA A 208 -4.05 5.02 3.07
N SER A 209 -4.50 4.76 4.28
CA SER A 209 -3.64 4.51 5.47
C SER A 209 -2.99 3.15 5.33
N GLU A 210 -1.78 3.05 5.81
CA GLU A 210 -1.09 1.78 6.02
C GLU A 210 -2.09 0.72 6.56
N GLY A 211 -2.21 -0.39 5.85
CA GLY A 211 -3.04 -1.52 6.30
C GLY A 211 -4.52 -1.19 6.43
N GLY A 212 -4.98 -0.05 5.90
CA GLY A 212 -6.39 0.39 6.07
C GLY A 212 -6.73 0.80 7.48
N LYS A 213 -5.73 1.22 8.26
CA LYS A 213 -5.89 1.53 9.70
C LYS A 213 -6.11 3.03 9.92
N ASN A 214 -7.19 3.34 10.65
CA ASN A 214 -7.57 4.73 10.97
C ASN A 214 -6.40 5.52 11.57
N TRP A 215 -6.12 6.65 10.94
CA TRP A 215 -5.08 7.67 11.28
C TRP A 215 -3.66 7.20 10.89
N ALA A 216 -3.47 6.00 10.34
CA ALA A 216 -2.10 5.53 10.04
C ALA A 216 -1.56 6.22 8.79
N PRO A 217 -0.23 6.16 8.57
CA PRO A 217 0.38 6.98 7.52
C PRO A 217 -0.22 6.69 6.16
N THR A 218 -0.39 7.76 5.38
CA THR A 218 -0.89 7.72 4.01
C THR A 218 0.24 8.13 3.08
N ASN A 219 1.01 7.14 2.64
CA ASN A 219 2.31 7.40 1.99
C ASN A 219 2.14 7.30 0.48
N ILE A 220 1.78 8.42 -0.12
CA ILE A 220 1.31 8.50 -1.50
C ILE A 220 2.32 9.37 -2.25
N PRO A 221 2.87 8.87 -3.37
CA PRO A 221 3.77 9.68 -4.20
C PRO A 221 3.00 10.71 -5.01
N GLU A 222 3.74 11.64 -5.61
CA GLU A 222 3.20 12.92 -6.10
C GLU A 222 2.17 12.76 -7.24
N ARG A 223 2.43 12.04 -8.31
CA ARG A 223 1.47 12.00 -9.44
C ARG A 223 0.17 11.34 -8.94
N GLU A 224 0.29 10.23 -8.21
CA GLU A 224 -0.91 9.54 -7.66
C GLU A 224 -1.64 10.52 -6.75
N PHE A 225 -0.89 11.25 -5.94
CA PHE A 225 -1.49 12.20 -5.00
C PHE A 225 -2.31 13.26 -5.76
N LYS A 226 -1.74 13.80 -6.82
CA LYS A 226 -2.42 14.84 -7.65
C LYS A 226 -3.62 14.28 -8.39
N GLU A 227 -3.51 13.11 -9.03
CA GLU A 227 -4.53 12.59 -9.97
C GLU A 227 -5.62 11.83 -9.21
N VAL A 228 -5.28 11.15 -8.12
CA VAL A 228 -6.29 10.34 -7.38
C VAL A 228 -6.84 11.15 -6.21
N PHE A 229 -5.99 11.60 -5.29
CA PHE A 229 -6.44 12.07 -3.96
C PHE A 229 -6.82 13.55 -4.03
N LEU A 230 -6.00 14.38 -4.65
CA LEU A 230 -6.25 15.83 -4.64
C LEU A 230 -7.35 16.24 -5.64
N PHE A 231 -7.45 15.55 -6.76
CA PHE A 231 -8.33 15.90 -7.90
C PHE A 231 -9.74 16.25 -7.42
N PRO A 232 -10.43 15.42 -6.61
CA PRO A 232 -11.79 15.79 -6.22
C PRO A 232 -11.85 17.07 -5.39
N PHE A 233 -10.84 17.29 -4.55
CA PHE A 233 -10.78 18.56 -3.77
C PHE A 233 -10.57 19.72 -4.74
N GLU A 234 -9.68 19.54 -5.71
CA GLU A 234 -9.36 20.58 -6.69
C GLU A 234 -10.66 20.99 -7.41
N ALA A 235 -11.46 20.03 -7.88
CA ALA A 235 -12.77 20.28 -8.52
C ALA A 235 -13.69 21.01 -7.57
N ALA A 236 -13.73 20.63 -6.31
CA ALA A 236 -14.66 21.24 -5.33
C ALA A 236 -14.25 22.70 -5.12
N VAL A 237 -12.96 22.95 -5.04
CA VAL A 237 -12.44 24.33 -4.82
C VAL A 237 -12.73 25.17 -6.06
N LYS A 238 -12.33 24.71 -7.24
CA LYS A 238 -12.29 25.56 -8.45
C LYS A 238 -13.65 25.61 -9.13
N GLU A 239 -14.36 24.51 -9.19
CA GLU A 239 -15.64 24.47 -9.92
C GLU A 239 -16.82 24.71 -8.97
N ALA A 240 -16.81 24.16 -7.76
CA ALA A 240 -17.97 24.25 -6.84
C ALA A 240 -17.78 25.40 -5.84
N ASN A 241 -16.64 26.10 -5.84
CA ASN A 241 -16.40 27.26 -4.94
C ASN A 241 -16.62 26.87 -3.48
N VAL A 242 -16.20 25.66 -3.09
CA VAL A 242 -16.37 25.20 -1.71
C VAL A 242 -15.74 26.19 -0.73
N LEU A 243 -16.41 26.49 0.40
CA LEU A 243 -15.89 27.55 1.30
C LEU A 243 -15.19 27.01 2.55
N SER A 244 -15.12 25.68 2.78
CA SER A 244 -14.27 25.17 3.87
C SER A 244 -13.63 23.84 3.48
N VAL A 245 -12.45 23.65 4.04
CA VAL A 245 -11.66 22.41 3.92
C VAL A 245 -11.29 21.99 5.32
N MET A 246 -11.38 20.69 5.59
CA MET A 246 -10.90 20.08 6.84
C MET A 246 -9.71 19.16 6.52
N ASN A 247 -8.66 19.23 7.33
CA ASN A 247 -7.44 18.42 7.13
C ASN A 247 -7.62 16.94 7.53
N SER A 248 -6.70 16.12 7.06
CA SER A 248 -6.52 14.70 7.45
C SER A 248 -5.75 14.55 8.75
N TYR A 249 -6.16 13.57 9.53
CA TYR A 249 -5.45 13.18 10.76
C TYR A 249 -4.11 12.51 10.43
N SER A 250 -3.95 11.98 9.22
CA SER A 250 -2.77 11.17 8.87
C SER A 250 -1.56 12.06 8.55
N GLU A 251 -0.38 11.46 8.73
CA GLU A 251 0.84 11.96 8.08
C GLU A 251 0.85 11.50 6.62
N ILE A 252 1.48 12.32 5.78
CA ILE A 252 1.95 11.88 4.44
C ILE A 252 3.47 11.85 4.54
N ASP A 253 4.03 10.64 4.56
CA ASP A 253 5.49 10.50 4.38
C ASP A 253 6.25 11.33 5.42
N GLY A 254 5.82 11.32 6.67
CA GLY A 254 6.55 11.99 7.75
C GLY A 254 5.94 13.29 8.20
N VAL A 255 4.98 13.84 7.46
CA VAL A 255 4.43 15.18 7.75
C VAL A 255 2.94 15.06 8.04
N PRO A 256 2.51 15.23 9.30
CA PRO A 256 1.07 15.33 9.60
C PRO A 256 0.43 16.41 8.77
N CYS A 257 -0.72 16.12 8.16
CA CYS A 257 -1.42 17.10 7.30
C CYS A 257 -1.73 18.37 8.09
N ALA A 258 -2.02 18.27 9.41
CA ALA A 258 -2.35 19.46 10.23
C ALA A 258 -1.14 20.37 10.41
N ALA A 259 0.06 19.89 10.13
CA ALA A 259 1.32 20.67 10.26
C ALA A 259 1.95 20.90 8.90
N ASN A 260 1.24 20.69 7.80
CA ASN A 260 1.86 20.70 6.46
C ASN A 260 1.49 21.97 5.69
N ARG A 261 2.31 23.01 5.76
CA ARG A 261 2.02 24.25 4.99
C ARG A 261 2.02 23.97 3.49
N LYS A 262 2.84 23.00 3.05
CA LYS A 262 2.93 22.75 1.59
C LYS A 262 1.58 22.23 1.09
N LEU A 263 0.81 21.63 1.96
CA LEU A 263 -0.51 21.09 1.59
C LEU A 263 -1.60 22.13 1.82
N LEU A 264 -1.79 22.54 3.08
CA LEU A 264 -2.97 23.34 3.48
C LEU A 264 -2.85 24.78 2.94
N THR A 265 -1.65 25.26 2.62
CA THR A 265 -1.44 26.62 2.07
C THR A 265 -0.95 26.52 0.61
N ASP A 266 0.18 25.87 0.35
CA ASP A 266 0.81 26.02 -0.99
C ASP A 266 -0.06 25.41 -2.07
N ILE A 267 -0.63 24.23 -1.85
CA ILE A 267 -1.52 23.65 -2.84
C ILE A 267 -2.87 24.35 -2.74
N LEU A 268 -3.50 24.30 -1.56
CA LEU A 268 -4.92 24.70 -1.48
C LEU A 268 -5.12 26.19 -1.74
N ARG A 269 -4.34 27.06 -1.12
CA ARG A 269 -4.52 28.52 -1.25
CA ARG A 269 -4.52 28.52 -1.27
C ARG A 269 -3.73 29.04 -2.46
N LYS A 270 -2.44 28.74 -2.53
CA LYS A 270 -1.58 29.37 -3.55
C LYS A 270 -1.84 28.80 -4.94
N ASP A 271 -1.72 27.49 -5.12
CA ASP A 271 -1.92 26.89 -6.44
C ASP A 271 -3.39 26.99 -6.85
N TRP A 272 -4.33 26.70 -5.95
CA TRP A 272 -5.75 26.50 -6.34
C TRP A 272 -6.61 27.75 -6.11
N GLY A 273 -6.16 28.70 -5.31
CA GLY A 273 -6.89 29.97 -5.09
C GLY A 273 -8.05 29.82 -4.10
N PHE A 274 -8.01 28.83 -3.21
CA PHE A 274 -9.05 28.70 -2.15
C PHE A 274 -9.07 29.93 -1.26
N GLU A 275 -10.25 30.50 -1.03
CA GLU A 275 -10.39 31.77 -0.24
C GLU A 275 -11.22 31.56 1.03
N GLY A 276 -11.69 30.34 1.27
CA GLY A 276 -12.49 30.02 2.46
C GLY A 276 -11.68 29.76 3.71
N ILE A 277 -12.25 29.00 4.63
CA ILE A 277 -11.57 28.70 5.90
C ILE A 277 -11.17 27.23 5.95
N VAL A 278 -10.00 26.99 6.54
CA VAL A 278 -9.57 25.62 6.87
C VAL A 278 -9.92 25.39 8.34
N VAL A 279 -10.71 24.37 8.61
CA VAL A 279 -11.03 23.95 9.99
C VAL A 279 -10.27 22.67 10.30
N SER A 280 -9.79 22.55 11.54
CA SER A 280 -9.05 21.35 11.96
C SER A 280 -10.06 20.19 11.98
N ASP A 281 -9.60 19.00 11.63
CA ASP A 281 -10.33 17.81 12.15
C ASP A 281 -10.30 17.90 13.68
N TYR A 282 -11.26 17.24 14.33
CA TYR A 282 -11.43 17.39 15.79
C TYR A 282 -10.17 16.95 16.54
N PHE A 283 -9.60 17.86 17.31
CA PHE A 283 -8.38 17.65 18.11
C PHE A 283 -7.15 17.47 17.21
N ALA A 284 -7.23 17.67 15.90
CA ALA A 284 -6.07 17.44 15.01
C ALA A 284 -4.88 18.33 15.40
N VAL A 285 -5.11 19.52 15.96
CA VAL A 285 -3.97 20.38 16.41
C VAL A 285 -3.33 19.76 17.63
N LYS A 286 -4.10 19.50 18.70
CA LYS A 286 -3.54 18.92 19.95
C LYS A 286 -2.75 17.65 19.65
N VAL A 287 -3.26 16.79 18.78
CA VAL A 287 -2.61 15.45 18.61
C VAL A 287 -1.34 15.56 17.77
N LEU A 288 -0.98 16.72 17.22
CA LEU A 288 0.38 16.94 16.71
C LEU A 288 1.38 16.65 17.84
N GLU A 289 1.01 16.99 19.07
CA GLU A 289 1.80 16.60 20.27
C GLU A 289 1.47 15.17 20.65
N ASP A 290 0.22 14.89 21.05
CA ASP A 290 -0.09 13.65 21.79
C ASP A 290 0.13 12.40 20.93
N TYR A 291 -0.14 12.47 19.64
CA TYR A 291 -0.18 11.26 18.78
C TYR A 291 1.05 11.22 17.89
N HIS A 292 1.25 12.25 17.06
CA HIS A 292 2.34 12.27 16.06
C HIS A 292 3.70 12.54 16.73
N ARG A 293 3.71 13.15 17.91
CA ARG A 293 4.92 13.43 18.70
C ARG A 293 5.86 14.36 17.91
N ILE A 294 5.33 15.37 17.23
CA ILE A 294 6.20 16.40 16.57
C ILE A 294 6.06 17.77 17.21
N ALA A 295 5.19 17.94 18.20
CA ALA A 295 5.06 19.22 18.94
C ALA A 295 5.28 18.92 20.41
N ARG A 296 6.18 19.65 21.07
CA ARG A 296 6.58 19.38 22.46
C ARG A 296 5.51 19.83 23.45
N ASP A 297 4.66 20.76 23.05
CA ASP A 297 3.63 21.30 23.94
C ASP A 297 2.50 21.90 23.10
N LYS A 298 1.46 22.38 23.75
CA LYS A 298 0.26 22.89 23.01
C LYS A 298 0.62 24.17 22.25
N SER A 299 1.55 25.00 22.72
CA SER A 299 1.88 26.23 21.99
C SER A 299 2.64 25.84 20.69
N GLU A 300 3.52 24.85 20.71
CA GLU A 300 4.20 24.42 19.48
C GLU A 300 3.16 23.82 18.52
N ALA A 301 2.22 23.02 19.01
CA ALA A 301 1.16 22.46 18.15
C ALA A 301 0.38 23.60 17.51
N ALA A 302 0.02 24.63 18.28
CA ALA A 302 -0.71 25.80 17.74
C ALA A 302 0.10 26.45 16.60
N ARG A 303 1.39 26.69 16.84
CA ARG A 303 2.26 27.37 15.85
C ARG A 303 2.30 26.51 14.58
N LEU A 304 2.54 25.20 14.72
CA LEU A 304 2.64 24.32 13.52
C LEU A 304 1.33 24.40 12.72
N ALA A 305 0.19 24.34 13.39
CA ALA A 305 -1.12 24.32 12.68
C ALA A 305 -1.42 25.68 12.04
N LEU A 306 -1.13 26.78 12.73
CA LEU A 306 -1.41 28.11 12.14
C LEU A 306 -0.48 28.35 10.97
N GLU A 307 0.82 28.04 11.11
CA GLU A 307 1.75 28.15 9.96
C GLU A 307 1.28 27.26 8.82
N ALA A 308 0.73 26.08 9.11
CA ALA A 308 0.27 25.18 8.04
C ALA A 308 -0.89 25.84 7.30
N GLY A 309 -1.76 26.59 7.99
CA GLY A 309 -2.93 27.19 7.35
C GLY A 309 -4.25 26.73 7.96
N ILE A 310 -4.26 26.13 9.15
CA ILE A 310 -5.55 25.90 9.89
C ILE A 310 -6.00 27.25 10.46
N ASP A 311 -7.21 27.67 10.09
CA ASP A 311 -7.82 28.92 10.59
C ASP A 311 -8.60 28.69 11.89
N VAL A 312 -9.30 27.56 12.02
CA VAL A 312 -10.16 27.33 13.21
C VAL A 312 -9.81 25.99 13.86
N GLU A 313 -9.50 26.04 15.13
CA GLU A 313 -9.28 24.84 15.93
C GLU A 313 -10.64 24.34 16.41
N LEU A 314 -10.94 23.12 16.03
CA LEU A 314 -12.20 22.40 16.41
C LEU A 314 -11.80 21.18 17.22
N PRO A 315 -12.70 20.63 18.08
CA PRO A 315 -14.06 21.14 18.31
C PRO A 315 -14.16 22.16 19.45
N LYS A 316 -13.04 22.45 20.11
CA LYS A 316 -12.93 23.37 21.25
C LYS A 316 -11.54 23.96 21.26
N THR A 317 -11.44 25.22 21.60
CA THR A 317 -10.16 25.88 21.82
C THR A 317 -9.35 25.04 22.78
N GLU A 318 -8.12 24.74 22.44
CA GLU A 318 -7.23 24.01 23.34
C GLU A 318 -5.80 24.52 23.10
N CYS A 319 -5.26 24.40 21.90
CA CYS A 319 -3.92 24.89 21.61
C CYS A 319 -3.99 26.36 21.17
N TYR A 320 -5.01 26.76 20.42
CA TYR A 320 -5.01 28.07 19.74
C TYR A 320 -5.09 29.22 20.74
N GLN A 321 -5.48 28.96 21.99
CA GLN A 321 -5.45 30.05 23.01
C GLN A 321 -4.00 30.55 23.19
N TYR A 322 -3.02 29.66 23.03
CA TYR A 322 -1.57 29.99 23.19
C TYR A 322 -1.04 30.83 22.04
N LEU A 323 -1.81 31.04 20.97
CA LEU A 323 -1.40 31.99 19.89
C LEU A 323 -1.19 33.37 20.49
N LYS A 324 -1.95 33.74 21.53
CA LYS A 324 -1.77 35.07 22.16
C LYS A 324 -0.38 35.14 22.78
N ASP A 325 -0.05 34.14 23.59
CA ASP A 325 1.26 34.04 24.26
C ASP A 325 2.40 34.03 23.23
N LEU A 326 2.22 33.29 22.13
CA LEU A 326 3.27 33.20 21.08
C LEU A 326 3.53 34.58 20.45
N VAL A 327 2.49 35.37 20.21
CA VAL A 327 2.72 36.77 19.73
C VAL A 327 3.37 37.62 20.81
N GLU A 328 2.86 37.54 22.04
CA GLU A 328 3.34 38.40 23.14
C GLU A 328 4.81 38.11 23.38
N LYS A 329 5.25 36.87 23.24
CA LYS A 329 6.63 36.44 23.50
C LYS A 329 7.49 36.63 22.25
N GLY A 330 6.95 37.17 21.14
CA GLY A 330 7.73 37.44 19.92
C GLY A 330 8.19 36.17 19.24
N ILE A 331 7.40 35.10 19.35
CA ILE A 331 7.69 33.81 18.68
C ILE A 331 7.07 33.78 17.29
N ILE A 332 5.85 34.30 17.12
CA ILE A 332 5.16 34.44 15.81
C ILE A 332 4.70 35.89 15.67
N SER A 333 4.51 36.29 14.42
CA SER A 333 4.07 37.64 14.05
C SER A 333 2.56 37.71 14.14
N GLU A 334 2.06 38.79 14.73
CA GLU A 334 0.61 39.00 14.79
C GLU A 334 0.05 39.07 13.37
N ALA A 335 0.86 39.41 12.37
CA ALA A 335 0.40 39.42 10.97
C ALA A 335 -0.11 38.04 10.55
N LEU A 336 0.44 36.97 11.09
CA LEU A 336 0.02 35.60 10.68
C LEU A 336 -1.37 35.31 11.30
N ILE A 337 -1.58 35.76 12.54
CA ILE A 337 -2.92 35.70 13.17
C ILE A 337 -3.91 36.50 12.31
N ASP A 338 -3.54 37.69 11.92
CA ASP A 338 -4.44 38.58 11.15
C ASP A 338 -4.90 37.88 9.89
N GLU A 339 -4.01 37.14 9.21
CA GLU A 339 -4.32 36.46 7.95
C GLU A 339 -5.45 35.46 8.19
N ALA A 340 -5.38 34.67 9.27
CA ALA A 340 -6.41 33.66 9.61
C ALA A 340 -7.70 34.39 10.00
N VAL A 341 -7.59 35.41 10.85
CA VAL A 341 -8.84 36.14 11.31
C VAL A 341 -9.54 36.78 10.12
N THR A 342 -8.79 37.34 9.16
CA THR A 342 -9.39 37.92 7.95
C THR A 342 -10.25 36.87 7.22
N ARG A 343 -9.77 35.63 7.07
CA ARG A 343 -10.54 34.58 6.37
C ARG A 343 -11.84 34.28 7.11
N VAL A 344 -11.79 34.17 8.44
CA VAL A 344 -12.95 33.84 9.29
C VAL A 344 -13.94 35.02 9.21
N LEU A 345 -13.47 36.24 9.40
CA LEU A 345 -14.37 37.42 9.36
C LEU A 345 -15.04 37.54 7.99
N ARG A 346 -14.28 37.37 6.92
CA ARG A 346 -14.82 37.50 5.54
CA ARG A 346 -14.82 37.50 5.54
C ARG A 346 -16.01 36.54 5.41
N LEU A 347 -15.85 35.32 5.87
CA LEU A 347 -16.92 34.32 5.69
C LEU A 347 -18.12 34.67 6.58
N LYS A 348 -17.88 35.18 7.80
CA LYS A 348 -18.98 35.61 8.71
C LYS A 348 -19.75 36.74 8.05
N PHE A 349 -19.07 37.71 7.42
CA PHE A 349 -19.80 38.76 6.66
C PHE A 349 -20.58 38.15 5.50
N MET A 350 -19.97 37.29 4.70
CA MET A 350 -20.63 36.70 3.52
C MET A 350 -21.88 35.91 3.95
N LEU A 351 -21.85 35.29 5.14
CA LEU A 351 -23.02 34.51 5.63
C LEU A 351 -24.15 35.44 6.11
N GLY A 352 -23.92 36.74 6.10
CA GLY A 352 -24.94 37.74 6.52
C GLY A 352 -25.09 37.84 8.01
N LEU A 353 -24.16 37.31 8.81
CA LEU A 353 -24.35 37.18 10.26
C LEU A 353 -24.36 38.53 10.96
N PHE A 354 -23.71 39.55 10.42
CA PHE A 354 -23.69 40.89 11.06
C PHE A 354 -25.02 41.62 10.79
N GLU A 355 -25.76 41.21 9.77
CA GLU A 355 -27.10 41.79 9.43
C GLU A 355 -28.17 41.01 10.19
N ASN A 356 -28.04 39.69 10.26
CA ASN A 356 -29.09 38.90 10.93
C ASN A 356 -28.55 37.56 11.35
N PRO A 357 -28.17 37.42 12.62
CA PRO A 357 -27.64 36.17 13.14
C PRO A 357 -28.73 35.29 13.75
N TYR A 358 -29.99 35.72 13.68
CA TYR A 358 -31.08 35.00 14.40
C TYR A 358 -31.94 34.23 13.41
N VAL A 359 -32.62 33.22 13.92
CA VAL A 359 -33.64 32.46 13.15
C VAL A 359 -34.99 32.58 13.90
N GLU A 360 -36.06 32.37 13.17
CA GLU A 360 -37.43 32.31 13.76
C GLU A 360 -37.64 30.93 14.35
N VAL A 361 -37.67 30.85 15.67
CA VAL A 361 -37.84 29.55 16.37
C VAL A 361 -39.15 28.87 15.89
N GLU A 362 -40.18 29.66 15.62
CA GLU A 362 -41.52 29.15 15.18
C GLU A 362 -41.36 28.40 13.85
N LYS A 363 -40.29 28.65 13.10
CA LYS A 363 -40.09 28.02 11.77
C LYS A 363 -39.04 26.90 11.85
N ALA A 364 -38.50 26.60 13.04
CA ALA A 364 -37.32 25.72 13.16
C ALA A 364 -37.69 24.23 13.05
N LYS A 365 -38.96 23.91 12.80
CA LYS A 365 -39.45 22.52 12.61
C LYS A 365 -38.89 21.97 11.30
N ILE A 366 -38.00 20.99 11.44
CA ILE A 366 -37.37 20.33 10.27
C ILE A 366 -38.39 19.39 9.62
N GLU A 367 -38.50 19.49 8.31
CA GLU A 367 -39.41 18.68 7.48
C GLU A 367 -38.76 17.33 7.19
N SER A 368 -39.56 16.29 7.13
CA SER A 368 -39.08 14.97 6.66
C SER A 368 -38.74 15.04 5.17
N HIS A 369 -37.58 14.50 4.79
CA HIS A 369 -37.20 14.31 3.38
C HIS A 369 -37.14 12.83 3.10
N ARG A 370 -38.07 12.06 3.68
CA ARG A 370 -38.12 10.62 3.40
C ARG A 370 -38.28 10.41 1.89
N ASP A 371 -39.01 11.26 1.19
CA ASP A 371 -39.19 11.13 -0.28
C ASP A 371 -37.82 11.08 -1.00
N ILE A 372 -36.96 12.05 -0.72
CA ILE A 372 -35.59 12.10 -1.33
C ILE A 372 -34.77 10.88 -0.86
N ALA A 373 -34.81 10.55 0.43
CA ALA A 373 -34.10 9.38 1.01
C ALA A 373 -34.52 8.12 0.26
N LEU A 374 -35.82 7.98 -0.03
CA LEU A 374 -36.34 6.77 -0.73
C LEU A 374 -35.86 6.76 -2.17
N GLU A 375 -35.80 7.91 -2.85
CA GLU A 375 -35.34 7.93 -4.25
C GLU A 375 -33.86 7.47 -4.25
N ILE A 376 -33.07 7.98 -3.32
CA ILE A 376 -31.65 7.56 -3.23
C ILE A 376 -31.56 6.07 -2.92
N ALA A 377 -32.30 5.60 -1.92
CA ALA A 377 -32.24 4.16 -1.56
C ALA A 377 -32.62 3.31 -2.76
N ARG A 378 -33.68 3.69 -3.48
CA ARG A 378 -34.17 2.87 -4.62
C ARG A 378 -33.17 2.87 -5.76
N LYS A 379 -32.42 3.97 -5.94
CA LYS A 379 -31.43 4.05 -7.04
C LYS A 379 -30.07 3.50 -6.59
N SER A 380 -29.83 3.27 -5.31
CA SER A 380 -28.47 2.98 -4.78
C SER A 380 -28.26 1.48 -4.63
N ILE A 381 -29.33 0.71 -4.46
CA ILE A 381 -29.18 -0.72 -4.17
C ILE A 381 -28.66 -1.37 -5.45
N ILE A 382 -27.68 -2.26 -5.29
CA ILE A 382 -27.02 -2.88 -6.46
C ILE A 382 -27.38 -4.36 -6.52
N LEU A 383 -27.81 -4.79 -7.69
CA LEU A 383 -28.00 -6.23 -7.96
C LEU A 383 -26.66 -6.79 -8.40
N LEU A 384 -25.95 -7.44 -7.49
CA LEU A 384 -24.61 -7.99 -7.82
C LEU A 384 -24.75 -9.29 -8.58
N LYS A 385 -25.72 -10.13 -8.23
CA LYS A 385 -25.89 -11.46 -8.86
C LYS A 385 -27.40 -11.76 -8.94
N ASN A 386 -27.83 -12.33 -10.06
CA ASN A 386 -29.24 -12.79 -10.17
C ASN A 386 -29.29 -13.92 -11.17
N ASP A 387 -29.54 -15.14 -10.71
CA ASP A 387 -29.67 -16.30 -11.64
C ASP A 387 -31.09 -16.36 -12.23
N GLY A 388 -31.97 -15.39 -11.92
CA GLY A 388 -33.36 -15.33 -12.40
C GLY A 388 -34.36 -15.45 -11.26
N ILE A 389 -33.93 -15.82 -10.04
CA ILE A 389 -34.83 -15.88 -8.85
C ILE A 389 -35.50 -14.52 -8.61
N LEU A 390 -34.81 -13.39 -8.89
CA LEU A 390 -35.39 -12.04 -8.70
C LEU A 390 -35.87 -11.49 -10.03
N PRO A 391 -37.01 -10.76 -10.05
CA PRO A 391 -37.82 -10.47 -8.87
C PRO A 391 -38.68 -11.67 -8.44
N LEU A 392 -38.90 -11.77 -7.12
CA LEU A 392 -39.71 -12.85 -6.50
C LEU A 392 -41.19 -12.65 -6.83
N GLN A 393 -41.93 -13.75 -6.87
CA GLN A 393 -43.42 -13.70 -6.96
C GLN A 393 -43.92 -13.50 -5.51
N LYS A 394 -44.98 -12.74 -5.35
CA LYS A 394 -45.49 -12.34 -4.01
C LYS A 394 -46.17 -13.52 -3.30
N ASN A 395 -46.46 -14.62 -4.00
CA ASN A 395 -47.14 -15.81 -3.44
C ASN A 395 -46.14 -16.74 -2.78
N LYS A 396 -44.82 -16.52 -2.95
CA LYS A 396 -43.80 -17.42 -2.34
C LYS A 396 -43.69 -17.15 -0.86
N LYS A 397 -43.63 -18.23 -0.09
CA LYS A 397 -43.46 -18.18 1.37
C LYS A 397 -41.99 -17.86 1.64
N VAL A 398 -41.77 -16.82 2.44
CA VAL A 398 -40.40 -16.30 2.72
C VAL A 398 -39.96 -16.70 4.11
N ALA A 399 -38.74 -17.24 4.20
CA ALA A 399 -37.99 -17.36 5.46
C ALA A 399 -37.04 -16.15 5.49
N LEU A 400 -37.36 -15.20 6.34
CA LEU A 400 -36.57 -13.95 6.48
C LEU A 400 -35.62 -14.20 7.64
N ILE A 401 -34.33 -14.21 7.35
CA ILE A 401 -33.30 -14.70 8.28
C ILE A 401 -32.18 -13.68 8.34
N GLY A 402 -31.69 -13.42 9.53
CA GLY A 402 -30.42 -12.68 9.72
C GLY A 402 -30.62 -11.47 10.60
N PRO A 403 -29.54 -11.01 11.27
CA PRO A 403 -29.64 -9.90 12.18
C PRO A 403 -30.07 -8.60 11.51
N ASN A 404 -29.72 -8.41 10.24
CA ASN A 404 -29.97 -7.09 9.60
C ASN A 404 -31.36 -7.05 8.96
N ALA A 405 -32.14 -8.13 9.07
CA ALA A 405 -33.59 -8.09 8.75
C ALA A 405 -34.39 -7.62 9.98
N GLY A 406 -33.82 -7.75 11.16
CA GLY A 406 -34.58 -7.61 12.43
C GLY A 406 -34.17 -6.44 13.30
N GLU A 407 -33.10 -5.71 12.95
CA GLU A 407 -32.55 -4.65 13.84
C GLU A 407 -32.47 -3.36 13.02
N VAL A 408 -33.40 -2.42 13.20
CA VAL A 408 -33.43 -1.10 12.51
C VAL A 408 -32.12 -0.33 12.80
N ARG A 409 -31.51 -0.52 13.97
CA ARG A 409 -30.21 0.15 14.33
C ARG A 409 -29.16 -0.14 13.24
N ASN A 410 -29.19 -1.33 12.63
CA ASN A 410 -28.15 -1.78 11.69
C ASN A 410 -28.40 -1.22 10.27
N LEU A 411 -29.51 -0.49 10.03
CA LEU A 411 -29.70 0.26 8.77
C LEU A 411 -28.92 1.58 8.84
N LEU A 412 -28.42 1.97 10.01
CA LEU A 412 -27.86 3.34 10.23
C LEU A 412 -26.37 3.34 9.97
N GLY A 413 -25.90 4.45 9.41
CA GLY A 413 -24.48 4.74 9.16
C GLY A 413 -23.84 5.49 10.30
N ASP A 414 -22.52 5.64 10.22
CA ASP A 414 -21.71 6.09 11.37
C ASP A 414 -21.91 7.58 11.70
N TYR A 415 -22.49 8.36 10.79
CA TYR A 415 -22.78 9.80 11.02
C TYR A 415 -24.30 10.03 10.93
N MET A 416 -25.07 8.96 11.07
CA MET A 416 -26.51 9.11 11.40
C MET A 416 -26.63 9.24 12.93
N TYR A 417 -27.39 10.25 13.36
CA TYR A 417 -27.41 10.72 14.77
C TYR A 417 -27.61 9.56 15.75
N LEU A 418 -28.63 8.71 15.54
CA LEU A 418 -28.98 7.66 16.54
C LEU A 418 -27.95 6.51 16.60
N ALA A 419 -27.06 6.39 15.61
CA ALA A 419 -25.90 5.47 15.67
C ALA A 419 -24.70 6.20 16.26
N HIS A 420 -24.41 7.40 15.76
CA HIS A 420 -23.20 8.17 16.12
C HIS A 420 -23.18 8.45 17.62
N ILE A 421 -24.33 8.85 18.18
CA ILE A 421 -24.41 9.41 19.56
C ILE A 421 -24.18 8.28 20.59
N ARG A 422 -24.30 7.01 20.19
CA ARG A 422 -24.02 5.81 21.04
C ARG A 422 -22.59 5.85 21.62
N ALA A 423 -21.64 6.49 20.93
CA ALA A 423 -20.25 6.69 21.41
C ALA A 423 -20.24 7.44 22.76
N LEU A 424 -21.06 8.50 22.93
CA LEU A 424 -21.20 9.30 24.19
C LEU A 424 -21.86 8.43 25.27
N LEU A 425 -23.09 7.97 25.00
CA LEU A 425 -23.86 7.02 25.85
C LEU A 425 -22.90 5.95 26.42
N ASP A 426 -22.09 5.33 25.55
CA ASP A 426 -20.92 4.46 25.90
C ASP A 426 -21.22 3.02 25.48
N ARG A 444 -32.24 9.46 30.96
CA ARG A 444 -33.15 10.36 30.20
C ARG A 444 -32.71 10.42 28.73
N LEU A 445 -31.40 10.48 28.47
CA LEU A 445 -30.80 10.46 27.11
C LEU A 445 -31.01 9.07 26.47
N LYS A 446 -30.73 7.99 27.23
CA LYS A 446 -30.86 6.57 26.78
C LYS A 446 -32.31 6.34 26.32
N LYS A 447 -33.32 6.79 27.08
CA LYS A 447 -34.75 6.65 26.70
C LYS A 447 -35.07 7.50 25.46
N SER A 448 -34.56 8.73 25.32
CA SER A 448 -34.78 9.61 24.13
C SER A 448 -34.31 8.88 22.86
N ILE A 449 -33.11 8.28 22.90
CA ILE A 449 -32.54 7.52 21.75
C ILE A 449 -33.47 6.35 21.40
N GLU A 450 -33.81 5.51 22.39
CA GLU A 450 -34.71 4.34 22.24
C GLU A 450 -36.02 4.82 21.60
N GLU A 451 -36.62 5.92 22.07
CA GLU A 451 -37.93 6.44 21.58
C GLU A 451 -37.79 6.81 20.11
N HIS A 452 -36.72 7.53 19.75
CA HIS A 452 -36.56 7.99 18.35
C HIS A 452 -36.27 6.78 17.45
N MET A 453 -35.53 5.79 17.97
CA MET A 453 -35.17 4.56 17.21
C MET A 453 -36.46 3.82 16.79
N LYS A 454 -37.44 3.77 17.71
CA LYS A 454 -38.74 3.05 17.54
C LYS A 454 -39.47 3.59 16.30
N SER A 455 -39.27 4.86 15.91
CA SER A 455 -39.98 5.54 14.79
C SER A 455 -39.40 5.18 13.41
N ILE A 456 -38.22 4.54 13.35
CA ILE A 456 -37.62 4.22 12.04
C ILE A 456 -38.28 2.95 11.51
N PRO A 457 -38.91 3.02 10.32
CA PRO A 457 -39.51 1.85 9.69
C PRO A 457 -38.47 0.77 9.47
N SER A 458 -38.86 -0.47 9.66
CA SER A 458 -37.99 -1.66 9.70
C SER A 458 -38.12 -2.46 8.41
N VAL A 459 -37.18 -3.34 8.15
CA VAL A 459 -37.23 -4.34 7.04
C VAL A 459 -38.47 -5.23 7.30
N LEU A 460 -38.70 -5.62 8.54
CA LEU A 460 -39.89 -6.45 8.90
C LEU A 460 -41.15 -5.69 8.51
N ASP A 461 -41.24 -4.41 8.87
CA ASP A 461 -42.41 -3.57 8.57
C ASP A 461 -42.64 -3.62 7.06
N ALA A 462 -41.57 -3.51 6.27
CA ALA A 462 -41.72 -3.39 4.80
C ALA A 462 -42.27 -4.71 4.25
N PHE A 463 -41.80 -5.84 4.73
CA PHE A 463 -42.31 -7.15 4.23
C PHE A 463 -43.80 -7.29 4.57
N LYS A 464 -44.17 -6.83 5.76
CA LYS A 464 -45.57 -6.90 6.25
C LYS A 464 -46.46 -6.03 5.39
N GLU A 465 -46.05 -4.77 5.14
CA GLU A 465 -46.85 -3.83 4.35
C GLU A 465 -47.03 -4.38 2.93
N GLU A 466 -46.04 -5.07 2.40
CA GLU A 466 -46.09 -5.60 1.01
C GLU A 466 -47.03 -6.83 0.97
N GLY A 467 -47.41 -7.39 2.13
CA GLY A 467 -48.39 -8.49 2.18
C GLY A 467 -47.75 -9.84 1.95
N ILE A 468 -46.45 -9.95 2.20
CA ILE A 468 -45.72 -11.21 2.01
C ILE A 468 -46.02 -12.13 3.21
N GLU A 469 -46.20 -13.39 2.91
CA GLU A 469 -46.30 -14.43 3.96
C GLU A 469 -44.89 -14.84 4.29
N PHE A 470 -44.47 -14.53 5.50
CA PHE A 470 -43.10 -14.86 5.93
C PHE A 470 -43.04 -15.25 7.39
N GLU A 471 -41.96 -15.92 7.75
CA GLU A 471 -41.54 -16.10 9.15
C GLU A 471 -40.14 -15.49 9.27
N TYR A 472 -39.83 -14.94 10.43
CA TYR A 472 -38.54 -14.27 10.73
C TYR A 472 -37.77 -15.16 11.70
N ALA A 473 -36.49 -15.42 11.43
CA ALA A 473 -35.55 -16.02 12.40
C ALA A 473 -34.28 -15.16 12.42
N LYS A 474 -33.86 -14.72 13.60
CA LYS A 474 -32.66 -13.85 13.73
C LYS A 474 -31.44 -14.57 13.17
N GLY A 475 -31.25 -15.85 13.48
CA GLY A 475 -30.14 -16.64 12.94
C GLY A 475 -28.86 -16.47 13.75
N CYS A 476 -28.37 -15.24 13.88
CA CYS A 476 -27.18 -14.92 14.68
C CYS A 476 -27.11 -13.42 14.91
N GLU A 477 -26.15 -13.00 15.73
CA GLU A 477 -25.89 -11.56 15.95
C GLU A 477 -24.92 -11.12 14.84
N VAL A 478 -24.76 -9.82 14.68
CA VAL A 478 -23.71 -9.31 13.79
C VAL A 478 -22.33 -9.72 14.32
N THR A 479 -22.10 -9.78 15.63
CA THR A 479 -20.78 -10.14 16.18
C THR A 479 -20.86 -11.39 17.04
N GLY A 480 -19.69 -11.91 17.41
CA GLY A 480 -19.56 -13.08 18.29
C GLY A 480 -19.69 -14.37 17.51
N GLU A 481 -19.66 -15.52 18.21
CA GLU A 481 -19.49 -16.86 17.60
C GLU A 481 -20.72 -17.76 17.90
N ASP A 482 -21.77 -17.19 18.46
CA ASP A 482 -22.95 -17.97 18.95
C ASP A 482 -23.73 -18.46 17.74
N ARG A 483 -23.80 -19.77 17.54
CA ARG A 483 -24.55 -20.41 16.44
C ARG A 483 -25.86 -21.03 16.94
N SER A 484 -26.31 -20.73 18.14
CA SER A 484 -27.47 -21.43 18.76
C SER A 484 -28.78 -21.04 18.05
N GLY A 485 -28.81 -19.94 17.28
CA GLY A 485 -29.99 -19.50 16.52
C GLY A 485 -30.05 -20.14 15.14
N PHE A 486 -29.03 -20.88 14.75
CA PHE A 486 -28.92 -21.49 13.40
C PHE A 486 -30.08 -22.47 13.19
N GLU A 487 -30.36 -23.32 14.19
CA GLU A 487 -31.35 -24.41 14.01
C GLU A 487 -32.73 -23.81 13.66
N GLU A 488 -33.16 -22.76 14.36
CA GLU A 488 -34.46 -22.08 14.11
C GLU A 488 -34.48 -21.51 12.68
N ALA A 489 -33.41 -20.88 12.22
CA ALA A 489 -33.35 -20.34 10.85
C ALA A 489 -33.44 -21.47 9.82
N ILE A 490 -32.70 -22.56 10.02
CA ILE A 490 -32.69 -23.73 9.11
C ILE A 490 -34.12 -24.29 9.04
N GLU A 491 -34.81 -24.39 10.17
CA GLU A 491 -36.18 -25.00 10.22
C GLU A 491 -37.16 -24.12 9.44
N ILE A 492 -37.13 -22.80 9.60
CA ILE A 492 -38.08 -21.93 8.86
C ILE A 492 -37.68 -21.95 7.38
N ALA A 493 -36.40 -22.01 7.05
CA ALA A 493 -35.99 -22.13 5.63
C ALA A 493 -36.61 -23.41 4.99
N LYS A 494 -36.57 -24.53 5.70
CA LYS A 494 -37.06 -25.81 5.14
C LYS A 494 -38.58 -25.73 4.89
N LYS A 495 -39.30 -24.91 5.64
CA LYS A 495 -40.79 -24.75 5.53
C LYS A 495 -41.18 -23.64 4.54
N SER A 496 -40.21 -22.93 3.95
CA SER A 496 -40.46 -21.77 3.06
C SER A 496 -40.21 -22.16 1.60
N ASP A 497 -40.50 -21.25 0.67
CA ASP A 497 -40.18 -21.40 -0.77
C ASP A 497 -38.79 -20.78 -1.05
N VAL A 498 -38.48 -19.72 -0.33
CA VAL A 498 -37.23 -18.95 -0.55
C VAL A 498 -36.76 -18.36 0.77
N ALA A 499 -35.44 -18.39 0.99
CA ALA A 499 -34.80 -17.82 2.18
C ALA A 499 -34.20 -16.48 1.74
N ILE A 500 -34.53 -15.43 2.46
CA ILE A 500 -33.97 -14.07 2.23
C ILE A 500 -33.11 -13.81 3.45
N VAL A 501 -31.80 -13.88 3.24
CA VAL A 501 -30.81 -13.86 4.34
C VAL A 501 -30.20 -12.48 4.34
N VAL A 502 -30.40 -11.76 5.43
CA VAL A 502 -30.09 -10.31 5.49
C VAL A 502 -29.01 -10.15 6.55
N VAL A 503 -27.79 -9.90 6.08
CA VAL A 503 -26.59 -9.93 6.96
C VAL A 503 -25.78 -8.67 6.68
N GLY A 504 -24.86 -8.37 7.55
CA GLY A 504 -23.91 -7.27 7.31
C GLY A 504 -23.43 -6.63 8.58
N ASP A 505 -23.42 -5.30 8.56
CA ASP A 505 -22.69 -4.50 9.55
C ASP A 505 -23.62 -3.95 10.63
N LYS A 506 -23.01 -3.60 11.76
CA LYS A 506 -23.47 -2.55 12.67
C LYS A 506 -22.43 -1.43 12.63
N SER A 507 -22.83 -0.29 12.07
CA SER A 507 -21.93 0.86 11.85
C SER A 507 -21.96 1.81 13.04
N GLY A 508 -20.78 2.29 13.45
CA GLY A 508 -20.63 3.36 14.44
C GLY A 508 -19.19 3.44 14.91
N LEU A 509 -18.98 3.98 16.10
CA LEU A 509 -17.62 4.36 16.55
C LEU A 509 -17.15 3.47 17.69
N THR A 510 -17.98 2.53 18.17
CA THR A 510 -17.73 1.75 19.41
C THR A 510 -17.33 0.32 19.08
N LEU A 511 -16.84 -0.40 20.07
CA LEU A 511 -16.22 -1.73 19.84
C LEU A 511 -17.25 -2.73 19.32
N ASP A 512 -18.53 -2.56 19.67
CA ASP A 512 -19.62 -3.47 19.21
C ASP A 512 -19.95 -3.25 17.73
N CYS A 513 -19.37 -2.20 17.09
CA CYS A 513 -19.59 -1.91 15.66
C CYS A 513 -18.53 -2.61 14.81
N THR A 514 -18.93 -3.00 13.61
CA THR A 514 -18.10 -3.80 12.67
C THR A 514 -17.52 -2.90 11.58
N THR A 515 -18.16 -1.76 11.34
CA THR A 515 -17.71 -0.76 10.35
C THR A 515 -17.97 0.61 10.94
N GLY A 516 -17.47 1.63 10.27
CA GLY A 516 -17.53 3.00 10.78
C GLY A 516 -16.15 3.50 11.17
N GLU A 517 -16.07 4.80 11.37
CA GLU A 517 -14.85 5.44 11.88
C GLU A 517 -14.31 4.66 13.11
N SER A 518 -13.06 4.20 13.01
CA SER A 518 -12.30 3.50 14.08
C SER A 518 -12.56 1.97 14.06
N ARG A 519 -13.37 1.48 13.14
CA ARG A 519 -13.74 0.04 13.03
C ARG A 519 -13.23 -0.49 11.68
N ASP A 520 -11.95 -0.83 11.65
CA ASP A 520 -11.26 -1.31 10.44
C ASP A 520 -11.26 -2.84 10.47
N MET A 521 -11.48 -3.47 9.34
CA MET A 521 -11.67 -4.93 9.23
C MET A 521 -10.56 -5.49 8.36
N ALA A 522 -9.61 -6.21 8.95
CA ALA A 522 -8.42 -6.67 8.23
C ALA A 522 -8.77 -7.72 7.16
N ASN A 523 -9.63 -8.69 7.49
CA ASN A 523 -9.78 -9.92 6.72
C ASN A 523 -11.06 -9.95 5.88
N LEU A 524 -11.89 -8.92 5.94
CA LEU A 524 -13.04 -8.68 5.02
C LEU A 524 -14.00 -9.89 5.02
N LYS A 525 -14.10 -10.60 6.14
CA LYS A 525 -15.13 -11.64 6.29
C LYS A 525 -16.39 -10.96 6.82
N LEU A 526 -17.56 -11.36 6.35
CA LEU A 526 -18.80 -10.88 6.99
C LEU A 526 -18.67 -11.05 8.49
N PRO A 527 -19.11 -10.08 9.28
CA PRO A 527 -18.92 -10.13 10.72
C PRO A 527 -19.56 -11.35 11.41
N GLY A 528 -18.91 -11.75 12.49
CA GLY A 528 -19.41 -12.84 13.34
C GLY A 528 -19.46 -14.16 12.59
N VAL A 529 -20.57 -14.89 12.78
CA VAL A 529 -20.77 -16.17 12.06
C VAL A 529 -21.83 -15.97 10.97
N GLN A 530 -21.97 -14.76 10.44
CA GLN A 530 -22.96 -14.51 9.37
C GLN A 530 -22.64 -15.31 8.11
N GLU A 531 -21.37 -15.46 7.71
CA GLU A 531 -21.05 -16.26 6.51
C GLU A 531 -21.53 -17.69 6.73
N GLU A 532 -21.27 -18.25 7.90
CA GLU A 532 -21.68 -19.64 8.24
C GLU A 532 -23.21 -19.70 8.24
N LEU A 533 -23.90 -18.66 8.71
CA LEU A 533 -25.38 -18.65 8.67
C LEU A 533 -25.84 -18.81 7.21
N VAL A 534 -25.26 -18.00 6.31
CA VAL A 534 -25.64 -18.06 4.87
C VAL A 534 -25.41 -19.48 4.37
N LEU A 535 -24.26 -20.07 4.67
CA LEU A 535 -23.90 -21.39 4.10
C LEU A 535 -24.81 -22.48 4.70
N GLU A 536 -25.20 -22.37 5.95
CA GLU A 536 -26.10 -23.39 6.61
C GLU A 536 -27.47 -23.28 5.95
N VAL A 537 -27.95 -22.06 5.70
CA VAL A 537 -29.27 -21.89 5.06
C VAL A 537 -29.19 -22.50 3.65
N ALA A 538 -28.13 -22.22 2.90
CA ALA A 538 -27.99 -22.69 1.51
C ALA A 538 -27.98 -24.23 1.48
N LYS A 539 -27.43 -24.88 2.50
CA LYS A 539 -27.34 -26.37 2.56
C LYS A 539 -28.73 -27.01 2.56
N THR A 540 -29.78 -26.28 2.92
CA THR A 540 -31.17 -26.80 2.91
C THR A 540 -31.61 -27.10 1.46
N GLY A 541 -30.94 -26.51 0.48
CA GLY A 541 -31.30 -26.63 -0.94
C GLY A 541 -32.38 -25.64 -1.36
N LYS A 542 -32.89 -24.79 -0.47
CA LYS A 542 -33.90 -23.77 -0.83
C LYS A 542 -33.23 -22.64 -1.59
N PRO A 543 -33.94 -21.94 -2.50
CA PRO A 543 -33.42 -20.75 -3.15
C PRO A 543 -33.04 -19.72 -2.08
N VAL A 544 -31.93 -19.01 -2.31
CA VAL A 544 -31.41 -18.03 -1.32
C VAL A 544 -31.15 -16.71 -2.04
N VAL A 545 -31.81 -15.67 -1.56
CA VAL A 545 -31.52 -14.24 -1.86
C VAL A 545 -30.71 -13.71 -0.68
N LEU A 546 -29.48 -13.29 -0.96
CA LEU A 546 -28.57 -12.70 0.03
C LEU A 546 -28.65 -11.19 -0.09
N VAL A 547 -29.00 -10.56 1.01
CA VAL A 547 -29.13 -9.09 1.13
C VAL A 547 -28.02 -8.61 2.06
N LEU A 548 -27.06 -7.85 1.52
CA LEU A 548 -25.94 -7.33 2.32
C LEU A 548 -26.28 -5.91 2.74
N ILE A 549 -26.46 -5.68 4.03
CA ILE A 549 -26.70 -4.32 4.57
C ILE A 549 -25.41 -3.95 5.26
N THR A 550 -24.53 -3.33 4.49
CA THR A 550 -23.12 -3.15 4.89
C THR A 550 -22.59 -1.76 4.52
N GLY A 551 -21.45 -1.42 5.12
CA GLY A 551 -20.75 -0.14 4.92
C GLY A 551 -19.50 -0.33 4.07
N ARG A 552 -19.11 -1.57 3.83
CA ARG A 552 -17.89 -1.88 3.04
C ARG A 552 -18.14 -3.09 2.15
N PRO A 553 -17.35 -3.23 1.07
CA PRO A 553 -17.20 -4.50 0.39
C PRO A 553 -16.74 -5.55 1.42
N TYR A 554 -17.34 -6.73 1.31
CA TYR A 554 -16.93 -7.96 2.03
C TYR A 554 -16.51 -8.98 0.96
N SER A 555 -15.65 -9.90 1.36
CA SER A 555 -15.25 -11.06 0.53
C SER A 555 -16.48 -11.96 0.41
N LEU A 556 -16.98 -12.17 -0.79
CA LEU A 556 -18.17 -13.05 -0.99
C LEU A 556 -17.74 -14.32 -1.71
N LYS A 557 -16.42 -14.56 -1.85
CA LYS A 557 -16.01 -15.70 -2.68
C LYS A 557 -16.55 -17.03 -2.10
N ASN A 558 -16.78 -17.16 -0.81
CA ASN A 558 -17.22 -18.45 -0.23
C ASN A 558 -18.75 -18.59 -0.28
N VAL A 559 -19.49 -17.56 -0.68
CA VAL A 559 -20.99 -17.65 -0.70
C VAL A 559 -21.53 -17.41 -2.09
N VAL A 560 -20.80 -16.74 -2.99
CA VAL A 560 -21.37 -16.27 -4.28
C VAL A 560 -21.94 -17.45 -5.07
N ASP A 561 -21.27 -18.59 -5.09
CA ASP A 561 -21.73 -19.70 -5.96
C ASP A 561 -22.78 -20.54 -5.22
N LYS A 562 -23.09 -20.21 -3.98
CA LYS A 562 -24.00 -21.02 -3.11
C LYS A 562 -25.36 -20.33 -3.02
N VAL A 563 -25.49 -19.11 -3.53
CA VAL A 563 -26.75 -18.33 -3.40
C VAL A 563 -27.23 -17.94 -4.80
N ASN A 564 -28.53 -17.66 -4.93
CA ASN A 564 -29.18 -17.47 -6.25
C ASN A 564 -29.09 -16.01 -6.68
N ALA A 565 -29.18 -15.09 -5.73
CA ALA A 565 -29.10 -13.65 -6.00
C ALA A 565 -28.41 -12.96 -4.85
N ILE A 566 -27.81 -11.80 -5.14
CA ILE A 566 -27.14 -10.98 -4.11
C ILE A 566 -27.49 -9.53 -4.39
N LEU A 567 -28.04 -8.88 -3.38
CA LEU A 567 -28.30 -7.42 -3.33
C LEU A 567 -27.30 -6.78 -2.36
N GLN A 568 -26.61 -5.77 -2.85
CA GLN A 568 -25.78 -4.90 -1.99
C GLN A 568 -26.63 -3.67 -1.63
N VAL A 569 -26.91 -3.52 -0.35
CA VAL A 569 -27.65 -2.39 0.21
C VAL A 569 -26.68 -1.64 1.11
N TRP A 570 -25.95 -0.69 0.54
CA TRP A 570 -25.13 0.21 1.38
C TRP A 570 -26.03 0.85 2.41
N LEU A 571 -25.60 0.87 3.66
CA LEU A 571 -26.33 1.39 4.85
C LEU A 571 -27.32 2.49 4.47
N PRO A 572 -28.61 2.12 4.38
CA PRO A 572 -29.58 2.95 3.67
C PRO A 572 -30.34 3.98 4.50
N GLY A 573 -30.18 3.94 5.82
CA GLY A 573 -30.96 4.77 6.74
C GLY A 573 -32.45 4.42 6.65
N GLU A 574 -33.28 5.42 6.94
CA GLU A 574 -34.71 5.14 7.27
C GLU A 574 -35.47 4.59 6.06
N ALA A 575 -35.05 4.86 4.82
CA ALA A 575 -35.77 4.44 3.60
C ALA A 575 -35.41 3.01 3.18
N GLY A 576 -34.52 2.33 3.89
CA GLY A 576 -33.95 1.06 3.47
C GLY A 576 -34.98 -0.05 3.34
N GLY A 577 -35.85 -0.23 4.34
CA GLY A 577 -36.76 -1.39 4.31
C GLY A 577 -37.63 -1.38 3.08
N ARG A 578 -38.28 -0.26 2.82
CA ARG A 578 -39.22 -0.12 1.69
C ARG A 578 -38.46 -0.35 0.38
N ALA A 579 -37.28 0.28 0.23
CA ALA A 579 -36.51 0.15 -1.04
C ALA A 579 -36.15 -1.30 -1.30
N ILE A 580 -35.71 -2.02 -0.26
CA ILE A 580 -35.26 -3.42 -0.38
C ILE A 580 -36.46 -4.25 -0.90
N VAL A 581 -37.60 -4.10 -0.24
CA VAL A 581 -38.78 -4.96 -0.56
C VAL A 581 -39.31 -4.56 -1.95
N ASP A 582 -39.32 -3.26 -2.26
CA ASP A 582 -39.65 -2.78 -3.63
C ASP A 582 -38.80 -3.50 -4.67
N ILE A 583 -37.48 -3.54 -4.47
CA ILE A 583 -36.56 -4.20 -5.45
C ILE A 583 -36.79 -5.70 -5.50
N ILE A 584 -36.90 -6.37 -4.36
CA ILE A 584 -37.05 -7.84 -4.32
C ILE A 584 -38.26 -8.25 -5.18
N TYR A 585 -39.35 -7.50 -5.12
CA TYR A 585 -40.63 -7.86 -5.79
C TYR A 585 -40.77 -7.14 -7.12
N GLY A 586 -39.77 -6.36 -7.54
CA GLY A 586 -39.79 -5.74 -8.88
C GLY A 586 -40.72 -4.55 -8.99
N LYS A 587 -41.21 -3.97 -7.89
CA LYS A 587 -41.92 -2.69 -7.93
C LYS A 587 -40.93 -1.60 -8.33
N VAL A 588 -39.65 -1.80 -7.98
CA VAL A 588 -38.53 -0.97 -8.48
C VAL A 588 -37.56 -1.89 -9.19
N ASN A 589 -37.09 -1.48 -10.36
CA ASN A 589 -36.07 -2.22 -11.12
C ASN A 589 -34.71 -1.74 -10.58
N PRO A 590 -33.90 -2.62 -9.96
CA PRO A 590 -32.62 -2.16 -9.42
C PRO A 590 -31.79 -1.50 -10.51
N SER A 591 -31.04 -0.47 -10.11
CA SER A 591 -30.29 0.34 -11.09
C SER A 591 -28.96 0.86 -10.51
N GLY A 592 -28.64 0.53 -9.28
CA GLY A 592 -27.36 0.92 -8.67
C GLY A 592 -26.19 0.30 -9.40
N LYS A 593 -25.03 0.98 -9.37
CA LYS A 593 -23.79 0.43 -9.94
C LYS A 593 -22.66 0.61 -8.94
N LEU A 594 -21.78 -0.39 -8.80
CA LEU A 594 -20.70 -0.31 -7.78
C LEU A 594 -19.84 0.92 -8.01
N PRO A 595 -19.61 1.73 -6.97
CA PRO A 595 -18.63 2.83 -7.02
C PRO A 595 -17.27 2.41 -6.47
N ILE A 596 -17.15 1.15 -6.05
CA ILE A 596 -15.90 0.58 -5.49
C ILE A 596 -15.87 -0.91 -5.83
N SER A 597 -14.71 -1.39 -6.21
CA SER A 597 -14.47 -2.81 -6.57
C SER A 597 -14.70 -3.70 -5.33
N PHE A 598 -15.25 -4.91 -5.52
CA PHE A 598 -15.35 -5.93 -4.44
C PHE A 598 -14.22 -6.93 -4.57
N PRO A 599 -13.24 -6.92 -3.64
CA PRO A 599 -12.14 -7.90 -3.67
C PRO A 599 -12.67 -9.31 -3.44
N ARG A 600 -11.99 -10.27 -4.04
CA ARG A 600 -12.24 -11.71 -3.76
CA ARG A 600 -12.23 -11.71 -3.76
C ARG A 600 -11.82 -12.02 -2.32
N SER A 601 -10.80 -11.33 -1.82
CA SER A 601 -10.21 -11.56 -0.49
C SER A 601 -9.38 -10.36 -0.08
N ALA A 602 -9.10 -10.25 1.22
CA ALA A 602 -8.30 -9.14 1.78
C ALA A 602 -6.90 -9.14 1.15
N GLY A 603 -6.35 -10.32 0.85
CA GLY A 603 -4.98 -10.43 0.33
C GLY A 603 -4.87 -9.90 -1.08
N GLN A 604 -6.00 -9.71 -1.76
CA GLN A 604 -6.03 -9.16 -3.12
C GLN A 604 -5.96 -7.62 -3.09
N ILE A 605 -6.09 -6.99 -1.93
CA ILE A 605 -6.16 -5.50 -1.87
C ILE A 605 -4.81 -4.95 -2.29
N PRO A 606 -4.78 -3.90 -3.14
CA PRO A 606 -5.97 -3.28 -3.71
C PRO A 606 -6.37 -3.80 -5.09
N VAL A 607 -7.66 -3.68 -5.40
CA VAL A 607 -8.22 -3.90 -6.75
C VAL A 607 -9.01 -2.66 -7.11
N PHE A 608 -8.79 -2.15 -8.32
CA PHE A 608 -9.48 -0.94 -8.83
C PHE A 608 -9.41 -0.95 -10.34
N HIS A 609 -10.34 -0.25 -10.98
CA HIS A 609 -10.55 -0.42 -12.44
C HIS A 609 -9.47 0.28 -13.26
N TYR A 610 -8.82 1.29 -12.71
CA TYR A 610 -7.91 2.20 -13.42
C TYR A 610 -6.44 1.87 -13.17
N VAL A 611 -6.17 0.58 -12.99
CA VAL A 611 -4.77 0.09 -12.94
C VAL A 611 -4.02 0.45 -14.22
N LYS A 612 -2.72 0.67 -14.06
CA LYS A 612 -1.75 0.77 -15.17
C LYS A 612 -1.62 -0.59 -15.85
N PRO A 613 -0.91 -0.68 -16.98
CA PRO A 613 -0.77 -1.95 -17.67
C PRO A 613 -0.17 -3.04 -16.80
N SER A 614 0.71 -2.64 -15.88
CA SER A 614 1.40 -3.53 -14.92
C SER A 614 0.59 -3.74 -13.64
N GLY A 615 -0.50 -3.00 -13.47
CA GLY A 615 -1.35 -3.16 -12.28
C GLY A 615 -2.41 -4.22 -12.54
N GLY A 616 -3.05 -4.67 -11.48
CA GLY A 616 -4.18 -5.60 -11.62
C GLY A 616 -3.77 -6.98 -12.07
N ARG A 617 -2.47 -7.30 -12.01
CA ARG A 617 -1.95 -8.61 -12.41
C ARG A 617 -0.59 -8.84 -11.74
N SER A 618 -0.25 -10.12 -11.61
CA SER A 618 1.09 -10.60 -11.23
C SER A 618 1.76 -11.08 -12.51
N HIS A 619 2.91 -10.53 -12.86
CA HIS A 619 3.61 -10.95 -14.09
C HIS A 619 4.52 -12.13 -13.75
N TRP A 620 4.58 -13.19 -14.56
CA TRP A 620 4.00 -13.33 -15.88
C TRP A 620 2.89 -14.40 -15.90
N HIS A 621 2.46 -14.92 -14.74
CA HIS A 621 1.36 -15.92 -14.70
C HIS A 621 -0.01 -15.26 -14.59
N GLY A 622 -0.08 -13.95 -14.35
CA GLY A 622 -1.33 -13.18 -14.31
C GLY A 622 -1.94 -13.17 -12.92
N ASP A 623 -2.22 -14.35 -12.37
CA ASP A 623 -2.87 -14.50 -11.06
C ASP A 623 -1.85 -14.71 -9.94
N TYR A 624 -2.32 -14.54 -8.71
CA TYR A 624 -1.62 -15.07 -7.53
C TYR A 624 -1.62 -16.60 -7.63
N VAL A 625 -0.76 -17.22 -6.83
CA VAL A 625 -0.75 -18.69 -6.63
C VAL A 625 -2.15 -19.16 -6.24
N ASP A 626 -2.78 -18.42 -5.34
CA ASP A 626 -3.95 -18.85 -4.55
C ASP A 626 -5.20 -18.05 -4.88
N GLU A 627 -5.17 -17.15 -5.88
CA GLU A 627 -6.27 -16.16 -6.02
C GLU A 627 -6.17 -15.48 -7.37
N SER A 628 -7.33 -15.26 -8.01
CA SER A 628 -7.38 -14.40 -9.22
C SER A 628 -6.92 -12.99 -8.82
N THR A 629 -6.35 -12.24 -9.75
CA THR A 629 -6.05 -10.81 -9.54
C THR A 629 -7.25 -9.92 -9.93
N LYS A 630 -8.33 -10.49 -10.46
CA LYS A 630 -9.55 -9.72 -10.85
C LYS A 630 -10.46 -9.63 -9.64
N PRO A 631 -11.06 -8.46 -9.36
CA PRO A 631 -12.04 -8.38 -8.27
C PRO A 631 -13.22 -9.30 -8.56
N LEU A 632 -13.95 -9.67 -7.52
CA LEU A 632 -15.12 -10.56 -7.69
C LEU A 632 -16.21 -9.79 -8.45
N PHE A 633 -16.48 -8.55 -8.07
CA PHE A 633 -17.38 -7.66 -8.83
C PHE A 633 -16.60 -6.38 -9.13
N PRO A 634 -16.56 -5.95 -10.40
CA PRO A 634 -15.75 -4.80 -10.78
C PRO A 634 -16.51 -3.48 -10.57
N PHE A 635 -15.73 -2.40 -10.60
CA PHE A 635 -16.24 -1.03 -10.60
C PHE A 635 -17.32 -0.88 -11.67
N GLY A 636 -18.42 -0.23 -11.31
CA GLY A 636 -19.50 0.06 -12.28
C GLY A 636 -20.49 -1.10 -12.45
N HIS A 637 -20.26 -2.22 -11.77
CA HIS A 637 -21.12 -3.42 -11.91
C HIS A 637 -22.49 -3.19 -11.28
N GLY A 638 -23.53 -3.60 -11.99
CA GLY A 638 -24.88 -3.61 -11.40
C GLY A 638 -25.86 -4.12 -12.41
N LEU A 639 -26.59 -5.17 -12.05
CA LEU A 639 -27.52 -5.84 -12.98
C LEU A 639 -28.89 -5.18 -12.89
N SER A 640 -29.79 -5.60 -13.78
CA SER A 640 -31.15 -5.05 -13.96
C SER A 640 -32.11 -6.22 -14.18
N TYR A 641 -33.38 -5.96 -13.96
CA TYR A 641 -34.42 -6.95 -14.34
C TYR A 641 -34.80 -6.76 -15.81
N THR A 642 -34.13 -5.85 -16.52
CA THR A 642 -34.31 -5.70 -17.97
C THR A 642 -32.92 -5.75 -18.62
N LYS A 643 -32.90 -5.68 -19.95
CA LYS A 643 -31.68 -5.79 -20.80
C LYS A 643 -31.59 -4.50 -21.59
N PHE A 644 -30.37 -3.95 -21.65
CA PHE A 644 -30.07 -2.71 -22.39
C PHE A 644 -29.13 -3.05 -23.53
N GLU A 645 -29.50 -2.59 -24.71
CA GLU A 645 -28.74 -2.87 -25.94
C GLU A 645 -28.13 -1.57 -26.42
N TYR A 646 -26.81 -1.57 -26.52
CA TYR A 646 -26.02 -0.40 -26.94
C TYR A 646 -25.74 -0.53 -28.44
N SER A 647 -25.85 0.56 -29.18
CA SER A 647 -25.56 0.56 -30.63
C SER A 647 -25.05 1.92 -31.09
N ASN A 648 -24.57 1.97 -32.33
CA ASN A 648 -24.42 3.25 -33.08
C ASN A 648 -23.46 4.17 -32.31
N LEU A 649 -22.26 3.68 -32.00
CA LEU A 649 -21.17 4.51 -31.44
C LEU A 649 -20.79 5.57 -32.49
N ARG A 650 -20.85 6.84 -32.14
CA ARG A 650 -20.29 7.93 -32.95
C ARG A 650 -19.25 8.66 -32.12
N ILE A 651 -18.11 8.97 -32.73
CA ILE A 651 -17.04 9.77 -32.07
C ILE A 651 -16.64 10.87 -33.05
N GLU A 652 -16.89 12.12 -32.73
CA GLU A 652 -16.65 13.20 -33.71
C GLU A 652 -16.07 14.41 -33.00
N PRO A 653 -15.03 15.04 -33.56
CA PRO A 653 -14.29 14.55 -34.74
C PRO A 653 -13.30 13.46 -34.34
N LYS A 654 -12.70 12.78 -35.32
CA LYS A 654 -11.76 11.67 -35.10
C LYS A 654 -10.36 12.16 -34.75
N GLU A 655 -10.04 13.41 -35.12
CA GLU A 655 -8.77 14.09 -34.78
C GLU A 655 -9.15 15.40 -34.11
N VAL A 656 -8.61 15.64 -32.93
CA VAL A 656 -8.92 16.85 -32.14
C VAL A 656 -7.58 17.44 -31.71
N PRO A 657 -7.46 18.77 -31.69
CA PRO A 657 -6.28 19.42 -31.17
C PRO A 657 -6.25 19.32 -29.64
N PRO A 658 -5.11 19.65 -29.00
CA PRO A 658 -4.92 19.37 -27.58
C PRO A 658 -5.79 20.14 -26.57
N ALA A 659 -6.48 21.19 -26.98
CA ALA A 659 -7.51 21.83 -26.14
C ALA A 659 -8.87 21.79 -26.86
N GLY A 660 -9.04 20.81 -27.73
CA GLY A 660 -10.30 20.62 -28.47
C GLY A 660 -11.30 19.80 -27.68
N GLU A 661 -12.34 19.37 -28.37
CA GLU A 661 -13.44 18.63 -27.73
C GLU A 661 -13.91 17.53 -28.68
N VAL A 662 -14.21 16.35 -28.14
CA VAL A 662 -14.79 15.23 -28.91
C VAL A 662 -16.19 15.02 -28.35
N VAL A 663 -17.10 14.62 -29.20
CA VAL A 663 -18.50 14.34 -28.85
C VAL A 663 -18.71 12.88 -29.15
N ILE A 664 -18.99 12.12 -28.11
CA ILE A 664 -19.19 10.66 -28.20
C ILE A 664 -20.68 10.43 -27.99
N LYS A 665 -21.33 9.73 -28.91
CA LYS A 665 -22.77 9.39 -28.78
C LYS A 665 -22.95 7.90 -28.90
N VAL A 666 -23.86 7.38 -28.07
CA VAL A 666 -24.29 5.97 -28.18
C VAL A 666 -25.82 5.94 -28.05
N ASP A 667 -26.42 4.99 -28.73
CA ASP A 667 -27.86 4.67 -28.58
C ASP A 667 -27.97 3.53 -27.58
N VAL A 668 -28.92 3.67 -26.65
CA VAL A 668 -29.22 2.61 -25.66
C VAL A 668 -30.73 2.35 -25.73
N GLU A 669 -31.07 1.08 -25.91
CA GLU A 669 -32.48 0.65 -26.02
C GLU A 669 -32.75 -0.34 -24.91
N ASN A 670 -33.86 -0.12 -24.21
CA ASN A 670 -34.40 -1.12 -23.26
C ASN A 670 -35.09 -2.19 -24.10
N ILE A 671 -34.43 -3.31 -24.36
CA ILE A 671 -34.98 -4.38 -25.24
C ILE A 671 -35.74 -5.42 -24.39
N GLY A 672 -35.83 -5.25 -23.08
CA GLY A 672 -36.55 -6.21 -22.21
C GLY A 672 -37.99 -5.79 -22.02
N ASP A 673 -38.63 -6.32 -20.98
CA ASP A 673 -40.10 -6.18 -20.76
C ASP A 673 -40.41 -5.35 -19.53
N ARG A 674 -39.42 -4.77 -18.86
CA ARG A 674 -39.61 -3.95 -17.65
C ARG A 674 -38.90 -2.62 -17.87
N ASP A 675 -39.55 -1.53 -17.52
CA ASP A 675 -38.94 -0.19 -17.47
C ASP A 675 -37.70 -0.26 -16.55
N GLY A 676 -36.69 0.55 -16.81
CA GLY A 676 -35.54 0.56 -15.91
C GLY A 676 -34.57 1.64 -16.28
N ASP A 677 -33.76 2.03 -15.31
CA ASP A 677 -32.62 2.97 -15.53
C ASP A 677 -31.36 2.15 -15.83
N GLU A 678 -30.58 2.64 -16.78
CA GLU A 678 -29.21 2.17 -17.09
C GLU A 678 -28.25 3.29 -16.71
N VAL A 679 -27.08 2.95 -16.17
CA VAL A 679 -26.00 3.95 -15.96
C VAL A 679 -24.96 3.65 -17.02
N VAL A 680 -24.98 4.43 -18.06
CA VAL A 680 -24.06 4.32 -19.23
C VAL A 680 -22.71 4.93 -18.80
N GLN A 681 -21.64 4.16 -18.93
CA GLN A 681 -20.31 4.55 -18.40
C GLN A 681 -19.33 4.73 -19.54
N LEU A 682 -18.58 5.85 -19.52
CA LEU A 682 -17.51 6.15 -20.50
C LEU A 682 -16.12 5.94 -19.83
N TYR A 683 -15.35 5.05 -20.38
CA TYR A 683 -13.97 4.78 -19.93
C TYR A 683 -13.04 5.23 -21.06
N ILE A 684 -11.93 5.82 -20.65
CA ILE A 684 -10.89 6.28 -21.60
C ILE A 684 -9.60 5.58 -21.28
N GLY A 685 -8.95 5.07 -22.31
CA GLY A 685 -7.63 4.45 -22.19
C GLY A 685 -6.62 5.21 -23.02
N ARG A 686 -5.37 5.11 -22.63
CA ARG A 686 -4.27 5.78 -23.32
C ARG A 686 -3.05 4.90 -23.19
N GLU A 687 -2.30 4.72 -24.28
CA GLU A 687 -0.94 4.17 -24.22
C GLU A 687 -0.01 5.14 -24.94
N PHE A 688 1.29 4.90 -24.85
CA PHE A 688 2.34 5.68 -25.53
C PHE A 688 2.22 7.14 -25.17
N ALA A 689 1.91 7.41 -23.89
CA ALA A 689 2.15 8.71 -23.27
C ALA A 689 3.59 8.70 -22.77
N SER A 690 4.03 9.79 -22.21
CA SER A 690 5.40 9.93 -21.65
C SER A 690 5.48 9.28 -20.28
N VAL A 691 4.33 8.96 -19.69
CA VAL A 691 4.18 8.21 -18.42
C VAL A 691 3.19 7.08 -18.66
N THR A 692 3.20 6.06 -17.81
CA THR A 692 2.19 5.00 -17.93
C THR A 692 0.81 5.57 -17.59
N ARG A 693 -0.20 5.06 -18.26
CA ARG A 693 -1.58 5.56 -18.01
C ARG A 693 -2.48 4.38 -17.70
N PRO A 694 -3.61 4.62 -17.01
CA PRO A 694 -4.60 3.57 -16.83
C PRO A 694 -5.04 3.02 -18.20
N VAL A 695 -5.19 1.71 -18.26
CA VAL A 695 -5.71 1.02 -19.46
C VAL A 695 -7.16 1.49 -19.69
N LYS A 696 -7.92 1.65 -18.63
CA LYS A 696 -9.24 2.31 -18.72
C LYS A 696 -9.49 3.04 -17.41
N GLU A 697 -10.07 4.23 -17.52
N GLU A 697 -10.08 4.22 -17.53
CA GLU A 697 -10.45 5.05 -16.34
CA GLU A 697 -10.48 5.03 -16.35
C GLU A 697 -11.78 5.74 -16.64
C GLU A 697 -11.79 5.73 -16.65
N LEU A 698 -12.68 5.75 -15.66
CA LEU A 698 -13.99 6.41 -15.83
C LEU A 698 -13.74 7.90 -16.08
N LYS A 699 -14.35 8.44 -17.12
CA LYS A 699 -14.24 9.88 -17.45
C LYS A 699 -15.61 10.47 -17.79
N GLY A 700 -16.69 9.68 -17.74
CA GLY A 700 -18.04 10.24 -17.91
C GLY A 700 -19.07 9.21 -17.58
N PHE A 701 -20.31 9.65 -17.35
CA PHE A 701 -21.40 8.69 -17.13
C PHE A 701 -22.74 9.40 -17.23
N LYS A 702 -23.79 8.63 -17.49
CA LYS A 702 -25.15 9.19 -17.50
C LYS A 702 -26.15 8.12 -17.11
N ARG A 703 -26.87 8.37 -16.03
CA ARG A 703 -28.08 7.57 -15.69
C ARG A 703 -29.19 7.94 -16.68
N VAL A 704 -29.77 6.94 -17.35
CA VAL A 704 -30.84 7.21 -18.37
C VAL A 704 -32.04 6.31 -18.05
N SER A 705 -33.21 6.90 -17.99
CA SER A 705 -34.50 6.17 -17.80
C SER A 705 -34.97 5.64 -19.15
N LEU A 706 -35.28 4.35 -19.23
CA LEU A 706 -35.76 3.76 -20.50
C LEU A 706 -37.00 2.90 -20.21
N LYS A 707 -38.15 3.31 -20.72
CA LYS A 707 -39.33 2.40 -20.66
C LYS A 707 -38.96 1.17 -21.47
N ALA A 708 -39.71 0.07 -21.26
CA ALA A 708 -39.58 -1.11 -22.12
C ALA A 708 -39.71 -0.64 -23.57
N LYS A 709 -38.78 -1.07 -24.42
CA LYS A 709 -38.67 -0.81 -25.88
C LYS A 709 -38.36 0.65 -26.18
N GLU A 710 -38.03 1.49 -25.20
CA GLU A 710 -37.60 2.88 -25.46
C GLU A 710 -36.11 2.88 -25.84
N LYS A 711 -35.77 3.74 -26.80
CA LYS A 711 -34.37 3.99 -27.21
C LYS A 711 -34.11 5.47 -27.03
N LYS A 712 -32.94 5.79 -26.47
CA LYS A 712 -32.45 7.17 -26.34
C LYS A 712 -30.99 7.21 -26.77
N THR A 713 -30.51 8.40 -27.09
CA THR A 713 -29.09 8.69 -27.37
C THR A 713 -28.49 9.31 -26.10
N VAL A 714 -27.35 8.78 -25.68
CA VAL A 714 -26.55 9.41 -24.60
C VAL A 714 -25.38 10.12 -25.26
N VAL A 715 -25.14 11.36 -24.86
CA VAL A 715 -24.10 12.22 -25.47
C VAL A 715 -23.09 12.58 -24.40
N PHE A 716 -21.80 12.40 -24.70
CA PHE A 716 -20.70 12.81 -23.82
C PHE A 716 -19.90 13.85 -24.59
N ARG A 717 -19.85 15.07 -24.05
N ARG A 717 -19.85 15.06 -24.06
CA ARG A 717 -19.02 16.16 -24.63
CA ARG A 717 -19.02 16.16 -24.62
C ARG A 717 -17.73 16.20 -23.80
C ARG A 717 -17.72 16.20 -23.80
N LEU A 718 -16.63 15.73 -24.40
CA LEU A 718 -15.38 15.44 -23.67
C LEU A 718 -14.32 16.43 -24.16
N HIS A 719 -14.09 17.46 -23.35
CA HIS A 719 -13.01 18.43 -23.61
C HIS A 719 -11.66 17.77 -23.28
N MET A 720 -10.62 18.07 -24.04
CA MET A 720 -9.31 17.41 -23.78
C MET A 720 -8.76 17.82 -22.42
N ASP A 721 -9.14 18.98 -21.89
CA ASP A 721 -8.78 19.36 -20.50
C ASP A 721 -9.06 18.19 -19.54
N VAL A 722 -10.18 17.49 -19.72
CA VAL A 722 -10.66 16.42 -18.80
C VAL A 722 -9.64 15.26 -18.77
N LEU A 723 -8.89 15.07 -19.86
CA LEU A 723 -7.94 13.93 -20.00
C LEU A 723 -6.53 14.29 -19.54
N ALA A 724 -6.30 15.50 -19.05
CA ALA A 724 -4.92 15.95 -18.72
C ALA A 724 -4.35 15.06 -17.61
N TYR A 725 -3.04 14.79 -17.68
CA TYR A 725 -2.32 14.04 -16.63
C TYR A 725 -0.93 14.64 -16.45
N TYR A 726 -0.26 14.23 -15.40
CA TYR A 726 1.08 14.75 -15.02
C TYR A 726 2.16 13.92 -15.72
N ASN A 727 3.09 14.64 -16.36
CA ASN A 727 4.17 14.04 -17.16
C ASN A 727 5.42 13.78 -16.27
N ARG A 728 6.55 13.43 -16.88
CA ARG A 728 7.83 13.12 -16.18
CA ARG A 728 7.78 13.08 -16.11
C ARG A 728 8.26 14.28 -15.29
N ASP A 729 8.01 15.49 -15.76
CA ASP A 729 8.46 16.74 -15.07
C ASP A 729 7.36 17.33 -14.21
N MET A 730 6.30 16.57 -13.89
CA MET A 730 5.17 16.99 -13.03
C MET A 730 4.43 18.18 -13.67
N LYS A 731 4.40 18.26 -14.98
CA LYS A 731 3.58 19.24 -15.72
C LYS A 731 2.25 18.57 -16.10
N LEU A 732 1.14 19.31 -15.98
CA LEU A 732 -0.17 18.81 -16.43
C LEU A 732 -0.23 18.98 -17.95
N VAL A 733 -0.44 17.88 -18.70
CA VAL A 733 -0.31 17.89 -20.16
C VAL A 733 -1.46 17.14 -20.84
N VAL A 734 -1.63 17.49 -22.10
CA VAL A 734 -2.33 16.67 -23.13
C VAL A 734 -1.32 16.41 -24.23
N GLU A 735 -1.01 15.15 -24.47
CA GLU A 735 0.01 14.75 -25.44
C GLU A 735 -0.68 14.20 -26.67
N PRO A 736 -0.17 14.48 -27.88
CA PRO A 736 -0.72 13.86 -29.07
C PRO A 736 -0.63 12.33 -28.98
N GLY A 737 -1.59 11.68 -29.62
CA GLY A 737 -1.69 10.21 -29.67
C GLY A 737 -3.12 9.76 -29.72
N GLU A 738 -3.34 8.48 -29.49
CA GLU A 738 -4.66 7.87 -29.68
C GLU A 738 -5.26 7.63 -28.29
N PHE A 739 -6.54 7.96 -28.12
CA PHE A 739 -7.32 7.66 -26.91
C PHE A 739 -8.36 6.60 -27.27
N LYS A 740 -8.44 5.56 -26.48
CA LYS A 740 -9.44 4.49 -26.66
C LYS A 740 -10.70 4.88 -25.87
N VAL A 741 -11.82 4.76 -26.53
CA VAL A 741 -13.17 5.03 -26.00
C VAL A 741 -13.87 3.71 -25.76
N MET A 742 -14.31 3.48 -24.52
CA MET A 742 -14.99 2.22 -24.11
C MET A 742 -16.27 2.62 -23.38
N VAL A 743 -17.42 2.30 -23.96
CA VAL A 743 -18.72 2.66 -23.37
C VAL A 743 -19.44 1.36 -22.99
N GLY A 744 -20.01 1.34 -21.80
CA GLY A 744 -20.69 0.11 -21.37
C GLY A 744 -21.41 0.23 -20.06
N SER A 745 -21.81 -0.93 -19.57
CA SER A 745 -22.77 -1.09 -18.44
C SER A 745 -21.98 -1.33 -17.15
N SER A 746 -20.68 -1.60 -17.27
CA SER A 746 -19.74 -1.61 -16.13
C SER A 746 -18.34 -1.39 -16.69
N SER A 747 -17.32 -1.33 -15.83
CA SER A 747 -15.93 -1.19 -16.29
C SER A 747 -15.51 -2.46 -17.05
N GLU A 748 -16.15 -3.62 -16.80
CA GLU A 748 -15.84 -4.88 -17.52
C GLU A 748 -16.83 -5.12 -18.67
N ASP A 749 -18.09 -4.77 -18.48
CA ASP A 749 -19.17 -5.00 -19.45
C ASP A 749 -19.19 -3.86 -20.47
N ILE A 750 -18.10 -3.73 -21.20
CA ILE A 750 -17.96 -2.75 -22.30
C ILE A 750 -18.76 -3.23 -23.49
N ARG A 751 -19.56 -2.36 -24.08
CA ARG A 751 -20.51 -2.74 -25.16
C ARG A 751 -20.05 -2.15 -26.50
N LEU A 752 -19.39 -0.99 -26.51
CA LEU A 752 -18.99 -0.33 -27.77
C LEU A 752 -17.60 0.24 -27.55
N THR A 753 -16.73 0.12 -28.54
CA THR A 753 -15.34 0.60 -28.43
CA THR A 753 -15.34 0.62 -28.42
C THR A 753 -14.95 1.35 -29.71
N GLY A 754 -14.17 2.39 -29.55
CA GLY A 754 -13.63 3.15 -30.68
C GLY A 754 -12.49 3.98 -30.21
N SER A 755 -12.06 4.94 -31.01
CA SER A 755 -10.87 5.75 -30.65
C SER A 755 -10.94 7.08 -31.38
N PHE A 756 -10.17 8.01 -30.87
CA PHE A 756 -9.92 9.30 -31.52
C PHE A 756 -8.46 9.62 -31.25
N SER A 757 -7.93 10.61 -31.99
CA SER A 757 -6.54 11.06 -31.86
C SER A 757 -6.49 12.51 -31.44
N VAL A 758 -5.54 12.82 -30.57
CA VAL A 758 -5.09 14.20 -30.34
C VAL A 758 -3.95 14.45 -31.32
N VAL A 759 -4.08 15.53 -32.06
CA VAL A 759 -3.11 15.90 -33.12
C VAL A 759 -2.63 17.31 -32.81
N GLY A 760 -1.32 17.48 -32.82
CA GLY A 760 -0.68 18.78 -32.63
C GLY A 760 0.45 18.65 -31.65
N GLU A 761 0.93 19.78 -31.16
CA GLU A 761 2.09 19.83 -30.25
C GLU A 761 1.61 19.49 -28.84
N LYS A 762 2.42 18.78 -28.07
CA LYS A 762 2.21 18.54 -26.63
C LYS A 762 1.78 19.87 -25.99
N ARG A 763 0.73 19.83 -25.19
CA ARG A 763 0.17 21.02 -24.52
C ARG A 763 0.41 20.94 -23.03
N GLU A 764 0.95 22.01 -22.45
CA GLU A 764 0.92 22.19 -20.99
C GLU A 764 -0.41 22.88 -20.68
N VAL A 765 -1.19 22.24 -19.83
CA VAL A 765 -2.51 22.73 -19.38
C VAL A 765 -2.25 23.71 -18.24
N VAL A 766 -2.37 25.02 -18.49
CA VAL A 766 -2.11 26.02 -17.44
C VAL A 766 -3.40 26.73 -17.06
N GLY A 767 -3.50 27.10 -15.81
CA GLY A 767 -4.62 27.90 -15.30
C GLY A 767 -5.87 27.05 -15.23
N MET A 768 -7.01 27.71 -15.29
CA MET A 768 -8.32 27.03 -15.19
C MET A 768 -8.50 26.10 -16.39
N ARG A 769 -9.11 24.96 -16.11
CA ARG A 769 -9.36 23.93 -17.13
C ARG A 769 -10.66 23.22 -16.77
N LYS A 770 -11.27 22.58 -17.75
CA LYS A 770 -12.49 21.74 -17.52
C LYS A 770 -12.10 20.49 -16.75
N PHE A 771 -12.96 20.09 -15.79
CA PHE A 771 -12.77 18.85 -15.00
C PHE A 771 -13.64 17.71 -15.52
N PHE A 772 -14.83 18.05 -16.04
CA PHE A 772 -15.88 17.06 -16.28
C PHE A 772 -16.28 16.99 -17.73
N THR A 773 -16.66 15.77 -18.11
CA THR A 773 -17.40 15.48 -19.34
C THR A 773 -18.83 15.97 -19.12
N GLU A 774 -19.41 16.63 -20.11
CA GLU A 774 -20.83 17.00 -20.06
C GLU A 774 -21.60 15.80 -20.60
N ALA A 775 -22.57 15.34 -19.85
CA ALA A 775 -23.33 14.12 -20.22
C ALA A 775 -24.78 14.53 -20.34
N CYS A 776 -25.39 14.20 -21.46
CA CYS A 776 -26.86 14.46 -21.60
CA CYS A 776 -26.80 14.57 -21.76
C CYS A 776 -27.51 13.40 -22.47
N GLU A 777 -28.83 13.52 -22.60
CA GLU A 777 -29.64 12.65 -23.46
C GLU A 777 -30.22 13.47 -24.60
N GLU A 778 -30.35 12.86 -25.78
CA GLU A 778 -30.95 13.38 -27.04
C GLU A 778 -31.90 12.28 -27.55
N ALA A 779 -32.83 12.63 -28.44
CA ALA A 779 -33.70 11.67 -29.17
C ALA A 779 -32.84 10.79 -30.08
N ALA A 780 -33.03 9.48 -30.03
CA ALA A 780 -32.42 8.55 -31.02
C ALA A 780 -33.13 8.75 -32.36
N ALA A 781 -32.47 8.41 -33.48
CA ALA A 781 -33.00 8.59 -34.86
C ALA A 781 -34.12 7.58 -35.11
N LEU A 782 -35.15 7.99 -35.84
CA LEU A 782 -36.32 7.15 -36.25
C LEU A 782 -35.88 6.24 -37.40
N MET B 1 52.42 -1.00 -30.65
CA MET B 1 51.34 -1.34 -29.70
C MET B 1 50.50 -0.08 -29.44
N GLU B 2 49.23 -0.14 -29.83
CA GLU B 2 48.23 0.92 -29.54
C GLU B 2 48.21 1.18 -28.02
N LEU B 3 47.95 2.42 -27.60
CA LEU B 3 47.93 2.79 -26.17
C LEU B 3 46.94 1.87 -25.42
N TYR B 4 45.79 1.58 -25.99
CA TYR B 4 44.78 0.79 -25.24
C TYR B 4 45.32 -0.61 -24.90
N ARG B 5 46.30 -1.10 -25.63
CA ARG B 5 46.77 -2.49 -25.44
C ARG B 5 47.86 -2.49 -24.37
N ASP B 6 48.32 -1.31 -23.97
CA ASP B 6 49.57 -1.16 -23.18
C ASP B 6 49.22 -1.05 -21.70
N PRO B 7 49.50 -2.10 -20.90
CA PRO B 7 49.17 -2.08 -19.47
C PRO B 7 49.97 -1.08 -18.64
N SER B 8 51.01 -0.47 -19.22
CA SER B 8 51.78 0.58 -18.52
C SER B 8 51.01 1.90 -18.56
N GLN B 9 49.97 2.03 -19.39
CA GLN B 9 49.19 3.26 -19.47
C GLN B 9 48.10 3.23 -18.40
N PRO B 10 47.75 4.39 -17.81
CA PRO B 10 46.64 4.45 -16.88
C PRO B 10 45.34 4.07 -17.60
N ILE B 11 44.42 3.52 -16.85
CA ILE B 11 43.15 3.01 -17.46
C ILE B 11 42.42 4.15 -18.18
N GLU B 12 42.43 5.39 -17.69
CA GLU B 12 41.65 6.45 -18.39
C GLU B 12 42.25 6.65 -19.77
N VAL B 13 43.58 6.57 -19.90
CA VAL B 13 44.27 6.74 -21.21
C VAL B 13 43.88 5.59 -22.14
N ARG B 14 43.83 4.37 -21.62
CA ARG B 14 43.50 3.20 -22.46
C ARG B 14 42.05 3.29 -22.94
N VAL B 15 41.14 3.66 -22.05
CA VAL B 15 39.69 3.82 -22.42
C VAL B 15 39.58 4.89 -23.52
N ARG B 16 40.19 6.05 -23.34
CA ARG B 16 40.05 7.16 -24.32
CA ARG B 16 40.07 7.15 -24.31
C ARG B 16 40.64 6.72 -25.67
N ASP B 17 41.80 6.06 -25.65
CA ASP B 17 42.45 5.58 -26.88
C ASP B 17 41.54 4.59 -27.58
N LEU B 18 41.03 3.59 -26.86
CA LEU B 18 40.17 2.57 -27.49
C LEU B 18 38.89 3.22 -28.03
N LEU B 19 38.24 4.07 -27.25
CA LEU B 19 36.97 4.72 -27.71
C LEU B 19 37.24 5.48 -29.02
N SER B 20 38.38 6.14 -29.12
CA SER B 20 38.73 6.94 -30.32
C SER B 20 38.88 6.05 -31.55
N ARG B 21 39.15 4.75 -31.40
CA ARG B 21 39.43 3.82 -32.52
C ARG B 21 38.16 3.14 -32.98
N MET B 22 37.04 3.28 -32.22
CA MET B 22 35.89 2.40 -32.43
C MET B 22 34.92 3.03 -33.43
N THR B 23 34.34 2.23 -34.29
CA THR B 23 33.18 2.63 -35.11
C THR B 23 31.93 2.70 -34.23
N LEU B 24 30.92 3.41 -34.73
CA LEU B 24 29.60 3.46 -34.04
C LEU B 24 29.08 2.03 -33.82
N GLU B 25 29.20 1.17 -34.81
CA GLU B 25 28.74 -0.23 -34.71
C GLU B 25 29.48 -0.96 -33.57
N GLU B 26 30.80 -0.80 -33.49
CA GLU B 26 31.61 -1.40 -32.40
C GLU B 26 31.20 -0.84 -31.04
N LYS B 27 30.92 0.47 -30.96
CA LYS B 27 30.47 1.11 -29.70
C LYS B 27 29.16 0.47 -29.25
N VAL B 28 28.20 0.40 -30.15
CA VAL B 28 26.84 -0.08 -29.78
C VAL B 28 26.93 -1.55 -29.36
N ALA B 29 27.82 -2.32 -29.99
CA ALA B 29 27.97 -3.76 -29.65
C ALA B 29 28.46 -3.93 -28.22
N GLN B 30 29.23 -2.99 -27.67
CA GLN B 30 29.72 -3.05 -26.29
C GLN B 30 28.56 -2.84 -25.33
N LEU B 31 27.38 -2.40 -25.81
CA LEU B 31 26.26 -2.11 -24.87
C LEU B 31 25.26 -3.26 -24.89
N GLY B 32 25.59 -4.37 -25.58
CA GLY B 32 24.68 -5.51 -25.70
C GLY B 32 25.27 -6.79 -25.18
N SER B 33 24.59 -7.86 -25.52
CA SER B 33 24.85 -9.17 -24.86
C SER B 33 24.36 -10.29 -25.77
N VAL B 34 24.82 -11.49 -25.46
CA VAL B 34 24.41 -12.73 -26.18
C VAL B 34 24.30 -13.83 -25.13
N TRP B 35 23.33 -14.70 -25.26
CA TRP B 35 23.24 -15.85 -24.33
C TRP B 35 24.38 -16.85 -24.57
N GLY B 36 24.91 -17.44 -23.50
CA GLY B 36 25.86 -18.55 -23.62
C GLY B 36 25.33 -19.60 -24.58
N TYR B 37 24.06 -19.98 -24.49
CA TYR B 37 23.53 -21.14 -25.29
C TYR B 37 23.48 -20.80 -26.78
N GLU B 38 23.55 -19.52 -27.17
CA GLU B 38 23.54 -19.15 -28.61
C GLU B 38 24.90 -19.42 -29.26
N LEU B 39 25.93 -19.76 -28.47
CA LEU B 39 27.34 -19.85 -28.93
C LEU B 39 27.82 -21.28 -28.83
N ILE B 40 26.91 -22.24 -28.65
CA ILE B 40 27.31 -23.67 -28.54
C ILE B 40 26.62 -24.51 -29.60
N ASP B 41 27.27 -25.61 -29.98
CA ASP B 41 26.67 -26.67 -30.85
C ASP B 41 25.86 -27.60 -29.93
N GLU B 42 25.29 -28.66 -30.50
CA GLU B 42 24.40 -29.59 -29.74
C GLU B 42 25.18 -30.37 -28.68
N ARG B 43 26.51 -30.37 -28.71
CA ARG B 43 27.33 -31.10 -27.69
C ARG B 43 27.91 -30.12 -26.65
N GLY B 44 27.46 -28.85 -26.63
CA GLY B 44 27.94 -27.86 -25.64
C GLY B 44 29.33 -27.36 -25.92
N LYS B 45 29.80 -27.46 -27.16
CA LYS B 45 31.12 -26.90 -27.56
C LYS B 45 30.90 -25.56 -28.27
N PHE B 46 31.86 -24.67 -28.07
CA PHE B 46 31.85 -23.35 -28.76
C PHE B 46 31.66 -23.58 -30.24
N SER B 47 30.74 -22.85 -30.85
CA SER B 47 30.46 -22.92 -32.32
C SER B 47 31.00 -21.66 -32.99
N ARG B 48 32.12 -21.77 -33.71
CA ARG B 48 32.66 -20.66 -34.52
C ARG B 48 31.60 -20.14 -35.48
N GLU B 49 30.81 -21.02 -36.10
CA GLU B 49 29.75 -20.65 -37.09
C GLU B 49 28.76 -19.70 -36.43
N LYS B 50 28.32 -19.97 -35.20
CA LYS B 50 27.31 -19.10 -34.50
C LYS B 50 27.99 -17.80 -34.04
N ALA B 51 29.21 -17.88 -33.54
CA ALA B 51 29.99 -16.68 -33.11
C ALA B 51 30.23 -15.72 -34.26
N LYS B 52 30.47 -16.22 -35.48
CA LYS B 52 30.79 -15.35 -36.64
C LYS B 52 29.65 -14.33 -36.81
N GLU B 53 28.40 -14.74 -36.60
CA GLU B 53 27.21 -13.88 -36.77
C GLU B 53 27.11 -12.95 -35.53
N LEU B 54 27.20 -13.50 -34.32
CA LEU B 54 26.78 -12.79 -33.08
C LEU B 54 27.91 -11.92 -32.50
N LEU B 55 29.16 -12.33 -32.68
CA LEU B 55 30.31 -11.69 -32.01
C LEU B 55 31.17 -10.90 -33.01
N LYS B 56 30.78 -10.79 -34.26
CA LYS B 56 31.69 -10.26 -35.33
C LYS B 56 32.17 -8.85 -34.99
N ASN B 57 31.33 -8.03 -34.33
CA ASN B 57 31.68 -6.62 -34.01
C ASN B 57 32.02 -6.47 -32.51
N GLY B 58 32.35 -7.55 -31.83
CA GLY B 58 32.53 -7.55 -30.37
C GLY B 58 31.19 -7.63 -29.65
N ILE B 59 31.27 -7.64 -28.32
CA ILE B 59 30.07 -7.79 -27.47
C ILE B 59 30.37 -7.20 -26.11
N GLY B 60 29.35 -6.67 -25.46
CA GLY B 60 29.44 -6.23 -24.07
C GLY B 60 29.59 -7.45 -23.18
N GLN B 61 28.53 -8.24 -23.09
CA GLN B 61 28.51 -9.37 -22.13
C GLN B 61 28.08 -10.67 -22.78
N ILE B 62 28.53 -11.76 -22.17
CA ILE B 62 27.92 -13.09 -22.39
C ILE B 62 27.05 -13.39 -21.18
N THR B 63 25.78 -13.69 -21.45
CA THR B 63 24.78 -14.00 -20.42
C THR B 63 24.88 -15.49 -20.08
N ARG B 64 25.31 -15.79 -18.85
CA ARG B 64 25.18 -17.13 -18.22
C ARG B 64 25.76 -18.21 -19.14
N PRO B 65 27.06 -18.12 -19.50
CA PRO B 65 27.68 -19.24 -20.23
C PRO B 65 27.63 -20.58 -19.48
N GLY B 66 27.63 -20.55 -18.15
CA GLY B 66 27.38 -21.73 -17.30
C GLY B 66 25.91 -21.94 -17.04
N GLY B 67 25.21 -20.91 -16.56
CA GLY B 67 23.82 -21.03 -16.12
C GLY B 67 22.83 -21.36 -17.24
N SER B 68 23.13 -21.06 -18.52
CA SER B 68 22.16 -21.20 -19.62
C SER B 68 22.52 -22.38 -20.54
N THR B 69 23.59 -23.10 -20.26
CA THR B 69 24.13 -24.16 -21.16
C THR B 69 24.08 -25.54 -20.50
N ASN B 70 23.78 -25.62 -19.21
CA ASN B 70 23.84 -26.87 -18.43
C ASN B 70 25.21 -27.55 -18.59
N LEU B 71 26.28 -26.78 -18.71
CA LEU B 71 27.66 -27.31 -18.73
C LEU B 71 28.21 -27.43 -17.33
N GLU B 72 29.03 -28.45 -17.10
CA GLU B 72 29.82 -28.59 -15.85
C GLU B 72 30.90 -27.53 -15.88
N PRO B 73 31.50 -27.21 -14.71
CA PRO B 73 32.44 -26.08 -14.65
C PRO B 73 33.59 -26.11 -15.65
N GLN B 74 34.24 -27.26 -15.84
CA GLN B 74 35.39 -27.29 -16.78
C GLN B 74 34.91 -27.03 -18.21
N GLU B 75 33.73 -27.55 -18.60
CA GLU B 75 33.16 -27.37 -19.95
C GLU B 75 32.74 -25.90 -20.13
N ALA B 76 32.19 -25.29 -19.08
CA ALA B 76 31.83 -23.86 -19.11
C ALA B 76 33.08 -23.00 -19.28
N ALA B 77 34.14 -23.30 -18.54
CA ALA B 77 35.42 -22.57 -18.63
C ALA B 77 36.00 -22.70 -20.04
N GLU B 78 35.94 -23.89 -20.63
CA GLU B 78 36.42 -24.09 -22.02
C GLU B 78 35.59 -23.23 -22.98
N LEU B 79 34.27 -23.23 -22.84
CA LEU B 79 33.41 -22.41 -23.69
C LEU B 79 33.83 -20.93 -23.54
N VAL B 80 33.94 -20.47 -22.29
CA VAL B 80 34.28 -19.03 -22.07
C VAL B 80 35.64 -18.72 -22.69
N ASN B 81 36.64 -19.58 -22.50
CA ASN B 81 37.97 -19.35 -23.13
C ASN B 81 37.81 -19.25 -24.64
N GLU B 82 37.02 -20.12 -25.28
CA GLU B 82 36.87 -20.11 -26.78
C GLU B 82 36.13 -18.84 -27.25
N ILE B 83 35.17 -18.37 -26.46
CA ILE B 83 34.47 -17.09 -26.77
C ILE B 83 35.51 -15.96 -26.69
N GLN B 84 36.26 -15.90 -25.61
CA GLN B 84 37.27 -14.86 -25.39
C GLN B 84 38.31 -14.92 -26.53
N ARG B 85 38.76 -16.13 -26.90
N ARG B 85 38.73 -16.14 -26.91
CA ARG B 85 39.78 -16.22 -27.98
CA ARG B 85 39.77 -16.22 -27.96
C ARG B 85 39.20 -15.66 -29.28
C ARG B 85 39.20 -15.67 -29.27
N PHE B 86 37.95 -15.99 -29.60
CA PHE B 86 37.29 -15.46 -30.82
C PHE B 86 37.27 -13.92 -30.78
N LEU B 87 36.85 -13.35 -29.65
CA LEU B 87 36.82 -11.87 -29.50
C LEU B 87 38.22 -11.27 -29.60
N VAL B 88 39.19 -11.84 -28.89
CA VAL B 88 40.57 -11.29 -28.82
C VAL B 88 41.22 -11.44 -30.20
N GLU B 89 41.00 -12.56 -30.91
CA GLU B 89 41.85 -12.89 -32.08
C GLU B 89 41.09 -12.65 -33.39
N GLU B 90 39.77 -12.64 -33.40
CA GLU B 90 39.00 -12.60 -34.68
C GLU B 90 38.04 -11.41 -34.74
N THR B 91 38.20 -10.42 -33.88
CA THR B 91 37.51 -9.12 -34.07
C THR B 91 38.58 -8.08 -34.31
N ARG B 92 38.19 -6.99 -34.96
CA ARG B 92 39.16 -5.93 -35.35
C ARG B 92 39.91 -5.42 -34.12
N LEU B 93 39.23 -5.06 -33.03
CA LEU B 93 39.88 -4.38 -31.88
C LEU B 93 40.24 -5.35 -30.76
N GLY B 94 39.68 -6.56 -30.75
CA GLY B 94 40.10 -7.57 -29.76
C GLY B 94 39.58 -7.30 -28.37
N ILE B 95 38.43 -6.64 -28.24
CA ILE B 95 37.85 -6.34 -26.89
C ILE B 95 37.25 -7.61 -26.32
N PRO B 96 37.69 -8.10 -25.15
CA PRO B 96 37.11 -9.29 -24.56
C PRO B 96 35.69 -9.02 -24.03
N ALA B 97 34.96 -10.09 -23.77
CA ALA B 97 33.62 -9.99 -23.14
C ALA B 97 33.76 -9.93 -21.61
N MET B 98 32.79 -9.28 -20.96
CA MET B 98 32.43 -9.57 -19.55
C MET B 98 31.42 -10.70 -19.52
N ILE B 99 31.63 -11.65 -18.63
CA ILE B 99 30.71 -12.78 -18.41
C ILE B 99 29.95 -12.49 -17.12
N HIS B 100 28.64 -12.63 -17.15
CA HIS B 100 27.87 -12.65 -15.89
C HIS B 100 27.20 -14.00 -15.70
N GLU B 101 26.88 -14.28 -14.45
CA GLU B 101 26.06 -15.44 -14.01
C GLU B 101 25.15 -14.95 -12.89
N GLU B 102 24.10 -15.70 -12.59
CA GLU B 102 23.41 -15.52 -11.30
C GLU B 102 24.33 -16.11 -10.23
N CYS B 103 24.31 -15.57 -9.03
CA CYS B 103 25.11 -16.15 -7.93
C CYS B 103 24.52 -15.85 -6.57
N LEU B 104 23.23 -15.51 -6.50
CA LEU B 104 22.66 -15.06 -5.20
C LEU B 104 23.02 -16.06 -4.09
N THR B 105 22.68 -17.33 -4.32
CA THR B 105 22.89 -18.44 -3.36
C THR B 105 24.09 -19.28 -3.81
N GLY B 106 25.10 -18.63 -4.37
CA GLY B 106 26.24 -19.31 -5.02
C GLY B 106 26.05 -19.31 -6.52
N TYR B 107 27.16 -19.45 -7.23
CA TYR B 107 27.12 -19.56 -8.70
C TYR B 107 25.97 -20.49 -9.11
N MET B 108 25.09 -20.01 -9.98
CA MET B 108 23.87 -20.73 -10.41
C MET B 108 24.22 -21.48 -11.69
N GLY B 109 24.82 -22.64 -11.49
CA GLY B 109 25.21 -23.52 -12.58
C GLY B 109 25.57 -24.87 -11.99
N LEU B 110 25.76 -25.86 -12.86
CA LEU B 110 26.15 -27.20 -12.38
C LEU B 110 27.46 -27.10 -11.60
N GLY B 111 27.55 -27.86 -10.49
CA GLY B 111 28.82 -27.99 -9.73
C GLY B 111 28.98 -26.97 -8.62
N GLY B 112 28.10 -25.96 -8.56
CA GLY B 112 28.21 -24.91 -7.52
C GLY B 112 27.43 -25.31 -6.27
N THR B 113 27.96 -25.04 -5.10
CA THR B 113 27.24 -25.24 -3.80
C THR B 113 25.93 -24.44 -3.78
N ASN B 114 24.86 -25.05 -3.28
CA ASN B 114 23.55 -24.41 -3.00
C ASN B 114 23.61 -23.86 -1.58
N PHE B 115 23.94 -22.58 -1.42
CA PHE B 115 23.88 -21.95 -0.08
C PHE B 115 22.43 -21.67 0.29
N PRO B 116 22.12 -21.50 1.60
CA PRO B 116 20.78 -21.05 2.01
C PRO B 116 20.38 -19.75 1.31
N GLN B 117 19.07 -19.57 1.16
CA GLN B 117 18.52 -18.36 0.52
C GLN B 117 18.87 -17.11 1.29
N ALA B 118 18.79 -15.97 0.59
CA ALA B 118 19.13 -14.66 1.14
C ALA B 118 18.37 -14.38 2.43
N ILE B 119 17.09 -14.75 2.52
CA ILE B 119 16.32 -14.41 3.74
C ILE B 119 16.91 -15.25 4.90
N ALA B 120 17.47 -16.42 4.61
CA ALA B 120 18.20 -17.24 5.62
C ALA B 120 19.50 -16.53 5.98
N MET B 121 20.24 -16.08 4.97
CA MET B 121 21.48 -15.31 5.25
C MET B 121 21.20 -14.17 6.22
N ALA B 122 20.13 -13.41 5.98
CA ALA B 122 19.78 -12.27 6.86
C ALA B 122 19.46 -12.78 8.26
N SER B 123 18.79 -13.92 8.36
CA SER B 123 18.38 -14.51 9.66
C SER B 123 19.59 -14.90 10.51
N THR B 124 20.81 -14.99 9.95
CA THR B 124 22.03 -15.23 10.74
C THR B 124 22.44 -13.99 11.52
N TRP B 125 22.06 -12.80 11.02
CA TRP B 125 22.57 -11.53 11.58
C TRP B 125 24.10 -11.61 11.69
N ASP B 126 24.75 -12.27 10.72
CA ASP B 126 26.22 -12.48 10.75
C ASP B 126 26.82 -12.01 9.43
N PRO B 127 26.95 -10.68 9.24
CA PRO B 127 27.46 -10.16 7.98
C PRO B 127 28.86 -10.69 7.62
N ASP B 128 29.73 -10.89 8.61
CA ASP B 128 31.07 -11.46 8.34
C ASP B 128 30.94 -12.85 7.69
N LEU B 129 29.99 -13.69 8.15
CA LEU B 129 29.79 -15.02 7.57
C LEU B 129 29.32 -14.89 6.13
N ILE B 130 28.46 -13.92 5.83
CA ILE B 130 28.01 -13.72 4.44
C ILE B 130 29.19 -13.21 3.58
N GLU B 131 30.07 -12.36 4.13
CA GLU B 131 31.28 -11.96 3.37
C GLU B 131 32.15 -13.19 3.12
N LYS B 132 32.22 -14.10 4.08
CA LYS B 132 33.02 -15.35 3.89
C LYS B 132 32.41 -16.17 2.76
N MET B 133 31.08 -16.31 2.77
CA MET B 133 30.37 -17.00 1.70
C MET B 133 30.73 -16.39 0.34
N THR B 134 30.57 -15.07 0.15
CA THR B 134 30.70 -14.50 -1.22
C THR B 134 32.19 -14.41 -1.61
N THR B 135 33.11 -14.48 -0.66
CA THR B 135 34.55 -14.65 -0.95
C THR B 135 34.75 -16.02 -1.61
N ALA B 136 34.07 -17.07 -1.13
CA ALA B 136 34.11 -18.41 -1.75
C ALA B 136 33.43 -18.39 -3.11
N VAL B 137 32.30 -17.72 -3.23
CA VAL B 137 31.57 -17.63 -4.52
C VAL B 137 32.45 -16.90 -5.56
N ARG B 138 33.15 -15.88 -5.12
CA ARG B 138 34.09 -15.12 -6.00
C ARG B 138 35.05 -16.11 -6.68
N GLU B 139 35.64 -17.00 -5.91
N GLU B 139 35.67 -16.98 -5.89
CA GLU B 139 36.66 -17.93 -6.48
CA GLU B 139 36.65 -17.97 -6.44
C GLU B 139 35.97 -18.93 -7.42
C GLU B 139 35.95 -18.90 -7.43
N ASP B 140 34.77 -19.41 -7.07
CA ASP B 140 34.00 -20.35 -7.94
C ASP B 140 33.76 -19.70 -9.30
N MET B 141 33.34 -18.43 -9.27
CA MET B 141 33.01 -17.68 -10.49
C MET B 141 34.27 -17.47 -11.34
N ARG B 142 35.33 -16.97 -10.75
CA ARG B 142 36.56 -16.64 -11.50
C ARG B 142 37.10 -17.94 -12.11
N LYS B 143 36.86 -19.10 -11.50
CA LYS B 143 37.37 -20.39 -12.06
C LYS B 143 36.80 -20.66 -13.44
N ILE B 144 35.56 -20.25 -13.69
CA ILE B 144 34.86 -20.56 -14.97
C ILE B 144 34.93 -19.33 -15.90
N GLY B 145 35.65 -18.28 -15.53
CA GLY B 145 35.83 -17.07 -16.37
C GLY B 145 34.67 -16.10 -16.21
N ALA B 146 33.90 -16.19 -15.11
CA ALA B 146 32.77 -15.25 -14.89
C ALA B 146 33.28 -14.03 -14.12
N HIS B 147 32.83 -12.85 -14.52
CA HIS B 147 33.33 -11.57 -13.96
C HIS B 147 32.29 -10.84 -13.11
N GLN B 148 31.02 -11.21 -13.24
CA GLN B 148 29.95 -10.40 -12.64
C GLN B 148 28.88 -11.34 -12.13
N GLY B 149 28.45 -11.15 -10.90
CA GLY B 149 27.32 -11.92 -10.32
C GLY B 149 26.12 -11.03 -10.17
N LEU B 150 24.94 -11.48 -10.55
CA LEU B 150 23.73 -10.63 -10.45
C LEU B 150 23.15 -10.73 -9.05
N ALA B 151 23.90 -10.27 -8.07
CA ALA B 151 23.52 -10.32 -6.65
C ALA B 151 24.32 -9.24 -5.95
N PRO B 152 23.92 -8.75 -4.76
CA PRO B 152 22.74 -9.22 -4.04
C PRO B 152 21.45 -8.43 -4.33
N VAL B 153 20.34 -8.98 -3.84
CA VAL B 153 19.05 -8.29 -3.86
C VAL B 153 18.98 -7.38 -2.63
N LEU B 154 18.83 -6.07 -2.86
CA LEU B 154 18.74 -5.10 -1.74
C LEU B 154 17.33 -4.53 -1.60
N ASP B 155 16.37 -5.17 -2.24
CA ASP B 155 14.96 -4.81 -2.11
C ASP B 155 14.52 -5.07 -0.67
N VAL B 156 13.95 -4.06 -0.01
CA VAL B 156 13.45 -4.14 1.37
C VAL B 156 12.01 -4.67 1.33
N ALA B 157 11.77 -5.81 1.96
CA ALA B 157 10.50 -6.51 1.86
C ALA B 157 9.65 -6.33 3.12
N ARG B 158 8.48 -5.72 2.96
CA ARG B 158 7.46 -5.64 4.03
C ARG B 158 6.15 -6.25 3.55
N ASP B 159 6.16 -6.96 2.43
CA ASP B 159 4.93 -7.54 1.87
C ASP B 159 5.20 -9.01 1.55
N PRO B 160 4.96 -9.91 2.50
CA PRO B 160 5.27 -11.33 2.31
C PRO B 160 4.40 -12.03 1.28
N ARG B 161 3.36 -11.38 0.72
CA ARG B 161 2.67 -11.93 -0.46
C ARG B 161 3.67 -12.15 -1.58
N TRP B 162 4.62 -11.25 -1.69
CA TRP B 162 5.52 -11.19 -2.85
C TRP B 162 6.42 -12.43 -2.90
N GLY B 163 6.43 -13.08 -4.04
CA GLY B 163 7.13 -14.35 -4.23
C GLY B 163 8.63 -14.22 -4.15
N ARG B 164 9.19 -13.02 -4.24
CA ARG B 164 10.67 -12.83 -4.14
C ARG B 164 11.12 -12.41 -2.74
N THR B 165 10.25 -12.52 -1.73
CA THR B 165 10.64 -12.27 -0.34
C THR B 165 11.89 -13.07 0.01
N GLU B 166 11.94 -14.33 -0.41
CA GLU B 166 13.02 -15.25 -0.05
C GLU B 166 14.39 -14.73 -0.54
N GLU B 167 14.41 -13.93 -1.61
CA GLU B 167 15.65 -13.40 -2.22
C GLU B 167 16.14 -12.15 -1.48
N THR B 168 15.35 -11.60 -0.56
CA THR B 168 15.67 -10.34 0.16
C THR B 168 16.33 -10.67 1.50
N PHE B 169 16.86 -9.63 2.10
CA PHE B 169 17.38 -9.65 3.49
C PHE B 169 16.31 -9.14 4.48
N GLY B 170 15.06 -9.07 4.06
CA GLY B 170 13.94 -8.72 4.94
C GLY B 170 13.52 -7.26 4.94
N GLU B 171 12.92 -6.87 6.07
CA GLU B 171 12.14 -5.61 6.22
C GLU B 171 12.99 -4.41 6.62
N SER B 172 14.17 -4.60 7.19
CA SER B 172 14.94 -3.54 7.88
C SER B 172 15.92 -2.91 6.91
N PRO B 173 15.79 -1.60 6.61
CA PRO B 173 16.80 -0.98 5.75
C PRO B 173 18.21 -1.15 6.33
N TYR B 174 18.33 -1.08 7.65
CA TYR B 174 19.62 -1.21 8.34
C TYR B 174 20.17 -2.62 8.11
N LEU B 175 19.43 -3.65 8.45
CA LEU B 175 19.95 -5.04 8.29
C LEU B 175 20.20 -5.37 6.81
N VAL B 176 19.31 -4.95 5.92
CA VAL B 176 19.48 -5.15 4.45
C VAL B 176 20.80 -4.48 4.02
N ALA B 177 21.00 -3.25 4.42
CA ALA B 177 22.20 -2.48 4.02
C ALA B 177 23.43 -3.20 4.56
N ARG B 178 23.40 -3.66 5.81
CA ARG B 178 24.62 -4.22 6.47
C ARG B 178 24.93 -5.57 5.84
N MET B 179 23.94 -6.41 5.59
CA MET B 179 24.15 -7.72 4.91
C MET B 179 24.62 -7.42 3.47
N GLY B 180 24.02 -6.44 2.79
CA GLY B 180 24.40 -6.10 1.41
C GLY B 180 25.87 -5.69 1.29
N VAL B 181 26.36 -4.83 2.19
CA VAL B 181 27.74 -4.31 2.09
C VAL B 181 28.71 -5.48 2.25
N SER B 182 28.42 -6.39 3.20
CA SER B 182 29.29 -7.57 3.44
C SER B 182 29.24 -8.48 2.22
N TYR B 183 28.05 -8.71 1.68
CA TYR B 183 27.87 -9.57 0.49
C TYR B 183 28.72 -9.01 -0.67
N VAL B 184 28.58 -7.73 -0.94
CA VAL B 184 29.35 -7.06 -2.04
C VAL B 184 30.86 -7.18 -1.78
N LYS B 185 31.30 -6.86 -0.56
CA LYS B 185 32.75 -6.84 -0.23
C LYS B 185 33.34 -8.23 -0.49
N GLY B 186 32.60 -9.29 -0.16
CA GLY B 186 33.10 -10.66 -0.39
C GLY B 186 33.25 -10.96 -1.87
N LEU B 187 32.26 -10.61 -2.67
CA LEU B 187 32.28 -10.93 -4.10
C LEU B 187 33.41 -10.14 -4.77
N GLN B 188 33.51 -8.84 -4.50
CA GLN B 188 34.43 -7.96 -5.25
C GLN B 188 35.88 -8.07 -4.75
N GLY B 189 36.08 -8.13 -3.44
CA GLY B 189 37.39 -7.91 -2.80
C GLY B 189 37.90 -6.50 -3.07
N GLU B 190 39.18 -6.27 -2.84
CA GLU B 190 39.73 -4.88 -2.92
C GLU B 190 40.10 -4.55 -4.35
N ASP B 191 40.76 -5.46 -5.05
CA ASP B 191 41.17 -5.24 -6.46
C ASP B 191 40.25 -6.07 -7.34
N ILE B 192 39.34 -5.45 -8.09
CA ILE B 192 38.34 -6.18 -8.89
C ILE B 192 39.01 -7.06 -9.96
N LYS B 193 40.26 -6.79 -10.35
CA LYS B 193 40.99 -7.69 -11.27
C LYS B 193 41.05 -9.10 -10.69
N LYS B 194 40.93 -9.24 -9.37
CA LYS B 194 41.00 -10.57 -8.71
C LYS B 194 39.62 -11.00 -8.21
N GLY B 195 38.57 -10.25 -8.52
CA GLY B 195 37.25 -10.53 -7.93
C GLY B 195 36.13 -10.53 -8.92
N VAL B 196 34.94 -10.38 -8.38
CA VAL B 196 33.71 -10.51 -9.18
C VAL B 196 32.89 -9.26 -8.92
N VAL B 197 32.45 -8.63 -10.00
CA VAL B 197 31.56 -7.45 -9.90
C VAL B 197 30.23 -7.89 -9.27
N ALA B 198 29.83 -7.22 -8.18
CA ALA B 198 28.51 -7.43 -7.57
C ALA B 198 27.52 -6.53 -8.29
N THR B 199 26.26 -6.98 -8.33
CA THR B 199 25.17 -6.28 -9.03
C THR B 199 24.05 -6.10 -8.03
N VAL B 200 23.96 -4.93 -7.43
CA VAL B 200 22.82 -4.70 -6.47
C VAL B 200 21.54 -4.52 -7.29
N LYS B 201 20.46 -5.19 -6.89
CA LYS B 201 19.20 -5.18 -7.64
C LYS B 201 18.06 -5.19 -6.64
N HIS B 202 16.88 -4.70 -6.98
CA HIS B 202 16.44 -4.22 -8.28
C HIS B 202 16.08 -2.74 -8.11
N PHE B 203 16.94 -1.85 -8.62
CA PHE B 203 16.95 -0.42 -8.26
C PHE B 203 15.74 0.29 -8.88
N ALA B 204 14.79 0.79 -8.08
CA ALA B 204 14.61 0.57 -6.65
C ALA B 204 13.12 0.55 -6.38
N GLY B 205 12.69 -0.17 -5.35
CA GLY B 205 11.27 -0.18 -4.91
C GLY B 205 10.55 -1.47 -5.26
N TYR B 206 11.21 -2.40 -5.98
CA TYR B 206 10.60 -3.57 -6.64
C TYR B 206 9.86 -4.52 -5.68
N SER B 207 10.20 -4.48 -4.40
CA SER B 207 9.61 -5.29 -3.31
C SER B 207 8.33 -4.66 -2.73
N ALA B 208 7.88 -3.52 -3.24
CA ALA B 208 6.68 -2.82 -2.71
C ALA B 208 5.64 -2.62 -3.80
N SER B 209 5.39 -3.63 -4.61
CA SER B 209 4.39 -3.58 -5.70
C SER B 209 2.99 -3.59 -5.11
N GLU B 210 2.10 -2.90 -5.81
CA GLU B 210 0.65 -2.96 -5.58
C GLU B 210 0.24 -4.42 -5.29
N GLY B 211 -0.35 -4.67 -4.14
CA GLY B 211 -0.91 -6.00 -3.82
C GLY B 211 0.15 -7.10 -3.69
N GLY B 212 1.45 -6.76 -3.61
CA GLY B 212 2.54 -7.76 -3.58
C GLY B 212 2.71 -8.46 -4.92
N LYS B 213 2.26 -7.86 -6.02
CA LYS B 213 2.22 -8.52 -7.35
C LYS B 213 3.47 -8.21 -8.17
N ASN B 214 4.10 -9.26 -8.68
CA ASN B 214 5.36 -9.14 -9.45
C ASN B 214 5.16 -8.14 -10.60
N TRP B 215 6.07 -7.16 -10.65
CA TRP B 215 6.22 -6.08 -11.68
C TRP B 215 5.16 -4.99 -11.53
N ALA B 216 4.24 -5.09 -10.56
CA ALA B 216 3.18 -4.06 -10.44
C ALA B 216 3.75 -2.77 -9.86
N PRO B 217 3.01 -1.66 -9.95
CA PRO B 217 3.57 -0.37 -9.59
C PRO B 217 4.02 -0.31 -8.13
N THR B 218 5.16 0.36 -7.94
CA THR B 218 5.78 0.55 -6.61
C THR B 218 5.70 2.03 -6.31
N ASN B 219 4.60 2.43 -5.66
CA ASN B 219 4.22 3.85 -5.55
C ASN B 219 4.64 4.39 -4.21
N ILE B 220 5.88 4.86 -4.13
CA ILE B 220 6.54 5.14 -2.85
C ILE B 220 6.85 6.63 -2.86
N PRO B 221 6.48 7.38 -1.82
CA PRO B 221 6.78 8.80 -1.77
C PRO B 221 8.23 9.00 -1.33
N GLU B 222 8.69 10.25 -1.36
CA GLU B 222 10.13 10.57 -1.41
C GLU B 222 10.89 10.22 -0.13
N ARG B 223 10.42 10.59 1.06
CA ARG B 223 11.22 10.33 2.25
C ARG B 223 11.31 8.81 2.46
N GLU B 224 10.18 8.12 2.35
CA GLU B 224 10.16 6.65 2.49
C GLU B 224 11.11 6.06 1.44
N PHE B 225 11.07 6.57 0.22
CA PHE B 225 11.91 6.03 -0.88
C PHE B 225 13.38 6.18 -0.48
N LYS B 226 13.75 7.35 0.03
CA LYS B 226 15.15 7.60 0.44
C LYS B 226 15.58 6.76 1.62
N GLU B 227 14.76 6.68 2.67
CA GLU B 227 15.17 6.09 3.97
C GLU B 227 14.98 4.58 3.95
N VAL B 228 13.96 4.05 3.26
CA VAL B 228 13.73 2.58 3.26
C VAL B 228 14.39 1.95 2.03
N PHE B 229 14.00 2.36 0.82
CA PHE B 229 14.32 1.59 -0.41
C PHE B 229 15.72 1.94 -0.91
N LEU B 230 16.07 3.23 -0.99
CA LEU B 230 17.35 3.63 -1.59
C LEU B 230 18.52 3.34 -0.64
N PHE B 231 18.32 3.48 0.66
CA PHE B 231 19.36 3.49 1.70
C PHE B 231 20.32 2.30 1.51
N PRO B 232 19.86 1.05 1.36
CA PRO B 232 20.82 -0.05 1.25
C PRO B 232 21.66 0.10 -0.03
N PHE B 233 21.05 0.54 -1.11
CA PHE B 233 21.81 0.76 -2.38
C PHE B 233 22.85 1.86 -2.16
N GLU B 234 22.47 2.93 -1.48
CA GLU B 234 23.36 4.06 -1.19
C GLU B 234 24.59 3.55 -0.44
N ALA B 235 24.39 2.70 0.58
CA ALA B 235 25.49 2.12 1.38
C ALA B 235 26.34 1.23 0.47
N ALA B 236 25.72 0.45 -0.43
CA ALA B 236 26.49 -0.48 -1.30
C ALA B 236 27.35 0.36 -2.24
N VAL B 237 26.78 1.45 -2.76
CA VAL B 237 27.55 2.36 -3.68
C VAL B 237 28.71 3.03 -2.93
N LYS B 238 28.45 3.67 -1.82
CA LYS B 238 29.41 4.61 -1.20
C LYS B 238 30.34 3.86 -0.27
N GLU B 239 29.87 2.88 0.47
CA GLU B 239 30.74 2.17 1.43
C GLU B 239 31.35 0.90 0.83
N ALA B 240 30.61 0.12 0.05
CA ALA B 240 31.12 -1.16 -0.52
C ALA B 240 31.65 -0.98 -1.94
N ASN B 241 31.55 0.21 -2.55
CA ASN B 241 32.09 0.48 -3.90
C ASN B 241 31.55 -0.54 -4.91
N VAL B 242 30.26 -0.86 -4.83
CA VAL B 242 29.66 -1.83 -5.74
C VAL B 242 29.85 -1.37 -7.18
N LEU B 243 30.15 -2.29 -8.11
CA LEU B 243 30.50 -1.86 -9.48
C LEU B 243 29.36 -2.08 -10.47
N SER B 244 28.23 -2.69 -10.08
CA SER B 244 27.08 -2.76 -11.00
C SER B 244 25.77 -2.58 -10.22
N VAL B 245 24.80 -2.02 -10.89
CA VAL B 245 23.41 -1.86 -10.42
C VAL B 245 22.51 -2.37 -11.54
N MET B 246 21.44 -3.06 -11.16
CA MET B 246 20.40 -3.50 -12.10
C MET B 246 19.09 -2.78 -11.72
N ASN B 247 18.32 -2.34 -12.71
CA ASN B 247 17.06 -1.61 -12.44
C ASN B 247 15.91 -2.56 -12.07
N SER B 248 14.85 -1.93 -11.54
CA SER B 248 13.54 -2.56 -11.25
C SER B 248 12.66 -2.63 -12.50
N TYR B 249 11.94 -3.74 -12.65
CA TYR B 249 10.91 -3.88 -13.68
C TYR B 249 9.73 -2.94 -13.45
N SER B 250 9.53 -2.46 -12.22
CA SER B 250 8.29 -1.72 -11.86
C SER B 250 8.39 -0.27 -12.27
N GLU B 251 7.21 0.34 -12.45
CA GLU B 251 7.10 1.81 -12.43
C GLU B 251 7.08 2.29 -11.00
N ILE B 252 7.60 3.49 -10.80
CA ILE B 252 7.33 4.32 -9.62
C ILE B 252 6.41 5.44 -10.09
N ASP B 253 5.15 5.38 -9.70
CA ASP B 253 4.26 6.56 -9.84
C ASP B 253 4.24 7.03 -11.31
N GLY B 254 4.16 6.12 -12.26
CA GLY B 254 3.98 6.42 -13.68
C GLY B 254 5.25 6.30 -14.50
N VAL B 255 6.41 6.13 -13.85
CA VAL B 255 7.70 6.10 -14.60
C VAL B 255 8.36 4.76 -14.37
N PRO B 256 8.45 3.92 -15.41
CA PRO B 256 9.20 2.66 -15.33
C PRO B 256 10.64 3.00 -14.93
N CYS B 257 11.20 2.22 -14.01
CA CYS B 257 12.58 2.51 -13.56
C CYS B 257 13.57 2.43 -14.74
N ALA B 258 13.33 1.54 -15.72
CA ALA B 258 14.24 1.38 -16.90
C ALA B 258 14.21 2.64 -17.78
N ALA B 259 13.23 3.52 -17.61
CA ALA B 259 13.13 4.77 -18.40
C ALA B 259 13.35 5.99 -17.51
N ASN B 260 13.84 5.84 -16.29
CA ASN B 260 13.86 6.94 -15.29
C ASN B 260 15.27 7.48 -15.13
N ARG B 261 15.60 8.57 -15.84
CA ARG B 261 16.94 9.22 -15.71
C ARG B 261 17.10 9.81 -14.32
N LYS B 262 15.99 10.27 -13.71
CA LYS B 262 16.10 10.90 -12.38
C LYS B 262 16.57 9.86 -11.36
N LEU B 263 16.27 8.58 -11.62
CA LEU B 263 16.68 7.48 -10.73
C LEU B 263 18.07 6.94 -11.12
N LEU B 264 18.19 6.40 -12.32
CA LEU B 264 19.39 5.64 -12.73
C LEU B 264 20.58 6.56 -12.96
N THR B 265 20.35 7.86 -13.25
CA THR B 265 21.46 8.82 -13.42
C THR B 265 21.50 9.83 -12.25
N ASP B 266 20.43 10.60 -12.05
CA ASP B 266 20.53 11.77 -11.12
C ASP B 266 20.78 11.34 -9.68
N ILE B 267 20.12 10.28 -9.20
CA ILE B 267 20.41 9.78 -7.84
C ILE B 267 21.70 8.96 -7.91
N LEU B 268 21.72 7.92 -8.74
CA LEU B 268 22.79 6.91 -8.63
C LEU B 268 24.17 7.47 -9.02
N ARG B 269 24.25 8.17 -10.15
CA ARG B 269 25.55 8.70 -10.64
CA ARG B 269 25.52 8.73 -10.69
C ARG B 269 25.81 10.08 -10.06
N LYS B 270 24.89 11.03 -10.20
CA LYS B 270 25.15 12.43 -9.82
C LYS B 270 25.22 12.59 -8.31
N ASP B 271 24.18 12.20 -7.59
CA ASP B 271 24.15 12.45 -6.14
C ASP B 271 25.15 11.52 -5.47
N TRP B 272 25.21 10.24 -5.85
CA TRP B 272 25.95 9.22 -5.07
C TRP B 272 27.35 8.96 -5.61
N GLY B 273 27.63 9.32 -6.85
CA GLY B 273 28.98 9.19 -7.43
C GLY B 273 29.26 7.79 -7.93
N PHE B 274 28.24 6.99 -8.24
CA PHE B 274 28.47 5.63 -8.79
C PHE B 274 29.25 5.72 -10.10
N GLU B 275 30.27 4.88 -10.25
CA GLU B 275 31.13 4.93 -11.46
C GLU B 275 31.12 3.61 -12.22
N GLY B 276 30.33 2.63 -11.79
CA GLY B 276 30.27 1.33 -12.48
C GLY B 276 29.27 1.31 -13.63
N ILE B 277 28.74 0.12 -13.90
CA ILE B 277 27.80 -0.05 -15.02
C ILE B 277 26.42 -0.35 -14.50
N VAL B 278 25.43 0.19 -15.19
CA VAL B 278 24.03 -0.21 -14.95
C VAL B 278 23.66 -1.23 -16.00
N VAL B 279 23.23 -2.41 -15.56
CA VAL B 279 22.74 -3.44 -16.51
C VAL B 279 21.22 -3.50 -16.39
N SER B 280 20.56 -3.75 -17.51
CA SER B 280 19.10 -3.88 -17.49
C SER B 280 18.75 -5.16 -16.72
N ASP B 281 17.63 -5.15 -16.01
CA ASP B 281 16.95 -6.44 -15.72
C ASP B 281 16.60 -7.06 -17.07
N TYR B 282 16.46 -8.39 -17.08
CA TYR B 282 16.34 -9.11 -18.35
C TYR B 282 15.09 -8.64 -19.11
N PHE B 283 15.27 -8.18 -20.34
CA PHE B 283 14.21 -7.69 -21.24
C PHE B 283 13.59 -6.40 -20.68
N ALA B 284 14.16 -5.75 -19.65
CA ALA B 284 13.54 -4.54 -19.08
C ALA B 284 13.47 -3.44 -20.14
N VAL B 285 14.42 -3.37 -21.08
CA VAL B 285 14.35 -2.34 -22.15
C VAL B 285 13.18 -2.62 -23.08
N LYS B 286 13.13 -3.83 -23.66
CA LYS B 286 12.06 -4.20 -24.62
CA LYS B 286 12.07 -4.23 -24.60
C LYS B 286 10.69 -3.98 -24.01
N VAL B 287 10.51 -4.33 -22.73
CA VAL B 287 9.14 -4.30 -22.15
C VAL B 287 8.72 -2.86 -21.79
N LEU B 288 9.58 -1.86 -21.96
CA LEU B 288 9.11 -0.44 -21.98
C LEU B 288 8.02 -0.31 -23.06
N GLU B 289 8.19 -1.03 -24.15
CA GLU B 289 7.15 -1.10 -25.21
C GLU B 289 6.10 -2.16 -24.80
N ASP B 290 6.49 -3.42 -24.70
CA ASP B 290 5.52 -4.53 -24.72
C ASP B 290 4.63 -4.49 -23.48
N TYR B 291 5.15 -4.09 -22.32
CA TYR B 291 4.43 -4.24 -21.04
C TYR B 291 3.95 -2.88 -20.56
N HIS B 292 4.85 -1.91 -20.39
CA HIS B 292 4.50 -0.60 -19.79
C HIS B 292 3.77 0.27 -20.84
N ARG B 293 3.96 -0.01 -22.13
CA ARG B 293 3.27 0.71 -23.24
C ARG B 293 3.68 2.18 -23.22
N ILE B 294 4.94 2.51 -22.95
CA ILE B 294 5.41 3.91 -23.10
C ILE B 294 6.36 4.10 -24.27
N ALA B 295 6.78 3.03 -24.95
CA ALA B 295 7.64 3.13 -26.14
C ALA B 295 6.89 2.48 -27.30
N ARG B 296 6.85 3.18 -28.44
CA ARG B 296 6.05 2.76 -29.61
C ARG B 296 6.79 1.69 -30.39
N ASP B 297 8.10 1.60 -30.22
CA ASP B 297 8.91 0.60 -30.95
C ASP B 297 10.21 0.36 -30.19
N LYS B 298 11.02 -0.57 -30.70
CA LYS B 298 12.27 -0.95 -30.01
C LYS B 298 13.24 0.23 -30.03
N SER B 299 13.27 1.06 -31.07
CA SER B 299 14.20 2.21 -31.06
C SER B 299 13.81 3.23 -29.97
N GLU B 300 12.53 3.51 -29.77
CA GLU B 300 12.11 4.40 -28.67
C GLU B 300 12.49 3.78 -27.32
N ALA B 301 12.27 2.49 -27.13
CA ALA B 301 12.63 1.83 -25.86
C ALA B 301 14.15 1.98 -25.64
N ALA B 302 14.96 1.78 -26.68
CA ALA B 302 16.42 1.92 -26.56
C ALA B 302 16.78 3.34 -26.12
N ARG B 303 16.19 4.34 -26.77
N ARG B 303 16.18 4.34 -26.75
CA ARG B 303 16.46 5.76 -26.44
CA ARG B 303 16.47 5.76 -26.44
C ARG B 303 16.09 6.02 -24.98
C ARG B 303 16.08 6.04 -24.98
N LEU B 304 14.91 5.59 -24.55
CA LEU B 304 14.45 5.84 -23.15
C LEU B 304 15.45 5.21 -22.17
N ALA B 305 15.90 3.98 -22.44
CA ALA B 305 16.79 3.26 -21.51
C ALA B 305 18.19 3.88 -21.50
N LEU B 306 18.72 4.24 -22.68
CA LEU B 306 20.08 4.83 -22.72
C LEU B 306 20.03 6.20 -22.02
N GLU B 307 19.04 7.01 -22.34
CA GLU B 307 18.91 8.34 -21.66
C GLU B 307 18.76 8.14 -20.16
N ALA B 308 18.05 7.09 -19.74
CA ALA B 308 17.88 6.84 -18.30
C ALA B 308 19.23 6.52 -17.67
N GLY B 309 20.12 5.83 -18.38
CA GLY B 309 21.42 5.45 -17.81
C GLY B 309 21.65 3.94 -17.77
N ILE B 310 20.90 3.14 -18.52
CA ILE B 310 21.25 1.71 -18.72
C ILE B 310 22.42 1.62 -19.71
N ASP B 311 23.51 1.03 -19.26
CA ASP B 311 24.72 0.85 -20.09
C ASP B 311 24.66 -0.45 -20.90
N VAL B 312 24.12 -1.53 -20.31
CA VAL B 312 24.12 -2.84 -21.00
C VAL B 312 22.71 -3.41 -21.04
N GLU B 313 22.25 -3.74 -22.23
CA GLU B 313 20.96 -4.41 -22.39
C GLU B 313 21.20 -5.90 -22.21
N LEU B 314 20.49 -6.49 -21.27
CA LEU B 314 20.54 -7.93 -20.96
C LEU B 314 19.16 -8.51 -21.16
N PRO B 315 19.01 -9.82 -21.43
CA PRO B 315 20.12 -10.79 -21.55
C PRO B 315 20.68 -10.98 -22.97
N LYS B 316 20.08 -10.31 -23.95
CA LYS B 316 20.48 -10.36 -25.37
C LYS B 316 20.18 -9.01 -26.01
N THR B 317 21.04 -8.58 -26.90
CA THR B 317 20.79 -7.36 -27.69
C THR B 317 19.44 -7.52 -28.38
N GLU B 318 18.59 -6.53 -28.24
CA GLU B 318 17.27 -6.51 -28.89
C GLU B 318 16.97 -5.08 -29.28
N CYS B 319 16.84 -4.17 -28.33
CA CYS B 319 16.53 -2.76 -28.66
C CYS B 319 17.85 -2.02 -28.92
N TYR B 320 18.93 -2.35 -28.22
CA TYR B 320 20.15 -1.49 -28.24
C TYR B 320 20.85 -1.53 -29.59
N GLN B 321 20.55 -2.50 -30.44
CA GLN B 321 21.11 -2.49 -31.83
C GLN B 321 20.63 -1.23 -32.56
N TYR B 322 19.42 -0.74 -32.24
CA TYR B 322 18.83 0.47 -32.90
C TYR B 322 19.51 1.75 -32.46
N LEU B 323 20.40 1.72 -31.46
CA LEU B 323 21.16 2.93 -31.05
C LEU B 323 22.02 3.38 -32.23
N LYS B 324 22.47 2.45 -33.08
CA LYS B 324 23.27 2.86 -34.27
C LYS B 324 22.40 3.72 -35.19
N ASP B 325 21.22 3.21 -35.51
N ASP B 325 21.21 3.22 -35.54
CA ASP B 325 20.21 3.87 -36.37
CA ASP B 325 20.23 3.93 -36.41
C ASP B 325 19.86 5.24 -35.78
C ASP B 325 19.89 5.28 -35.78
N LEU B 326 19.63 5.31 -34.47
CA LEU B 326 19.22 6.57 -33.79
C LEU B 326 20.32 7.62 -33.94
N VAL B 327 21.59 7.24 -33.85
CA VAL B 327 22.68 8.21 -34.12
C VAL B 327 22.69 8.57 -35.59
N GLU B 328 22.65 7.59 -36.48
CA GLU B 328 22.77 7.86 -37.94
C GLU B 328 21.61 8.73 -38.40
N LYS B 329 20.44 8.63 -37.80
CA LYS B 329 19.26 9.44 -38.15
C LYS B 329 19.25 10.76 -37.39
N GLY B 330 20.28 11.06 -36.58
CA GLY B 330 20.35 12.35 -35.85
C GLY B 330 19.27 12.50 -34.80
N ILE B 331 18.86 11.39 -34.17
CA ILE B 331 17.86 11.40 -33.10
C ILE B 331 18.53 11.53 -31.74
N ILE B 332 19.65 10.83 -31.51
CA ILE B 332 20.48 10.95 -30.30
C ILE B 332 21.91 11.27 -30.69
N SER B 333 22.63 11.88 -29.77
CA SER B 333 24.05 12.26 -30.00
C SER B 333 24.95 11.06 -29.76
N GLU B 334 25.90 10.80 -30.64
CA GLU B 334 26.92 9.75 -30.39
C GLU B 334 27.62 10.00 -29.06
N ALA B 335 27.68 11.24 -28.55
CA ALA B 335 28.33 11.52 -27.25
C ALA B 335 27.63 10.70 -26.15
N LEU B 336 26.33 10.47 -26.24
CA LEU B 336 25.59 9.74 -25.17
C LEU B 336 25.98 8.26 -25.22
N ILE B 337 26.16 7.72 -26.42
CA ILE B 337 26.70 6.35 -26.60
C ILE B 337 28.11 6.30 -26.00
N ASP B 338 28.95 7.28 -26.29
CA ASP B 338 30.34 7.30 -25.81
C ASP B 338 30.36 7.21 -24.28
N GLU B 339 29.43 7.88 -23.62
CA GLU B 339 29.41 7.94 -22.14
C GLU B 339 29.18 6.51 -21.63
N ALA B 340 28.25 5.77 -22.20
CA ALA B 340 27.94 4.38 -21.78
C ALA B 340 29.11 3.47 -22.12
N VAL B 341 29.65 3.62 -23.33
CA VAL B 341 30.78 2.72 -23.75
C VAL B 341 31.98 2.95 -22.82
N THR B 342 32.25 4.20 -22.45
CA THR B 342 33.35 4.54 -21.53
C THR B 342 33.20 3.76 -20.23
N ARG B 343 31.99 3.70 -19.67
CA ARG B 343 31.77 2.99 -18.39
C ARG B 343 32.09 1.49 -18.56
N VAL B 344 31.61 0.90 -19.63
CA VAL B 344 31.79 -0.55 -19.92
C VAL B 344 33.31 -0.84 -20.14
N LEU B 345 33.97 -0.05 -20.98
CA LEU B 345 35.42 -0.27 -21.24
C LEU B 345 36.22 -0.10 -19.96
N ARG B 346 35.93 0.92 -19.17
CA ARG B 346 36.69 1.18 -17.92
C ARG B 346 36.64 -0.11 -17.10
N LEU B 347 35.46 -0.69 -16.93
CA LEU B 347 35.31 -1.85 -16.05
C LEU B 347 36.02 -3.06 -16.67
N LYS B 348 35.99 -3.23 -17.99
CA LYS B 348 36.71 -4.31 -18.70
C LYS B 348 38.21 -4.15 -18.45
N PHE B 349 38.76 -2.93 -18.53
CA PHE B 349 40.19 -2.74 -18.17
C PHE B 349 40.46 -3.04 -16.69
N MET B 350 39.59 -2.59 -15.79
CA MET B 350 39.78 -2.81 -14.33
C MET B 350 39.74 -4.30 -14.03
N LEU B 351 38.99 -5.10 -14.78
CA LEU B 351 38.90 -6.55 -14.53
C LEU B 351 40.15 -7.26 -15.03
N GLY B 352 41.06 -6.54 -15.71
CA GLY B 352 42.29 -7.15 -16.26
C GLY B 352 42.05 -7.97 -17.51
N LEU B 353 40.94 -7.76 -18.21
CA LEU B 353 40.54 -8.63 -19.34
C LEU B 353 41.47 -8.40 -20.55
N PHE B 354 42.04 -7.22 -20.67
CA PHE B 354 42.91 -6.92 -21.84
C PHE B 354 44.31 -7.55 -21.61
N GLU B 355 44.67 -7.84 -20.37
CA GLU B 355 45.96 -8.50 -20.00
C GLU B 355 45.78 -10.01 -20.01
N ASN B 356 44.67 -10.49 -19.49
CA ASN B 356 44.46 -11.95 -19.49
C ASN B 356 42.99 -12.29 -19.38
N PRO B 357 42.37 -12.61 -20.53
CA PRO B 357 40.95 -12.94 -20.54
C PRO B 357 40.70 -14.43 -20.34
N TYR B 358 41.76 -15.22 -20.17
CA TYR B 358 41.59 -16.69 -20.16
C TYR B 358 41.71 -17.23 -18.74
N VAL B 359 41.16 -18.42 -18.54
CA VAL B 359 41.36 -19.19 -17.28
C VAL B 359 42.02 -20.53 -17.62
N GLU B 360 42.66 -21.14 -16.64
CA GLU B 360 43.20 -22.51 -16.73
C GLU B 360 42.05 -23.50 -16.55
N VAL B 361 41.69 -24.19 -17.62
CA VAL B 361 40.58 -25.17 -17.60
C VAL B 361 40.92 -26.25 -16.57
N GLU B 362 42.20 -26.64 -16.45
CA GLU B 362 42.65 -27.71 -15.51
C GLU B 362 42.30 -27.28 -14.07
N LYS B 363 42.11 -26.00 -13.80
CA LYS B 363 41.81 -25.51 -12.43
C LYS B 363 40.32 -25.15 -12.26
N ALA B 364 39.49 -25.37 -13.26
CA ALA B 364 38.10 -24.85 -13.28
C ALA B 364 37.17 -25.72 -12.41
N LYS B 365 37.70 -26.72 -11.70
CA LYS B 365 36.96 -27.63 -10.80
C LYS B 365 36.48 -26.80 -9.59
N ILE B 366 35.18 -26.59 -9.50
CA ILE B 366 34.61 -25.82 -8.36
C ILE B 366 34.60 -26.70 -7.11
N GLU B 367 35.08 -26.16 -6.00
CA GLU B 367 35.12 -26.85 -4.70
C GLU B 367 33.76 -26.73 -4.01
N SER B 368 33.38 -27.77 -3.28
CA SER B 368 32.20 -27.72 -2.40
C SER B 368 32.46 -26.73 -1.27
N HIS B 369 31.48 -25.89 -0.96
CA HIS B 369 31.48 -25.02 0.22
C HIS B 369 30.34 -25.47 1.14
N ARG B 370 30.11 -26.77 1.21
CA ARG B 370 29.09 -27.29 2.16
C ARG B 370 29.41 -26.81 3.58
N ASP B 371 30.68 -26.69 3.96
CA ASP B 371 31.05 -26.21 5.32
C ASP B 371 30.40 -24.83 5.60
N ILE B 372 30.61 -23.87 4.70
CA ILE B 372 30.04 -22.50 4.83
C ILE B 372 28.50 -22.59 4.77
N ALA B 373 27.96 -23.39 3.84
CA ALA B 373 26.49 -23.53 3.68
C ALA B 373 25.90 -24.06 5.01
N LEU B 374 26.60 -25.02 5.66
CA LEU B 374 26.10 -25.60 6.94
C LEU B 374 26.20 -24.58 8.06
N GLU B 375 27.23 -23.73 8.10
CA GLU B 375 27.35 -22.71 9.15
C GLU B 375 26.16 -21.73 9.01
N ILE B 376 25.86 -21.35 7.77
CA ILE B 376 24.73 -20.40 7.53
C ILE B 376 23.43 -21.10 7.93
N ALA B 377 23.22 -22.33 7.47
CA ALA B 377 21.96 -23.05 7.77
C ALA B 377 21.79 -23.16 9.29
N ARG B 378 22.84 -23.54 10.02
CA ARG B 378 22.77 -23.74 11.47
C ARG B 378 22.50 -22.43 12.20
N LYS B 379 22.98 -21.29 11.67
CA LYS B 379 22.77 -19.97 12.30
C LYS B 379 21.47 -19.31 11.82
N SER B 380 20.82 -19.82 10.78
CA SER B 380 19.69 -19.10 10.11
C SER B 380 18.34 -19.60 10.63
N ILE B 381 18.30 -20.85 11.11
CA ILE B 381 17.02 -21.47 11.50
C ILE B 381 16.55 -20.75 12.76
N ILE B 382 15.27 -20.40 12.82
CA ILE B 382 14.70 -19.59 13.90
C ILE B 382 13.72 -20.44 14.73
N LEU B 383 13.96 -20.48 16.01
CA LEU B 383 13.00 -21.08 16.95
C LEU B 383 11.92 -20.05 17.24
N LEU B 384 10.76 -20.18 16.61
CA LEU B 384 9.67 -19.20 16.79
C LEU B 384 8.91 -19.49 18.07
N LYS B 385 8.73 -20.77 18.38
CA LYS B 385 7.98 -21.18 19.57
C LYS B 385 8.64 -22.43 20.16
N ASN B 386 8.65 -22.51 21.49
CA ASN B 386 9.11 -23.73 22.16
C ASN B 386 8.52 -23.78 23.55
N ASP B 387 7.62 -24.72 23.82
CA ASP B 387 7.02 -24.87 25.18
C ASP B 387 7.94 -25.74 26.04
N GLY B 388 9.08 -26.18 25.54
CA GLY B 388 10.00 -27.09 26.27
C GLY B 388 10.21 -28.40 25.56
N ILE B 389 9.37 -28.76 24.58
CA ILE B 389 9.53 -30.03 23.83
C ILE B 389 10.91 -30.11 23.17
N LEU B 390 11.47 -28.99 22.68
CA LEU B 390 12.80 -28.98 22.05
C LEU B 390 13.85 -28.53 23.05
N PRO B 391 15.07 -29.11 23.02
CA PRO B 391 15.43 -30.19 22.10
C PRO B 391 14.85 -31.56 22.51
N LEU B 392 14.60 -32.40 21.50
CA LEU B 392 14.12 -33.79 21.68
C LEU B 392 15.27 -34.65 22.22
N GLN B 393 14.91 -35.71 22.97
CA GLN B 393 15.83 -36.81 23.30
C GLN B 393 15.91 -37.76 22.11
N LYS B 394 17.09 -38.33 21.88
CA LYS B 394 17.33 -39.21 20.71
C LYS B 394 16.58 -40.54 20.82
N ASN B 395 16.12 -40.95 22.02
CA ASN B 395 15.45 -42.25 22.24
C ASN B 395 13.94 -42.14 21.96
N LYS B 396 13.41 -40.95 21.63
CA LYS B 396 11.96 -40.80 21.33
C LYS B 396 11.66 -41.28 19.91
N LYS B 397 10.59 -42.03 19.78
CA LYS B 397 10.08 -42.54 18.48
C LYS B 397 9.40 -41.37 17.76
N VAL B 398 9.84 -41.12 16.53
CA VAL B 398 9.39 -39.94 15.74
C VAL B 398 8.45 -40.42 14.63
N ALA B 399 7.33 -39.72 14.50
CA ALA B 399 6.48 -39.73 13.28
C ALA B 399 6.90 -38.51 12.46
N LEU B 400 7.62 -38.74 11.38
CA LEU B 400 8.11 -37.68 10.49
C LEU B 400 7.11 -37.56 9.36
N ILE B 401 6.49 -36.40 9.25
CA ILE B 401 5.26 -36.23 8.42
C ILE B 401 5.44 -34.96 7.60
N GLY B 402 5.09 -35.04 6.34
CA GLY B 402 4.86 -33.83 5.51
C GLY B 402 5.71 -33.84 4.26
N PRO B 403 5.28 -33.09 3.23
CA PRO B 403 5.98 -33.12 1.96
C PRO B 403 7.41 -32.60 2.04
N ASN B 404 7.68 -31.65 2.95
CA ASN B 404 9.01 -31.01 2.96
C ASN B 404 9.99 -31.81 3.82
N ALA B 405 9.56 -32.93 4.43
CA ALA B 405 10.50 -33.90 5.04
C ALA B 405 11.01 -34.90 3.99
N GLY B 406 10.26 -35.08 2.91
CA GLY B 406 10.45 -36.18 1.94
C GLY B 406 10.96 -35.77 0.57
N GLU B 407 10.98 -34.48 0.24
CA GLU B 407 11.26 -34.03 -1.15
C GLU B 407 12.40 -33.02 -1.10
N VAL B 408 13.62 -33.44 -1.45
CA VAL B 408 14.85 -32.61 -1.39
C VAL B 408 14.70 -31.40 -2.34
N ARG B 409 13.95 -31.53 -3.43
CA ARG B 409 13.64 -30.41 -4.37
C ARG B 409 13.08 -29.20 -3.59
N ASN B 410 12.32 -29.45 -2.53
CA ASN B 410 11.62 -28.35 -1.79
C ASN B 410 12.55 -27.66 -0.79
N LEU B 411 13.80 -28.12 -0.62
CA LEU B 411 14.82 -27.38 0.17
C LEU B 411 15.42 -26.24 -0.69
N LEU B 412 15.19 -26.24 -2.01
CA LEU B 412 15.89 -25.32 -2.94
C LEU B 412 15.11 -24.00 -3.09
N GLY B 413 15.87 -22.92 -3.27
CA GLY B 413 15.34 -21.58 -3.54
C GLY B 413 15.30 -21.29 -5.02
N ASP B 414 14.66 -20.18 -5.37
CA ASP B 414 14.28 -19.89 -6.77
C ASP B 414 15.49 -19.56 -7.65
N TYR B 415 16.66 -19.25 -7.09
CA TYR B 415 17.91 -18.99 -7.85
C TYR B 415 18.97 -20.02 -7.50
N MET B 416 18.53 -21.15 -6.93
CA MET B 416 19.39 -22.36 -6.94
C MET B 416 19.18 -23.11 -8.25
N TYR B 417 20.28 -23.48 -8.91
CA TYR B 417 20.27 -23.88 -10.33
C TYR B 417 19.23 -24.98 -10.61
N LEU B 418 19.22 -26.05 -9.79
CA LEU B 418 18.34 -27.22 -10.08
C LEU B 418 16.86 -26.92 -9.85
N ALA B 419 16.50 -25.84 -9.15
CA ALA B 419 15.10 -25.36 -9.09
C ALA B 419 14.86 -24.35 -10.22
N HIS B 420 15.76 -23.38 -10.36
CA HIS B 420 15.56 -22.24 -11.31
C HIS B 420 15.40 -22.76 -12.74
N ILE B 421 16.28 -23.66 -13.16
CA ILE B 421 16.41 -24.04 -14.60
C ILE B 421 15.19 -24.88 -15.03
N ARG B 422 14.43 -25.44 -14.08
CA ARG B 422 13.19 -26.24 -14.35
C ARG B 422 12.15 -25.37 -15.08
N ALA B 423 12.21 -24.03 -14.94
CA ALA B 423 11.39 -23.07 -15.68
C ALA B 423 11.49 -23.35 -17.19
N LEU B 424 12.65 -23.86 -17.68
CA LEU B 424 12.84 -24.41 -19.05
C LEU B 424 12.33 -25.86 -19.08
N GLU B 443 14.51 -33.03 -22.86
CA GLU B 443 14.55 -34.35 -22.17
C GLU B 443 16.02 -34.63 -21.73
N ARG B 444 17.02 -34.22 -22.52
CA ARG B 444 18.45 -34.31 -22.09
C ARG B 444 18.61 -33.50 -20.79
N LEU B 445 17.97 -32.32 -20.71
CA LEU B 445 18.07 -31.40 -19.55
C LEU B 445 17.35 -32.00 -18.33
N LYS B 446 16.12 -32.51 -18.52
CA LYS B 446 15.27 -33.18 -17.48
C LYS B 446 16.09 -34.27 -16.78
N LYS B 447 16.71 -35.17 -17.54
CA LYS B 447 17.53 -36.29 -16.97
C LYS B 447 18.76 -35.74 -16.20
N SER B 448 19.46 -34.73 -16.74
CA SER B 448 20.65 -34.13 -16.10
C SER B 448 20.28 -33.56 -14.72
N ILE B 449 19.15 -32.84 -14.65
CA ILE B 449 18.64 -32.26 -13.37
C ILE B 449 18.36 -33.39 -12.35
N GLU B 450 17.61 -34.42 -12.77
CA GLU B 450 17.27 -35.59 -11.91
C GLU B 450 18.60 -36.19 -11.38
N GLU B 451 19.61 -36.38 -12.24
CA GLU B 451 20.92 -36.99 -11.85
C GLU B 451 21.57 -36.12 -10.76
N HIS B 452 21.61 -34.80 -10.96
CA HIS B 452 22.31 -33.91 -10.01
C HIS B 452 21.53 -33.83 -8.70
N MET B 453 20.20 -33.92 -8.77
CA MET B 453 19.32 -33.87 -7.58
C MET B 453 19.69 -35.00 -6.61
N LYS B 454 20.05 -36.18 -7.14
CA LYS B 454 20.37 -37.43 -6.38
C LYS B 454 21.45 -37.13 -5.31
N SER B 455 22.39 -36.22 -5.56
CA SER B 455 23.57 -35.99 -4.68
C SER B 455 23.24 -35.03 -3.52
N ILE B 456 22.07 -34.37 -3.55
CA ILE B 456 21.73 -33.42 -2.45
C ILE B 456 21.21 -34.21 -1.26
N PRO B 457 21.87 -34.13 -0.10
CA PRO B 457 21.40 -34.83 1.10
C PRO B 457 19.99 -34.38 1.45
N SER B 458 19.20 -35.32 1.91
CA SER B 458 17.76 -35.16 2.23
C SER B 458 17.55 -35.00 3.74
N VAL B 459 16.38 -34.52 4.14
CA VAL B 459 15.94 -34.47 5.56
C VAL B 459 15.90 -35.92 6.06
N LEU B 460 15.40 -36.84 5.25
CA LEU B 460 15.37 -38.28 5.64
C LEU B 460 16.79 -38.77 5.91
N ASP B 461 17.74 -38.46 5.03
CA ASP B 461 19.16 -38.85 5.18
C ASP B 461 19.64 -38.36 6.54
N ALA B 462 19.28 -37.12 6.92
CA ALA B 462 19.84 -36.53 8.16
C ALA B 462 19.29 -37.30 9.37
N PHE B 463 18.01 -37.64 9.36
CA PHE B 463 17.40 -38.37 10.51
C PHE B 463 18.05 -39.76 10.61
N LYS B 464 18.31 -40.39 9.47
CA LYS B 464 18.96 -41.74 9.42
C LYS B 464 20.37 -41.64 9.97
N GLU B 465 21.16 -40.67 9.51
CA GLU B 465 22.56 -40.50 9.96
C GLU B 465 22.61 -40.29 11.46
N GLU B 466 21.62 -39.62 12.03
CA GLU B 466 21.59 -39.29 13.47
C GLU B 466 21.19 -40.55 14.26
N GLY B 467 20.69 -41.60 13.60
CA GLY B 467 20.25 -42.85 14.26
C GLY B 467 18.90 -42.73 14.94
N ILE B 468 18.02 -41.86 14.45
CA ILE B 468 16.68 -41.68 15.06
C ILE B 468 15.78 -42.85 14.64
N GLU B 469 14.98 -43.34 15.58
CA GLU B 469 13.91 -44.30 15.26
C GLU B 469 12.71 -43.51 14.76
N PHE B 470 12.41 -43.59 13.48
CA PHE B 470 11.27 -42.83 12.93
C PHE B 470 10.55 -43.63 11.87
N GLU B 471 9.30 -43.25 11.63
CA GLU B 471 8.55 -43.66 10.44
C GLU B 471 8.18 -42.37 9.70
N TYR B 472 8.17 -42.44 8.37
CA TYR B 472 7.90 -41.30 7.47
C TYR B 472 6.53 -41.50 6.85
N ALA B 473 5.67 -40.49 6.88
CA ALA B 473 4.42 -40.45 6.11
C ALA B 473 4.37 -39.10 5.36
N LYS B 474 4.22 -39.15 4.05
CA LYS B 474 4.15 -37.92 3.19
C LYS B 474 3.08 -36.98 3.72
N GLY B 475 1.88 -37.49 4.03
CA GLY B 475 0.79 -36.68 4.58
C GLY B 475 -0.01 -36.00 3.47
N CYS B 476 0.65 -35.18 2.65
CA CYS B 476 0.03 -34.48 1.51
C CYS B 476 1.13 -33.88 0.62
N GLU B 477 0.75 -33.33 -0.53
CA GLU B 477 1.69 -32.59 -1.40
C GLU B 477 1.70 -31.15 -0.95
N VAL B 478 2.68 -30.41 -1.44
CA VAL B 478 2.69 -28.95 -1.22
C VAL B 478 1.45 -28.32 -1.84
N THR B 479 0.97 -28.79 -3.00
CA THR B 479 -0.18 -28.17 -3.69
C THR B 479 -1.31 -29.18 -3.83
N GLY B 480 -2.49 -28.70 -4.21
CA GLY B 480 -3.68 -29.55 -4.44
C GLY B 480 -4.47 -29.75 -3.17
N GLU B 481 -5.52 -30.56 -3.24
CA GLU B 481 -6.55 -30.74 -2.19
C GLU B 481 -6.57 -32.19 -1.71
N ASP B 482 -5.66 -33.04 -2.18
CA ASP B 482 -5.70 -34.50 -1.91
C ASP B 482 -5.39 -34.74 -0.42
N ARG B 483 -6.37 -35.26 0.33
CA ARG B 483 -6.22 -35.59 1.77
C ARG B 483 -6.09 -37.11 1.99
N SER B 484 -5.85 -37.89 0.95
CA SER B 484 -5.87 -39.38 1.05
C SER B 484 -4.67 -39.87 1.88
N GLY B 485 -3.60 -39.06 2.01
CA GLY B 485 -2.42 -39.43 2.82
C GLY B 485 -2.57 -39.12 4.30
N PHE B 486 -3.64 -38.44 4.70
CA PHE B 486 -3.84 -37.97 6.08
C PHE B 486 -3.94 -39.18 7.03
N GLU B 487 -4.69 -40.21 6.66
CA GLU B 487 -4.93 -41.38 7.54
C GLU B 487 -3.58 -42.02 7.93
N GLU B 488 -2.70 -42.28 6.98
CA GLU B 488 -1.37 -42.90 7.23
C GLU B 488 -0.56 -42.02 8.20
N ALA B 489 -0.54 -40.69 7.99
CA ALA B 489 0.18 -39.79 8.91
C ALA B 489 -0.41 -39.85 10.33
N ILE B 490 -1.72 -39.80 10.47
CA ILE B 490 -2.41 -39.82 11.78
C ILE B 490 -2.04 -41.14 12.47
N GLU B 491 -2.00 -42.26 11.74
CA GLU B 491 -1.76 -43.59 12.36
C GLU B 491 -0.31 -43.66 12.86
N ILE B 492 0.67 -43.16 12.11
CA ILE B 492 2.07 -43.24 12.59
C ILE B 492 2.21 -42.24 13.75
N ALA B 493 1.53 -41.09 13.73
CA ALA B 493 1.57 -40.14 14.86
C ALA B 493 1.10 -40.85 16.15
N LYS B 494 0.01 -41.59 16.07
CA LYS B 494 -0.61 -42.23 17.25
C LYS B 494 0.35 -43.26 17.84
N LYS B 495 1.24 -43.85 17.03
CA LYS B 495 2.19 -44.90 17.49
C LYS B 495 3.53 -44.30 17.92
N SER B 496 3.71 -42.98 17.85
CA SER B 496 5.02 -42.34 18.10
C SER B 496 5.00 -41.60 19.44
N ASP B 497 6.18 -41.12 19.89
CA ASP B 497 6.33 -40.23 21.07
C ASP B 497 6.07 -38.77 20.66
N VAL B 498 6.47 -38.42 19.45
CA VAL B 498 6.42 -37.00 18.97
C VAL B 498 6.23 -37.01 17.44
N ALA B 499 5.42 -36.10 16.94
CA ALA B 499 5.18 -35.92 15.49
C ALA B 499 6.00 -34.69 15.07
N ILE B 500 6.84 -34.84 14.05
CA ILE B 500 7.64 -33.71 13.49
C ILE B 500 7.03 -33.46 12.11
N VAL B 501 6.31 -32.35 11.97
CA VAL B 501 5.49 -32.10 10.76
C VAL B 501 6.22 -31.00 9.98
N VAL B 502 6.65 -31.37 8.78
CA VAL B 502 7.59 -30.57 7.96
C VAL B 502 6.82 -30.16 6.72
N VAL B 503 6.43 -28.89 6.66
CA VAL B 503 5.52 -28.38 5.62
C VAL B 503 6.13 -27.11 5.06
N GLY B 504 5.61 -26.63 3.94
CA GLY B 504 6.01 -25.31 3.42
C GLY B 504 5.93 -25.23 1.91
N ASP B 505 6.97 -24.66 1.31
CA ASP B 505 6.93 -24.24 -0.10
C ASP B 505 7.59 -25.23 -1.04
N LYS B 506 7.23 -25.11 -2.31
CA LYS B 506 8.09 -25.47 -3.46
C LYS B 506 8.42 -24.17 -4.19
N SER B 507 9.70 -23.80 -4.20
CA SER B 507 10.15 -22.52 -4.76
C SER B 507 10.61 -22.69 -6.21
N GLY B 508 10.22 -21.74 -7.06
CA GLY B 508 10.73 -21.61 -8.43
C GLY B 508 9.88 -20.66 -9.20
N LEU B 509 9.88 -20.79 -10.53
CA LEU B 509 9.30 -19.78 -11.41
C LEU B 509 8.06 -20.31 -12.13
N THR B 510 7.65 -21.56 -11.89
CA THR B 510 6.57 -22.24 -12.65
C THR B 510 5.30 -22.31 -11.83
N LEU B 511 4.19 -22.65 -12.47
CA LEU B 511 2.85 -22.64 -11.85
C LEU B 511 2.77 -23.60 -10.66
N ASP B 512 3.55 -24.68 -10.68
CA ASP B 512 3.52 -25.71 -9.60
C ASP B 512 4.29 -25.21 -8.38
N CYS B 513 4.96 -24.05 -8.47
CA CYS B 513 5.71 -23.47 -7.34
C CYS B 513 4.80 -22.51 -6.55
N THR B 514 5.01 -22.49 -5.24
CA THR B 514 4.13 -21.72 -4.29
C THR B 514 4.83 -20.43 -3.88
N THR B 515 6.13 -20.33 -4.07
CA THR B 515 6.92 -19.12 -3.80
C THR B 515 8.01 -19.03 -4.87
N GLY B 516 8.68 -17.89 -4.89
CA GLY B 516 9.65 -17.61 -5.95
C GLY B 516 9.18 -16.53 -6.88
N GLU B 517 10.10 -16.00 -7.66
CA GLU B 517 9.80 -15.02 -8.72
C GLU B 517 8.59 -15.47 -9.53
N SER B 518 7.55 -14.62 -9.58
CA SER B 518 6.29 -14.80 -10.36
C SER B 518 5.24 -15.60 -9.57
N ARG B 519 5.55 -16.03 -8.35
CA ARG B 519 4.66 -16.85 -7.50
C ARG B 519 4.27 -16.08 -6.25
N ASP B 520 3.31 -15.18 -6.39
CA ASP B 520 2.85 -14.29 -5.31
C ASP B 520 1.63 -14.93 -4.64
N MET B 521 1.57 -14.89 -3.32
CA MET B 521 0.52 -15.60 -2.54
C MET B 521 -0.30 -14.55 -1.81
N ALA B 522 -1.55 -14.39 -2.23
CA ALA B 522 -2.39 -13.30 -1.71
C ALA B 522 -2.72 -13.51 -0.23
N ASN B 523 -3.09 -14.73 0.18
CA ASN B 523 -3.79 -14.91 1.47
C ASN B 523 -2.94 -15.62 2.49
N LEU B 524 -1.69 -15.90 2.18
CA LEU B 524 -0.64 -16.36 3.14
C LEU B 524 -1.07 -17.61 3.90
N LYS B 525 -1.90 -18.48 3.32
CA LYS B 525 -2.18 -19.80 3.93
C LYS B 525 -1.08 -20.76 3.48
N LEU B 526 -0.63 -21.63 4.38
CA LEU B 526 0.31 -22.67 3.96
C LEU B 526 -0.27 -23.34 2.72
N PRO B 527 0.57 -23.66 1.72
CA PRO B 527 0.07 -24.20 0.47
C PRO B 527 -0.70 -25.52 0.63
N GLY B 528 -1.63 -25.71 -0.28
CA GLY B 528 -2.41 -26.96 -0.39
C GLY B 528 -3.25 -27.20 0.84
N VAL B 529 -3.24 -28.44 1.33
CA VAL B 529 -3.95 -28.80 2.58
C VAL B 529 -2.93 -29.03 3.70
N GLN B 530 -1.74 -28.40 3.62
CA GLN B 530 -0.73 -28.57 4.67
C GLN B 530 -1.24 -28.07 6.02
N GLU B 531 -1.99 -26.95 6.09
CA GLU B 531 -2.49 -26.46 7.37
C GLU B 531 -3.39 -27.55 7.98
N GLU B 532 -4.29 -28.10 7.18
CA GLU B 532 -5.23 -29.17 7.64
C GLU B 532 -4.42 -30.38 8.10
N LEU B 533 -3.31 -30.72 7.41
CA LEU B 533 -2.47 -31.87 7.82
C LEU B 533 -1.96 -31.60 9.24
N VAL B 534 -1.40 -30.42 9.47
CA VAL B 534 -0.87 -30.05 10.80
C VAL B 534 -1.99 -30.21 11.85
N LEU B 535 -3.17 -29.69 11.58
CA LEU B 535 -4.26 -29.66 12.56
C LEU B 535 -4.75 -31.10 12.81
N GLU B 536 -4.77 -31.96 11.80
CA GLU B 536 -5.24 -33.37 11.98
C GLU B 536 -4.22 -34.10 12.84
N VAL B 537 -2.93 -33.86 12.62
CA VAL B 537 -1.88 -34.53 13.42
C VAL B 537 -2.02 -34.04 14.88
N ALA B 538 -2.23 -32.74 15.10
CA ALA B 538 -2.29 -32.19 16.47
C ALA B 538 -3.47 -32.82 17.22
N LYS B 539 -4.56 -33.12 16.52
CA LYS B 539 -5.79 -33.68 17.14
C LYS B 539 -5.51 -35.03 17.81
N THR B 540 -4.45 -35.73 17.42
CA THR B 540 -4.05 -37.02 18.04
C THR B 540 -3.67 -36.81 19.52
N GLY B 541 -3.35 -35.58 19.92
CA GLY B 541 -2.90 -35.26 21.28
C GLY B 541 -1.41 -35.47 21.46
N LYS B 542 -0.68 -35.98 20.46
CA LYS B 542 0.78 -36.21 20.55
C LYS B 542 1.53 -34.89 20.51
N PRO B 543 2.71 -34.78 21.13
CA PRO B 543 3.49 -33.54 21.00
C PRO B 543 3.78 -33.31 19.51
N VAL B 544 3.75 -32.05 19.08
CA VAL B 544 3.98 -31.71 17.65
C VAL B 544 5.08 -30.63 17.58
N VAL B 545 6.09 -30.93 16.80
CA VAL B 545 7.15 -29.99 16.36
C VAL B 545 6.80 -29.65 14.90
N LEU B 546 6.55 -28.38 14.63
CA LEU B 546 6.20 -27.88 13.30
C LEU B 546 7.45 -27.25 12.72
N VAL B 547 7.86 -27.75 11.57
CA VAL B 547 9.06 -27.29 10.83
C VAL B 547 8.56 -26.66 9.54
N LEU B 548 8.75 -25.34 9.38
CA LEU B 548 8.35 -24.61 8.17
C LEU B 548 9.58 -24.50 7.25
N ILE B 549 9.52 -25.15 6.12
CA ILE B 549 10.59 -25.00 5.10
C ILE B 549 9.97 -24.15 4.01
N THR B 550 10.17 -22.84 4.16
CA THR B 550 9.41 -21.87 3.35
C THR B 550 10.30 -20.71 2.88
N GLY B 551 9.78 -19.95 1.92
CA GLY B 551 10.45 -18.77 1.37
C GLY B 551 9.79 -17.47 1.83
N ARG B 552 8.65 -17.57 2.51
CA ARG B 552 7.94 -16.36 3.01
C ARG B 552 7.34 -16.64 4.37
N PRO B 553 7.03 -15.58 5.13
CA PRO B 553 6.12 -15.72 6.26
C PRO B 553 4.78 -16.27 5.76
N TYR B 554 4.24 -17.25 6.50
CA TYR B 554 2.85 -17.72 6.35
C TYR B 554 2.07 -17.34 7.59
N SER B 555 0.76 -17.22 7.42
CA SER B 555 -0.19 -17.00 8.54
C SER B 555 -0.19 -18.29 9.38
N LEU B 556 0.25 -18.20 10.61
CA LEU B 556 0.26 -19.38 11.51
C LEU B 556 -0.84 -19.25 12.56
N LYS B 557 -1.75 -18.29 12.39
CA LYS B 557 -2.81 -18.02 13.38
C LYS B 557 -3.55 -19.31 13.73
N ASN B 558 -3.81 -20.23 12.81
CA ASN B 558 -4.70 -21.39 13.11
C ASN B 558 -3.89 -22.57 13.66
N VAL B 559 -2.55 -22.52 13.66
CA VAL B 559 -1.74 -23.68 14.11
C VAL B 559 -0.92 -23.32 15.33
N VAL B 560 -0.59 -22.04 15.54
CA VAL B 560 0.48 -21.68 16.52
C VAL B 560 0.10 -22.21 17.91
N ASP B 561 -1.18 -22.11 18.27
CA ASP B 561 -1.61 -22.45 19.66
C ASP B 561 -1.86 -23.96 19.76
N LYS B 562 -1.73 -24.73 18.67
CA LYS B 562 -2.06 -26.17 18.63
C LYS B 562 -0.78 -27.01 18.60
N VAL B 563 0.39 -26.38 18.46
CA VAL B 563 1.66 -27.14 18.31
C VAL B 563 2.60 -26.74 19.45
N ASN B 564 3.56 -27.60 19.78
CA ASN B 564 4.41 -27.42 20.97
C ASN B 564 5.65 -26.57 20.64
N ALA B 565 6.15 -26.70 19.42
CA ALA B 565 7.32 -25.93 18.96
C ALA B 565 7.20 -25.65 17.48
N ILE B 566 7.82 -24.54 17.06
CA ILE B 566 7.83 -24.13 15.65
C ILE B 566 9.24 -23.69 15.29
N LEU B 567 9.78 -24.32 14.27
CA LEU B 567 11.05 -23.92 13.62
C LEU B 567 10.75 -23.32 12.24
N GLN B 568 11.30 -22.13 12.04
CA GLN B 568 11.31 -21.51 10.68
C GLN B 568 12.66 -21.84 10.04
N VAL B 569 12.60 -22.57 8.95
CA VAL B 569 13.78 -22.97 8.15
C VAL B 569 13.61 -22.30 6.79
N TRP B 570 14.11 -21.09 6.66
CA TRP B 570 14.13 -20.45 5.32
C TRP B 570 14.86 -21.35 4.35
N LEU B 571 14.32 -21.58 3.15
CA LEU B 571 14.83 -22.48 2.09
C LEU B 571 16.33 -22.65 2.20
N PRO B 572 16.77 -23.78 2.76
CA PRO B 572 18.15 -23.88 3.25
C PRO B 572 19.18 -24.44 2.28
N GLY B 573 18.74 -24.91 1.12
CA GLY B 573 19.56 -25.62 0.13
C GLY B 573 20.22 -26.86 0.76
N GLU B 574 21.43 -27.20 0.32
CA GLU B 574 21.94 -28.60 0.49
C GLU B 574 22.24 -28.89 1.95
N ALA B 575 22.50 -27.90 2.78
CA ALA B 575 22.87 -28.09 4.20
C ALA B 575 21.63 -28.23 5.11
N GLY B 576 20.43 -28.11 4.57
CA GLY B 576 19.19 -28.00 5.34
C GLY B 576 18.91 -29.21 6.23
N GLY B 577 19.00 -30.42 5.69
CA GLY B 577 18.67 -31.63 6.45
C GLY B 577 19.49 -31.72 7.72
N ARG B 578 20.80 -31.65 7.59
CA ARG B 578 21.72 -31.80 8.74
C ARG B 578 21.45 -30.69 9.76
N ALA B 579 21.27 -29.46 9.31
CA ALA B 579 21.07 -28.32 10.24
C ALA B 579 19.77 -28.51 11.03
N ILE B 580 18.72 -28.98 10.36
CA ILE B 580 17.41 -29.20 10.99
C ILE B 580 17.57 -30.24 12.09
N VAL B 581 18.18 -31.37 11.76
CA VAL B 581 18.28 -32.49 12.75
C VAL B 581 19.21 -32.05 13.89
N ASP B 582 20.30 -31.35 13.58
CA ASP B 582 21.21 -30.78 14.59
C ASP B 582 20.40 -29.95 15.59
N ILE B 583 19.56 -29.04 15.11
CA ILE B 583 18.78 -28.15 16.00
C ILE B 583 17.75 -28.95 16.79
N ILE B 584 17.02 -29.85 16.15
CA ILE B 584 15.92 -30.57 16.83
C ILE B 584 16.49 -31.31 18.05
N TYR B 585 17.69 -31.87 17.94
CA TYR B 585 18.31 -32.71 18.99
C TYR B 585 19.27 -31.90 19.86
N GLY B 586 19.41 -30.60 19.58
CA GLY B 586 20.25 -29.73 20.41
C GLY B 586 21.74 -29.94 20.24
N LYS B 587 22.22 -30.59 19.17
CA LYS B 587 23.65 -30.59 18.80
C LYS B 587 24.04 -29.16 18.45
N VAL B 588 23.08 -28.41 17.90
CA VAL B 588 23.22 -26.95 17.65
C VAL B 588 22.11 -26.25 18.40
N ASN B 589 22.44 -25.15 19.08
CA ASN B 589 21.44 -24.33 19.80
C ASN B 589 20.95 -23.32 18.77
N PRO B 590 19.64 -23.31 18.43
CA PRO B 590 19.16 -22.36 17.43
C PRO B 590 19.47 -20.95 17.88
N SER B 591 19.78 -20.09 16.91
CA SER B 591 20.22 -18.72 17.17
C SER B 591 19.78 -17.72 16.10
N GLY B 592 19.02 -18.16 15.12
CA GLY B 592 18.48 -17.24 14.10
C GLY B 592 17.47 -16.28 14.70
N LYS B 593 17.36 -15.10 14.08
CA LYS B 593 16.36 -14.08 14.51
C LYS B 593 15.60 -13.63 13.25
N LEU B 594 14.30 -13.43 13.35
CA LEU B 594 13.52 -12.99 12.18
C LEU B 594 14.07 -11.69 11.58
N PRO B 595 14.25 -11.67 10.25
CA PRO B 595 14.61 -10.43 9.57
C PRO B 595 13.37 -9.77 8.94
N ILE B 596 12.22 -10.37 9.15
CA ILE B 596 10.93 -9.90 8.58
C ILE B 596 9.83 -10.32 9.56
N SER B 597 8.90 -9.42 9.82
CA SER B 597 7.73 -9.64 10.69
C SER B 597 6.87 -10.76 10.11
N PHE B 598 6.26 -11.60 10.97
CA PHE B 598 5.25 -12.60 10.54
C PHE B 598 3.85 -12.04 10.78
N PRO B 599 3.09 -11.67 9.72
CA PRO B 599 1.73 -11.18 9.90
C PRO B 599 0.83 -12.27 10.48
N ARG B 600 -0.17 -11.83 11.25
CA ARG B 600 -1.24 -12.76 11.70
C ARG B 600 -2.06 -13.22 10.50
N SER B 601 -2.19 -12.37 9.48
CA SER B 601 -3.08 -12.58 8.32
C SER B 601 -2.65 -11.64 7.20
N ALA B 602 -3.02 -11.98 5.98
CA ALA B 602 -2.71 -11.15 4.80
C ALA B 602 -3.35 -9.77 4.99
N GLY B 603 -4.55 -9.72 5.58
CA GLY B 603 -5.27 -8.43 5.73
C GLY B 603 -4.58 -7.49 6.69
N GLN B 604 -3.62 -7.99 7.48
CA GLN B 604 -2.83 -7.15 8.40
C GLN B 604 -1.66 -6.46 7.68
N ILE B 605 -1.39 -6.82 6.43
CA ILE B 605 -0.19 -6.30 5.73
C ILE B 605 -0.37 -4.80 5.52
N PRO B 606 0.66 -3.97 5.76
CA PRO B 606 1.97 -4.39 6.25
C PRO B 606 2.11 -4.28 7.76
N VAL B 607 2.98 -5.13 8.30
CA VAL B 607 3.46 -5.05 9.69
C VAL B 607 4.98 -4.99 9.62
N PHE B 608 5.55 -4.05 10.36
CA PHE B 608 7.00 -3.88 10.42
C PHE B 608 7.34 -3.13 11.71
N HIS B 609 8.56 -3.29 12.19
CA HIS B 609 8.93 -2.87 13.55
C HIS B 609 9.09 -1.34 13.66
N TYR B 610 9.39 -0.66 12.55
CA TYR B 610 9.79 0.76 12.54
C TYR B 610 8.64 1.65 12.10
N VAL B 611 7.40 1.27 12.47
CA VAL B 611 6.22 2.14 12.25
C VAL B 611 6.46 3.48 12.98
N LYS B 612 5.86 4.50 12.45
CA LYS B 612 5.70 5.81 13.10
C LYS B 612 4.69 5.66 14.24
N PRO B 613 4.53 6.67 15.09
CA PRO B 613 3.61 6.54 16.22
C PRO B 613 2.18 6.24 15.81
N SER B 614 1.78 6.69 14.62
CA SER B 614 0.44 6.43 14.03
C SER B 614 0.40 5.10 13.27
N GLY B 615 1.57 4.48 13.01
CA GLY B 615 1.58 3.18 12.31
C GLY B 615 1.42 2.02 13.30
N GLY B 616 1.17 0.82 12.77
CA GLY B 616 1.14 -0.41 13.58
C GLY B 616 -0.06 -0.45 14.52
N ARG B 617 -1.05 0.41 14.30
CA ARG B 617 -2.27 0.50 15.14
C ARG B 617 -3.37 1.16 14.34
N SER B 618 -4.60 0.86 14.72
CA SER B 618 -5.82 1.54 14.25
C SER B 618 -6.27 2.47 15.38
N HIS B 619 -6.40 3.77 15.12
CA HIS B 619 -6.81 4.69 16.21
C HIS B 619 -8.34 4.78 16.22
N TRP B 620 -9.01 4.76 17.38
CA TRP B 620 -8.47 4.84 18.72
C TRP B 620 -8.70 3.53 19.51
N HIS B 621 -9.15 2.45 18.90
CA HIS B 621 -9.34 1.14 19.61
C HIS B 621 -8.07 0.30 19.58
N GLY B 622 -7.09 0.68 18.77
CA GLY B 622 -5.79 -0.01 18.71
C GLY B 622 -5.78 -1.12 17.67
N ASP B 623 -6.69 -2.07 17.79
CA ASP B 623 -6.76 -3.24 16.91
C ASP B 623 -7.78 -3.04 15.78
N TYR B 624 -7.69 -3.90 14.78
CA TYR B 624 -8.79 -4.11 13.83
C TYR B 624 -9.96 -4.71 14.59
N VAL B 625 -11.12 -4.67 13.96
CA VAL B 625 -12.35 -5.30 14.52
C VAL B 625 -12.07 -6.80 14.74
N ASP B 626 -11.35 -7.41 13.81
CA ASP B 626 -11.23 -8.88 13.64
C ASP B 626 -9.82 -9.41 13.93
N GLU B 627 -8.88 -8.56 14.34
CA GLU B 627 -7.45 -8.97 14.33
C GLU B 627 -6.66 -7.96 15.16
N SER B 628 -5.67 -8.44 15.88
CA SER B 628 -4.62 -7.57 16.47
C SER B 628 -3.92 -6.80 15.33
N THR B 629 -3.41 -5.61 15.61
CA THR B 629 -2.51 -4.89 14.67
C THR B 629 -1.06 -5.31 14.85
N LYS B 630 -0.75 -6.14 15.84
CA LYS B 630 0.64 -6.61 16.13
C LYS B 630 0.90 -7.86 15.31
N PRO B 631 2.09 -7.99 14.71
CA PRO B 631 2.43 -9.23 14.03
C PRO B 631 2.44 -10.39 15.02
N LEU B 632 2.26 -11.59 14.49
CA LEU B 632 2.28 -12.81 15.32
C LEU B 632 3.69 -12.99 15.89
N PHE B 633 4.73 -12.88 15.05
CA PHE B 633 6.11 -12.85 15.54
C PHE B 633 6.74 -11.56 15.03
N PRO B 634 7.38 -10.77 15.91
CA PRO B 634 7.99 -9.51 15.50
C PRO B 634 9.39 -9.67 14.92
N PHE B 635 9.81 -8.60 14.25
CA PHE B 635 11.19 -8.43 13.76
C PHE B 635 12.16 -8.74 14.88
N GLY B 636 13.20 -9.53 14.57
CA GLY B 636 14.28 -9.84 15.52
C GLY B 636 13.94 -10.98 16.46
N HIS B 637 12.76 -11.57 16.33
CA HIS B 637 12.31 -12.69 17.22
C HIS B 637 13.11 -13.96 16.93
N GLY B 638 13.56 -14.62 17.98
CA GLY B 638 14.16 -15.96 17.82
C GLY B 638 14.57 -16.46 19.18
N LEU B 639 14.07 -17.64 19.55
CA LEU B 639 14.31 -18.20 20.89
C LEU B 639 15.58 -19.05 20.85
N SER B 640 15.96 -19.55 22.03
CA SER B 640 17.20 -20.32 22.27
C SER B 640 16.87 -21.46 23.23
N TYR B 641 17.73 -22.46 23.25
CA TYR B 641 17.62 -23.53 24.27
C TYR B 641 18.31 -23.08 25.56
N THR B 642 18.88 -21.87 25.58
CA THR B 642 19.43 -21.29 26.82
C THR B 642 18.76 -19.93 27.05
N LYS B 643 19.17 -19.28 28.12
CA LYS B 643 18.60 -18.00 28.62
C LYS B 643 19.74 -17.01 28.70
N PHE B 644 19.50 -15.80 28.18
CA PHE B 644 20.49 -14.70 28.17
C PHE B 644 19.96 -13.60 29.07
N GLU B 645 20.84 -13.10 29.92
CA GLU B 645 20.48 -12.06 30.89
C GLU B 645 21.31 -10.83 30.57
N TYR B 646 20.61 -9.74 30.32
CA TYR B 646 21.20 -8.44 29.93
C TYR B 646 21.28 -7.60 31.20
N SER B 647 22.37 -6.86 31.36
CA SER B 647 22.56 -5.98 32.52
C SER B 647 23.46 -4.80 32.14
N ASN B 648 23.52 -3.84 33.03
CA ASN B 648 24.60 -2.83 33.06
C ASN B 648 24.63 -2.04 31.71
N LEU B 649 23.50 -1.45 31.35
CA LEU B 649 23.44 -0.54 30.18
C LEU B 649 24.26 0.68 30.50
N ARG B 650 25.24 1.02 29.65
CA ARG B 650 25.98 2.29 29.72
C ARG B 650 25.78 3.02 28.40
N ILE B 651 25.58 4.32 28.49
CA ILE B 651 25.43 5.20 27.30
C ILE B 651 26.31 6.41 27.59
N GLU B 652 27.40 6.57 26.84
CA GLU B 652 28.34 7.67 27.15
C GLU B 652 28.82 8.29 25.85
N PRO B 653 28.91 9.64 25.79
CA PRO B 653 28.41 10.55 26.81
C PRO B 653 26.89 10.71 26.70
N LYS B 654 26.27 11.36 27.69
CA LYS B 654 24.82 11.58 27.77
C LYS B 654 24.38 12.75 26.90
N GLU B 655 25.31 13.65 26.56
CA GLU B 655 25.06 14.75 25.61
C GLU B 655 26.12 14.72 24.52
N VAL B 656 25.69 14.75 23.27
CA VAL B 656 26.65 14.66 22.12
C VAL B 656 26.27 15.73 21.12
N PRO B 657 27.24 16.35 20.42
CA PRO B 657 26.91 17.31 19.37
C PRO B 657 26.44 16.57 18.11
N PRO B 658 25.92 17.28 17.11
CA PRO B 658 25.24 16.63 16.00
C PRO B 658 26.08 15.82 15.01
N ALA B 659 27.42 15.88 15.10
CA ALA B 659 28.29 14.94 14.37
C ALA B 659 29.17 14.15 15.35
N GLY B 660 28.72 14.04 16.59
CA GLY B 660 29.43 13.31 17.64
C GLY B 660 29.18 11.82 17.57
N GLU B 661 29.55 11.13 18.63
CA GLU B 661 29.46 9.67 18.73
C GLU B 661 29.09 9.29 20.16
N VAL B 662 28.20 8.31 20.31
CA VAL B 662 27.82 7.73 21.62
CA VAL B 662 27.86 7.74 21.63
C VAL B 662 28.31 6.28 21.63
N VAL B 663 28.70 5.81 22.79
CA VAL B 663 29.15 4.42 22.99
C VAL B 663 28.19 3.77 23.96
N ILE B 664 27.50 2.76 23.48
CA ILE B 664 26.46 2.03 24.21
C ILE B 664 27.02 0.67 24.51
N LYS B 665 27.02 0.31 25.80
CA LYS B 665 27.54 -1.01 26.22
C LYS B 665 26.48 -1.72 27.02
N VAL B 666 26.41 -3.03 26.82
CA VAL B 666 25.55 -3.90 27.68
CA VAL B 666 25.55 -3.91 27.65
C VAL B 666 26.32 -5.18 27.96
N ASP B 667 26.09 -5.73 29.14
CA ASP B 667 26.62 -7.06 29.52
C ASP B 667 25.52 -8.09 29.21
N VAL B 668 25.91 -9.20 28.61
CA VAL B 668 25.02 -10.33 28.31
C VAL B 668 25.66 -11.59 28.89
N GLU B 669 24.88 -12.32 29.67
CA GLU B 669 25.36 -13.54 30.37
C GLU B 669 24.46 -14.70 29.97
N ASN B 670 25.08 -15.80 29.54
CA ASN B 670 24.37 -17.05 29.28
C ASN B 670 24.15 -17.68 30.66
N ILE B 671 22.97 -17.52 31.23
CA ILE B 671 22.69 -18.01 32.62
C ILE B 671 22.08 -19.41 32.55
N GLY B 672 21.90 -20.00 31.36
CA GLY B 672 21.32 -21.35 31.19
C GLY B 672 22.37 -22.43 31.20
N ASP B 673 22.05 -23.62 30.67
CA ASP B 673 22.92 -24.82 30.76
C ASP B 673 23.48 -25.26 29.42
N ARG B 674 23.18 -24.53 28.34
CA ARG B 674 23.68 -24.87 26.99
C ARG B 674 24.42 -23.64 26.44
N ASP B 675 25.54 -23.87 25.79
CA ASP B 675 26.24 -22.84 25.00
C ASP B 675 25.25 -22.31 23.95
N GLY B 676 25.36 -21.05 23.57
CA GLY B 676 24.50 -20.56 22.47
C GLY B 676 24.91 -19.17 22.07
N ASP B 677 24.53 -18.81 20.84
CA ASP B 677 24.71 -17.43 20.35
C ASP B 677 23.43 -16.65 20.61
N GLU B 678 23.61 -15.41 21.03
CA GLU B 678 22.55 -14.39 21.16
C GLU B 678 22.83 -13.35 20.09
N VAL B 679 21.77 -12.83 19.50
CA VAL B 679 21.89 -11.64 18.59
C VAL B 679 21.34 -10.47 19.37
N VAL B 680 22.25 -9.68 19.91
CA VAL B 680 21.94 -8.47 20.69
C VAL B 680 21.55 -7.38 19.69
N GLN B 681 20.40 -6.74 19.88
CA GLN B 681 19.83 -5.80 18.90
C GLN B 681 19.72 -4.42 19.55
N LEU B 682 20.14 -3.39 18.79
CA LEU B 682 20.06 -1.97 19.21
C LEU B 682 18.96 -1.29 18.38
N TYR B 683 17.95 -0.79 19.06
CA TYR B 683 16.86 0.00 18.44
C TYR B 683 16.99 1.42 18.93
N ILE B 684 16.75 2.37 18.03
CA ILE B 684 16.78 3.80 18.35
C ILE B 684 15.41 4.40 18.06
N GLY B 685 14.94 5.21 18.99
CA GLY B 685 13.69 5.95 18.83
C GLY B 685 13.94 7.43 18.89
N ARG B 686 13.05 8.19 18.28
CA ARG B 686 13.13 9.64 18.30
C ARG B 686 11.71 10.18 18.29
N GLU B 687 11.46 11.17 19.13
CA GLU B 687 10.24 11.99 19.09
C GLU B 687 10.66 13.45 18.99
N PHE B 688 9.70 14.31 18.65
CA PHE B 688 9.92 15.77 18.61
C PHE B 688 11.05 16.12 17.64
N ALA B 689 11.11 15.41 16.53
CA ALA B 689 11.86 15.84 15.34
C ALA B 689 10.93 16.75 14.56
N SER B 690 11.38 17.30 13.46
CA SER B 690 10.58 18.18 12.58
C SER B 690 9.61 17.34 11.72
N VAL B 691 9.85 16.04 11.65
CA VAL B 691 9.04 15.05 10.94
C VAL B 691 8.76 13.92 11.94
N THR B 692 7.76 13.09 11.67
CA THR B 692 7.52 11.91 12.50
C THR B 692 8.65 10.90 12.28
N ARG B 693 9.00 10.19 13.34
CA ARG B 693 10.08 9.21 13.28
C ARG B 693 9.56 7.88 13.79
N PRO B 694 10.23 6.77 13.43
CA PRO B 694 9.90 5.47 14.01
C PRO B 694 10.06 5.52 15.53
N VAL B 695 9.09 4.91 16.21
CA VAL B 695 9.15 4.72 17.68
C VAL B 695 10.40 3.90 18.03
N LYS B 696 10.70 2.91 17.21
CA LYS B 696 11.95 2.13 17.32
C LYS B 696 12.35 1.67 15.93
N GLU B 697 13.65 1.73 15.66
N GLU B 697 13.66 1.72 15.69
CA GLU B 697 14.21 1.24 14.37
CA GLU B 697 14.22 1.23 14.42
C GLU B 697 15.58 0.62 14.64
C GLU B 697 15.59 0.60 14.68
N LEU B 698 15.83 -0.54 14.05
CA LEU B 698 17.11 -1.22 14.20
C LEU B 698 18.24 -0.31 13.67
N LYS B 699 19.23 -0.06 14.51
CA LYS B 699 20.40 0.75 14.10
C LYS B 699 21.72 0.04 14.47
N GLY B 700 21.66 -1.14 15.03
CA GLY B 700 22.91 -1.88 15.32
C GLY B 700 22.61 -3.28 15.79
N PHE B 701 23.58 -4.17 15.71
CA PHE B 701 23.37 -5.54 16.26
C PHE B 701 24.70 -6.25 16.36
N LYS B 702 24.73 -7.27 17.20
CA LYS B 702 25.93 -8.13 17.29
C LYS B 702 25.53 -9.54 17.70
N ARG B 703 25.87 -10.51 16.86
CA ARG B 703 25.85 -11.94 17.23
C ARG B 703 27.02 -12.18 18.20
N VAL B 704 26.73 -12.74 19.37
CA VAL B 704 27.78 -12.98 20.40
C VAL B 704 27.63 -14.44 20.85
N SER B 705 28.75 -15.16 20.82
CA SER B 705 28.87 -16.54 21.34
C SER B 705 29.05 -16.53 22.84
N LEU B 706 28.23 -17.29 23.57
CA LEU B 706 28.34 -17.34 25.03
C LEU B 706 28.28 -18.81 25.46
N LYS B 707 29.38 -19.30 26.06
CA LYS B 707 29.29 -20.62 26.70
C LYS B 707 28.29 -20.51 27.84
N ALA B 708 27.78 -21.64 28.31
CA ALA B 708 26.97 -21.66 29.56
C ALA B 708 27.80 -20.96 30.63
N LYS B 709 27.16 -20.05 31.37
CA LYS B 709 27.72 -19.26 32.48
C LYS B 709 28.76 -18.23 32.00
N GLU B 710 28.92 -18.01 30.70
CA GLU B 710 29.86 -16.95 30.23
C GLU B 710 29.12 -15.61 30.17
N LYS B 711 29.82 -14.53 30.53
CA LYS B 711 29.35 -13.14 30.39
C LYS B 711 30.33 -12.38 29.49
N LYS B 712 29.79 -11.58 28.57
CA LYS B 712 30.60 -10.68 27.71
C LYS B 712 29.92 -9.30 27.69
N THR B 713 30.69 -8.31 27.26
CA THR B 713 30.18 -6.94 27.02
C THR B 713 30.02 -6.78 25.52
N VAL B 714 28.86 -6.28 25.10
CA VAL B 714 28.63 -5.92 23.68
C VAL B 714 28.71 -4.40 23.62
N VAL B 715 29.44 -3.89 22.64
CA VAL B 715 29.72 -2.45 22.50
C VAL B 715 29.18 -2.00 21.14
N PHE B 716 28.39 -0.95 21.13
CA PHE B 716 27.90 -0.27 19.90
C PHE B 716 28.48 1.14 19.88
N ARG B 717 29.30 1.44 18.88
CA ARG B 717 29.83 2.80 18.64
C ARG B 717 28.94 3.47 17.59
N LEU B 718 28.09 4.38 18.03
CA LEU B 718 27.01 4.97 17.21
C LEU B 718 27.34 6.42 16.90
N HIS B 719 27.84 6.67 15.70
CA HIS B 719 28.06 8.05 15.19
C HIS B 719 26.72 8.69 14.83
N MET B 720 26.56 9.98 15.08
CA MET B 720 25.25 10.63 14.81
C MET B 720 24.91 10.62 13.32
N ASP B 721 25.92 10.54 12.43
CA ASP B 721 25.65 10.33 11.00
C ASP B 721 24.66 9.17 10.78
N VAL B 722 24.76 8.11 11.57
CA VAL B 722 23.95 6.87 11.41
C VAL B 722 22.47 7.18 11.62
N LEU B 723 22.18 8.23 12.40
CA LEU B 723 20.78 8.56 12.80
C LEU B 723 20.15 9.58 11.88
N ALA B 724 20.85 10.05 10.85
CA ALA B 724 20.33 11.15 10.01
C ALA B 724 19.02 10.74 9.35
N TYR B 725 18.10 11.70 9.19
CA TYR B 725 16.83 11.48 8.50
C TYR B 725 16.46 12.73 7.70
N TYR B 726 15.49 12.59 6.81
CA TYR B 726 15.07 13.68 5.90
C TYR B 726 14.02 14.56 6.58
N ASN B 727 14.22 15.87 6.52
CA ASN B 727 13.34 16.87 7.17
C ASN B 727 12.22 17.32 6.21
N ARG B 728 11.46 18.34 6.60
N ARG B 728 11.46 18.35 6.60
CA ARG B 728 10.31 18.84 5.82
CA ARG B 728 10.30 18.81 5.80
C ARG B 728 10.78 19.31 4.44
C ARG B 728 10.76 19.33 4.43
N ASP B 729 12.00 19.82 4.34
CA ASP B 729 12.56 20.37 3.08
C ASP B 729 13.43 19.34 2.37
N MET B 730 13.34 18.06 2.73
CA MET B 730 14.06 16.95 2.07
C MET B 730 15.58 17.14 2.24
N LYS B 731 15.99 17.74 3.33
CA LYS B 731 17.41 17.82 3.74
C LYS B 731 17.69 16.69 4.73
N LEU B 732 18.84 16.06 4.60
CA LEU B 732 19.31 15.02 5.53
C LEU B 732 19.88 15.73 6.75
N VAL B 733 19.32 15.46 7.93
CA VAL B 733 19.65 16.27 9.14
C VAL B 733 19.85 15.38 10.37
N VAL B 734 20.53 15.95 11.34
CA VAL B 734 20.53 15.51 12.75
C VAL B 734 20.06 16.75 13.54
N GLU B 735 18.94 16.60 14.24
CA GLU B 735 18.32 17.72 14.98
C GLU B 735 18.61 17.51 16.45
N PRO B 736 18.83 18.59 17.22
CA PRO B 736 18.96 18.42 18.66
C PRO B 736 17.67 17.84 19.26
N GLY B 737 17.86 17.13 20.37
CA GLY B 737 16.79 16.44 21.11
C GLY B 737 17.25 15.10 21.60
N GLU B 738 16.29 14.32 22.06
CA GLU B 738 16.58 13.07 22.78
C GLU B 738 16.43 11.89 21.82
N PHE B 739 17.37 10.97 21.88
CA PHE B 739 17.30 9.67 21.20
C PHE B 739 17.14 8.59 22.28
N LYS B 740 16.17 7.70 22.05
CA LYS B 740 15.90 6.60 22.98
C LYS B 740 16.72 5.40 22.50
N VAL B 741 17.42 4.80 23.44
CA VAL B 741 18.23 3.58 23.22
C VAL B 741 17.47 2.38 23.80
N MET B 742 17.23 1.37 23.00
CA MET B 742 16.54 0.13 23.41
C MET B 742 17.39 -1.06 22.97
N VAL B 743 17.86 -1.83 23.92
CA VAL B 743 18.69 -2.99 23.62
C VAL B 743 17.94 -4.25 24.05
N GLY B 744 17.90 -5.25 23.18
CA GLY B 744 17.19 -6.48 23.52
C GLY B 744 17.40 -7.63 22.56
N SER B 745 16.60 -8.67 22.77
CA SER B 745 16.73 -10.00 22.14
C SER B 745 15.78 -10.09 20.94
N SER B 746 14.84 -9.15 20.84
CA SER B 746 14.03 -8.93 19.62
C SER B 746 13.57 -7.47 19.65
N SER B 747 12.85 -7.03 18.61
CA SER B 747 12.27 -5.68 18.56
C SER B 747 11.23 -5.53 19.68
N GLU B 748 10.63 -6.63 20.16
CA GLU B 748 9.64 -6.57 21.27
C GLU B 748 10.26 -6.93 22.61
N ASP B 749 11.17 -7.90 22.63
CA ASP B 749 11.88 -8.35 23.84
C ASP B 749 13.02 -7.40 24.18
N ILE B 750 12.67 -6.16 24.43
CA ILE B 750 13.63 -5.11 24.86
C ILE B 750 14.00 -5.41 26.32
N ARG B 751 15.28 -5.41 26.62
CA ARG B 751 15.79 -5.78 27.97
C ARG B 751 16.19 -4.54 28.75
N LEU B 752 16.80 -3.53 28.12
CA LEU B 752 17.33 -2.34 28.82
C LEU B 752 17.08 -1.13 27.95
N THR B 753 16.65 -0.03 28.55
N THR B 753 16.58 -0.04 28.52
CA THR B 753 16.33 1.22 27.82
CA THR B 753 16.34 1.22 27.78
C THR B 753 17.04 2.39 28.51
C THR B 753 17.06 2.37 28.49
N GLY B 754 17.39 3.39 27.73
CA GLY B 754 17.93 4.63 28.26
C GLY B 754 17.88 5.64 27.17
N SER B 755 18.56 6.76 27.34
CA SER B 755 18.50 7.81 26.29
C SER B 755 19.75 8.68 26.38
N PHE B 756 20.02 9.36 25.30
CA PHE B 756 21.05 10.44 25.27
C PHE B 756 20.44 11.61 24.50
N SER B 757 21.08 12.76 24.57
CA SER B 757 20.63 13.97 23.84
C SER B 757 21.68 14.43 22.85
N VAL B 758 21.20 14.87 21.72
CA VAL B 758 22.01 15.67 20.77
C VAL B 758 21.79 17.13 21.20
N VAL B 759 22.90 17.83 21.38
CA VAL B 759 22.89 19.25 21.81
C VAL B 759 23.64 20.07 20.75
N GLY B 760 23.02 21.17 20.36
CA GLY B 760 23.60 22.15 19.43
C GLY B 760 22.66 22.43 18.31
N GLU B 761 23.10 23.18 17.31
CA GLU B 761 22.26 23.64 16.19
C GLU B 761 22.03 22.46 15.24
N LYS B 762 20.81 22.35 14.71
CA LYS B 762 20.44 21.43 13.64
C LYS B 762 21.59 21.36 12.63
N ARG B 763 21.95 20.15 12.25
CA ARG B 763 23.03 19.88 11.29
C ARG B 763 22.44 19.36 10.00
N GLU B 764 22.78 19.99 8.87
CA GLU B 764 22.59 19.34 7.55
C GLU B 764 23.78 18.41 7.33
N VAL B 765 23.46 17.14 7.10
CA VAL B 765 24.48 16.09 6.86
C VAL B 765 24.82 16.17 5.37
N VAL B 766 25.99 16.71 5.04
CA VAL B 766 26.37 16.87 3.62
C VAL B 766 27.56 15.97 3.32
N GLY B 767 27.62 15.53 2.07
CA GLY B 767 28.73 14.69 1.56
C GLY B 767 28.75 13.34 2.23
N MET B 768 29.91 12.74 2.32
CA MET B 768 30.07 11.38 2.87
C MET B 768 29.71 11.41 4.35
N ARG B 769 29.09 10.35 4.80
CA ARG B 769 28.69 10.19 6.20
C ARG B 769 28.75 8.70 6.54
N LYS B 770 28.84 8.37 7.81
CA LYS B 770 28.80 6.97 8.29
C LYS B 770 27.39 6.42 8.14
N PHE B 771 27.29 5.18 7.69
CA PHE B 771 26.00 4.43 7.55
C PHE B 771 25.75 3.52 8.75
N PHE B 772 26.80 2.99 9.37
CA PHE B 772 26.67 1.84 10.27
C PHE B 772 27.21 2.14 11.67
N THR B 773 26.56 1.52 12.64
CA THR B 773 27.05 1.38 14.01
C THR B 773 28.19 0.36 13.99
N GLU B 774 29.28 0.64 14.70
CA GLU B 774 30.37 -0.34 14.85
C GLU B 774 30.03 -1.22 16.06
N ALA B 775 29.96 -2.50 15.88
CA ALA B 775 29.52 -3.41 16.95
C ALA B 775 30.68 -4.37 17.25
N CYS B 776 31.04 -4.49 18.51
CA CYS B 776 32.05 -5.50 18.89
C CYS B 776 31.77 -6.05 20.28
N GLU B 777 32.65 -6.95 20.72
CA GLU B 777 32.64 -7.56 22.06
C GLU B 777 33.88 -7.13 22.81
N GLU B 778 33.79 -6.97 24.13
CA GLU B 778 34.85 -6.67 25.14
C GLU B 778 34.63 -7.66 26.31
N ALA B 779 35.62 -7.89 27.19
CA ALA B 779 35.43 -8.76 28.39
C ALA B 779 34.53 -8.08 29.42
C1 MPD C . 1.91 16.24 0.64
C2 MPD C . 3.13 17.13 0.47
O2 MPD C . 3.99 17.10 1.69
CM MPD C . 2.66 18.57 0.27
C3 MPD C . 4.02 16.66 -0.67
C4 MPD C . 3.27 16.18 -1.90
O4 MPD C . 2.53 17.27 -2.43
C5 MPD C . 4.10 15.63 -3.00
H11 MPD C . 2.17 15.31 0.52
H12 MPD C . 1.24 16.47 -0.02
H13 MPD C . 1.55 16.36 1.53
HM1 MPD C . 3.18 18.99 -0.43
HM2 MPD C . 2.77 19.06 1.10
HM3 MPD C . 1.72 18.57 0.02
H31 MPD C . 4.58 15.92 -0.35
H32 MPD C . 4.62 17.39 -0.93
H4 MPD C . 2.63 15.48 -1.63
HO4 MPD C . 3.05 17.91 -2.60
H51 MPD C . 3.94 16.13 -3.82
H52 MPD C . 3.87 14.70 -3.16
H53 MPD C . 5.05 15.70 -2.78
O8 IVG D . -14.58 12.95 17.95
O4 IVG D . -16.16 15.71 10.99
O1 IVG D . -13.67 12.30 14.44
O6 IVG D . -17.17 12.60 15.39
O5 IVG D . -14.86 14.20 14.07
O9 IVG D . -15.18 10.55 16.65
O3 IVG D . -14.86 13.42 9.96
O7 IVG D . -18.32 12.43 18.00
O2 IVG D . -12.60 12.61 11.45
C4 IVG D . -15.64 14.69 11.84
C5 IVG D . -15.24 15.27 13.18
C1 IVG D . -13.69 13.46 13.60
C9 IVG D . -13.83 12.43 15.93
C10 IVG D . -13.84 11.03 16.54
C6 IVG D . -14.98 13.21 16.59
C7 IVG D . -16.54 13.11 16.58
C8 IVG D . -17.14 12.38 17.80
C2 IVG D . -13.82 13.00 12.11
C3 IVG D . -14.44 14.03 11.18
H52 IVG D . -16.35 14.01 11.98
H51 IVG D . -14.49 15.88 13.06
H9 IVG D . -15.99 15.76 13.57
H1 IVG D . -12.88 13.98 13.73
H6 IVG D . -12.99 12.85 16.23
H8 IVG D . -13.33 10.42 15.96
H7 IVG D . -13.42 11.04 17.43
H10 IVG D . -14.80 14.17 16.43
H12 IVG D . -16.86 14.04 16.66
H14 IVG D . -16.57 11.88 18.39
H2 IVG D . -14.41 12.21 12.11
H3 IVG D . -13.76 14.73 10.98
C1 MPD E . 11.68 7.80 -8.36
C2 MPD E . 11.78 9.23 -8.89
O2 MPD E . 10.99 9.29 -10.14
CM MPD E . 13.26 9.56 -9.11
C3 MPD E . 11.14 10.21 -7.91
C4 MPD E . 11.53 9.99 -6.46
O4 MPD E . 12.97 9.97 -6.37
C5 MPD E . 11.00 11.01 -5.51
H11 MPD E . 10.83 7.69 -7.90
H12 MPD E . 12.41 7.63 -7.75
H13 MPD E . 11.72 7.18 -9.11
HM1 MPD E . 13.42 10.49 -8.88
HM2 MPD E . 13.48 9.42 -10.05
HM3 MPD E . 13.81 8.99 -8.56
H31 MPD E . 10.16 10.13 -7.99
H32 MPD E . 11.38 11.13 -8.17
H4 MPD E . 11.20 9.10 -6.17
HO4 MPD E . 13.27 10.74 -6.55
H51 MPD E . 11.73 11.41 -5.01
H52 MPD E . 10.37 10.60 -4.90
H53 MPD E . 10.54 11.72 -6.01
O8 IVG F . 13.11 -15.07 -14.50
O4 IVG F . 18.89 -11.34 -12.38
O1 IVG F . 13.78 -12.25 -14.24
O6 IVG F . 15.84 -15.34 -14.46
O5 IVG F . 16.10 -12.28 -14.59
O9 IVG F . 11.96 -12.93 -17.38
O3 IVG F . 16.61 -10.84 -10.73
O7 IVG F . 15.90 -16.09 -17.64
O2 IVG F . 14.30 -10.07 -12.20
C4 IVG F . 17.57 -11.73 -12.76
C5 IVG F . 17.39 -11.71 -14.27
C1 IVG F . 14.97 -11.49 -14.09
C9 IVG F . 13.57 -12.91 -15.56
C10 IVG F . 12.16 -12.53 -16.02
C6 IVG F . 13.74 -14.43 -15.61
C7 IVG F . 15.19 -14.95 -15.70
C8 IVG F . 15.21 -16.14 -16.67
C2 IVG F . 15.12 -11.16 -12.59
C3 IVG F . 16.54 -10.80 -12.16
H52 IVG F . 17.41 -12.65 -12.43
H51 IVG F . 17.43 -10.80 -14.59
H9 IVG F . 18.09 -12.23 -14.69
H1 IVG F . 14.90 -10.67 -14.60
H6 IVG F . 14.21 -12.51 -16.19
H8 IVG F . 11.49 -12.97 -15.45
H7 IVG F . 12.03 -11.55 -15.95
H10 IVG F . 13.29 -14.75 -16.43
H12 IVG F . 15.75 -14.24 -16.11
H14 IVG F . 14.66 -16.90 -16.51
H2 IVG F . 14.84 -11.95 -12.08
H3 IVG F . 16.73 -9.88 -12.45
#